data_2CG9
#
_entry.id   2CG9
#
_cell.length_a   126.729
_cell.length_b   126.729
_cell.length_c   279.777
_cell.angle_alpha   90.00
_cell.angle_beta   90.00
_cell.angle_gamma   90.00
#
_symmetry.space_group_name_H-M   'P 41 21 2'
#
loop_
_entity.id
_entity.type
_entity.pdbx_description
1 polymer 'ATP-DEPENDENT MOLECULAR CHAPERONE HSP82'
2 polymer 'CO-CHAPERONE PROTEIN SBA1'
3 non-polymer "ADENOSINE-5'-TRIPHOSPHATE"
#
loop_
_entity_poly.entity_id
_entity_poly.type
_entity_poly.pdbx_seq_one_letter_code
_entity_poly.pdbx_strand_id
1 'polypeptide(L)'
;MASETFEFQAEITQLMSLIINTVYSNKEIFLRELISNASDALDKIRYKSLSDPKQLETEPDLFIRITPKPEQKVLEIRDS
GIGMTKAELINNLGTIAKSGTKAFMEALSAGADVSMIGQFGVGFYSLFLVADRVQVISKSNDDEQYIWESNAGGSFTVTL
DEVNERIGRGTILRLFLKDDQLEYLEEKRIKEVIKRHSEFVAYPIQLVVTKEVEKEVPIPEEEKKDEEKKDEEKKDEDDK
KPKLEEVDEEEEKKPKTKKVKEEVQEIEELNKTKPLWTRNPSDITQEEYNAFYKSISNDWEDPLYVKHFSVEGQLEFRAI
LFIPKRAPFDLFESKKKKNNIKLYVRRVFITDEAEDLIPEWLSFVKGVVDSEDLPLNLSREMLQQNKIMKVIRKNIVKKL
IEAFNEIAEDSEQFEKFYSAFSKNIKLGVHEDTQNRAALAKLLRYNSTKSVDELTSLTDYVTRMPEHQKNIYYITGESLK
AVEKSPFLDALKAKNFEVLFLTDPIDEYAFTQLKEFEGKTLVDITKDFELEETDEEKAEREKEIKEYEPLTKALKEILGD
QVEKVVVSYKLLDAPAAIRTGQFGWSANMERIMKAQALRDSSMSSYMSSKKTFEISPKSPIIKELKKRVDEGGAQDKTVK
DLTKLLYETALLTSGFSLDEPTSFASRINRLISLGLN
;
A,B
2 'polypeptide(L)'
;SDKVINPQVAWAQRSSTTDPERNYVLITVSIADCDAPELTIKPSYIELKAQSKPHVGDENVHHYQLHIDLYKEIIPEKTM
HKVANGQHYFLKLYKKDLESEYWPRLTKEKVKYPYIKTDFDKWVDADEQDEVEA
;
X,Y
#
# COMPACT_ATOMS: atom_id res chain seq x y z
N ALA A 2 -19.58 52.40 3.17
CA ALA A 2 -18.35 53.19 2.96
C ALA A 2 -17.10 52.29 2.93
N SER A 3 -16.81 51.70 1.78
CA SER A 3 -15.77 50.67 1.66
C SER A 3 -14.35 51.16 1.40
N GLU A 4 -13.41 50.21 1.41
CA GLU A 4 -12.00 50.50 1.23
C GLU A 4 -11.27 49.22 0.79
N THR A 5 -10.96 49.13 -0.50
CA THR A 5 -10.34 47.94 -1.08
C THR A 5 -8.85 47.91 -0.78
N PHE A 6 -8.32 46.70 -0.64
CA PHE A 6 -6.91 46.50 -0.31
C PHE A 6 -6.31 45.40 -1.18
N GLU A 7 -4.99 45.38 -1.26
CA GLU A 7 -4.25 44.53 -2.19
C GLU A 7 -3.51 43.41 -1.45
N PHE A 8 -3.83 42.16 -1.76
CA PHE A 8 -3.14 41.04 -1.10
C PHE A 8 -1.66 41.23 -1.23
N GLN A 9 -0.93 40.84 -0.20
CA GLN A 9 0.51 41.09 -0.20
C GLN A 9 1.21 40.06 0.67
N ALA A 10 1.10 38.80 0.29
CA ALA A 10 1.83 37.74 0.98
C ALA A 10 3.29 38.12 1.15
N GLU A 11 3.91 37.71 2.25
CA GLU A 11 5.29 38.14 2.49
C GLU A 11 6.34 37.06 2.57
N ILE A 12 7.48 37.44 2.01
CA ILE A 12 8.43 36.54 1.38
C ILE A 12 9.16 35.64 2.37
N THR A 13 9.96 36.24 3.25
CA THR A 13 10.73 35.51 4.24
C THR A 13 10.05 34.18 4.52
N GLN A 14 8.76 34.27 4.84
CA GLN A 14 7.95 33.14 5.26
C GLN A 14 7.62 32.24 4.10
N LEU A 15 7.06 32.84 3.05
CA LEU A 15 6.67 32.10 1.85
C LEU A 15 7.79 31.21 1.33
N MET A 16 9.01 31.74 1.29
CA MET A 16 10.16 30.91 0.95
C MET A 16 10.23 29.73 1.90
N SER A 17 10.48 29.99 3.18
CA SER A 17 10.65 28.93 4.16
C SER A 17 9.51 27.94 4.11
N LEU A 18 8.40 28.38 3.53
CA LEU A 18 7.29 27.50 3.24
C LEU A 18 7.74 26.48 2.20
N ILE A 19 8.13 26.99 1.03
CA ILE A 19 8.52 26.17 -0.14
C ILE A 19 9.62 25.18 0.20
N ILE A 20 10.69 25.71 0.77
CA ILE A 20 11.87 24.93 1.08
C ILE A 20 11.61 24.01 2.26
N ASN A 21 11.38 24.59 3.42
CA ASN A 21 11.22 23.80 4.63
C ASN A 21 9.91 23.02 4.78
N THR A 22 8.93 23.23 3.89
CA THR A 22 7.66 22.49 3.98
C THR A 22 7.92 20.99 3.87
N VAL A 23 9.14 20.61 4.26
CA VAL A 23 9.57 19.22 4.27
C VAL A 23 9.67 18.72 2.80
N TYR A 24 9.79 17.40 2.62
CA TYR A 24 9.89 16.62 1.35
C TYR A 24 11.18 15.83 1.58
N SER A 25 11.10 14.91 2.55
CA SER A 25 12.18 14.00 2.95
C SER A 25 12.67 13.20 1.74
N ASN A 26 13.00 13.94 0.68
CA ASN A 26 13.23 13.46 -0.68
C ASN A 26 13.83 14.64 -1.46
N LYS A 27 14.86 15.25 -0.87
CA LYS A 27 15.32 16.59 -1.27
C LYS A 27 16.26 16.60 -2.45
N GLU A 28 16.40 15.46 -3.11
CA GLU A 28 17.22 15.40 -4.32
C GLU A 28 16.60 16.21 -5.46
N ILE A 29 15.30 16.45 -5.39
CA ILE A 29 14.58 17.14 -6.46
C ILE A 29 15.18 18.47 -6.93
N PHE A 30 15.97 19.15 -6.11
CA PHE A 30 16.55 20.42 -6.54
C PHE A 30 17.16 20.23 -7.92
N LEU A 31 17.89 19.14 -8.09
CA LEU A 31 18.54 18.84 -9.36
C LEU A 31 17.51 18.71 -10.46
N ARG A 32 16.66 17.70 -10.33
CA ARG A 32 15.57 17.52 -11.26
C ARG A 32 15.00 18.88 -11.64
N GLU A 33 14.56 19.64 -10.65
CA GLU A 33 13.93 20.94 -10.90
C GLU A 33 14.78 21.93 -11.70
N LEU A 34 16.08 21.95 -11.45
CA LEU A 34 17.00 22.90 -12.10
C LEU A 34 17.25 22.56 -13.56
N ILE A 35 17.44 21.26 -13.77
CA ILE A 35 17.54 20.67 -15.08
C ILE A 35 16.28 20.98 -15.86
N SER A 36 15.13 20.56 -15.33
CA SER A 36 13.85 20.84 -15.94
C SER A 36 13.83 22.29 -16.35
N ASN A 37 14.16 23.17 -15.41
CA ASN A 37 14.23 24.61 -15.64
C ASN A 37 15.24 24.96 -16.72
N ALA A 38 16.24 24.09 -16.91
CA ALA A 38 17.28 24.30 -17.91
C ALA A 38 16.87 23.78 -19.28
N SER A 39 16.21 22.62 -19.29
CA SER A 39 15.60 22.11 -20.52
C SER A 39 14.69 23.21 -21.04
N ASP A 40 13.71 23.60 -20.23
CA ASP A 40 12.85 24.76 -20.48
C ASP A 40 13.57 25.85 -21.29
N ALA A 41 14.84 26.10 -20.96
CA ALA A 41 15.60 27.20 -21.53
C ALA A 41 16.08 26.92 -22.97
N LEU A 42 16.71 25.77 -23.17
CA LEU A 42 17.17 25.36 -24.50
C LEU A 42 15.94 25.24 -25.37
N ASP A 43 14.98 24.43 -24.91
CA ASP A 43 13.69 24.33 -25.58
C ASP A 43 13.21 25.69 -26.04
N LYS A 44 13.50 26.73 -25.28
CA LYS A 44 13.04 28.06 -25.67
C LYS A 44 13.81 28.65 -26.84
N ILE A 45 15.14 28.63 -26.77
CA ILE A 45 15.94 29.21 -27.85
C ILE A 45 15.79 28.40 -29.12
N ARG A 46 15.79 27.06 -28.97
CA ARG A 46 15.64 26.13 -30.08
C ARG A 46 14.44 26.50 -30.94
N TYR A 47 13.27 26.62 -30.31
CA TYR A 47 12.07 27.04 -31.02
C TYR A 47 12.25 28.44 -31.60
N LYS A 48 12.92 29.32 -30.85
CA LYS A 48 13.11 30.70 -31.27
C LYS A 48 13.92 30.82 -32.58
N SER A 49 14.45 29.71 -33.07
CA SER A 49 15.27 29.69 -34.28
C SER A 49 14.53 29.40 -35.58
N LEU A 50 13.34 28.82 -35.47
CA LEU A 50 12.49 28.57 -36.65
C LEU A 50 12.49 29.72 -37.62
N SER A 51 12.30 30.93 -37.09
CA SER A 51 12.10 32.12 -37.90
C SER A 51 13.33 33.02 -37.88
N ASP A 52 14.23 32.77 -36.93
CA ASP A 52 15.51 33.48 -36.88
C ASP A 52 16.57 32.60 -36.23
N PRO A 53 17.39 31.93 -37.07
CA PRO A 53 18.47 31.06 -36.60
C PRO A 53 19.82 31.77 -36.42
N LYS A 54 19.80 33.09 -36.58
CA LYS A 54 20.94 33.93 -36.20
C LYS A 54 21.08 33.93 -34.68
N GLN A 55 19.95 33.75 -34.00
CA GLN A 55 19.95 33.65 -32.55
C GLN A 55 20.81 32.50 -32.05
N LEU A 56 20.95 31.47 -32.87
CA LEU A 56 21.72 30.30 -32.49
C LEU A 56 23.22 30.48 -32.64
N GLU A 57 23.62 31.47 -33.43
CA GLU A 57 25.05 31.66 -33.74
C GLU A 57 25.91 31.67 -32.47
N THR A 58 25.48 32.42 -31.46
CA THR A 58 26.24 32.61 -30.21
C THR A 58 26.81 31.33 -29.57
N GLU A 59 26.03 30.24 -29.62
CA GLU A 59 26.47 28.91 -29.16
C GLU A 59 25.75 27.83 -29.94
N PRO A 60 26.43 27.25 -30.93
CA PRO A 60 25.82 26.29 -31.84
C PRO A 60 25.31 25.02 -31.15
N ASP A 61 25.67 24.83 -29.89
CA ASP A 61 25.32 23.60 -29.21
C ASP A 61 24.21 23.82 -28.20
N LEU A 62 23.34 22.82 -28.09
CA LEU A 62 22.27 22.84 -27.13
C LEU A 62 22.49 21.70 -26.14
N PHE A 63 22.88 22.09 -24.92
CA PHE A 63 23.27 21.15 -23.87
C PHE A 63 23.28 21.80 -22.49
N ILE A 64 23.35 20.94 -21.48
CA ILE A 64 23.50 21.29 -20.06
C ILE A 64 24.71 20.54 -19.49
N ARG A 65 25.51 21.21 -18.67
CA ARG A 65 26.71 20.58 -18.10
C ARG A 65 26.95 20.80 -16.60
N ILE A 66 26.72 19.72 -15.84
CA ILE A 66 27.09 19.66 -14.44
C ILE A 66 28.59 19.79 -14.28
N THR A 67 29.02 20.51 -13.26
CA THR A 67 30.44 20.75 -12.99
C THR A 67 30.63 20.85 -11.47
N PRO A 68 30.90 19.71 -10.80
CA PRO A 68 31.18 19.70 -9.36
C PRO A 68 32.56 20.31 -9.06
N LYS A 69 32.58 21.38 -8.25
CA LYS A 69 33.82 21.98 -7.82
C LYS A 69 33.94 21.98 -6.30
N PRO A 70 34.33 20.82 -5.73
CA PRO A 70 34.41 20.63 -4.28
C PRO A 70 35.33 21.64 -3.60
N GLU A 71 36.42 21.98 -4.25
CA GLU A 71 37.42 22.87 -3.71
C GLU A 71 36.84 24.11 -3.04
N GLN A 72 35.74 24.62 -3.58
CA GLN A 72 35.04 25.74 -2.93
C GLN A 72 33.63 25.30 -2.54
N LYS A 73 33.42 23.99 -2.58
CA LYS A 73 32.12 23.40 -2.28
C LYS A 73 31.02 24.08 -3.12
N VAL A 74 31.12 23.88 -4.44
CA VAL A 74 30.22 24.54 -5.40
C VAL A 74 29.77 23.59 -6.47
N LEU A 75 28.47 23.61 -6.75
CA LEU A 75 27.89 22.81 -7.81
C LEU A 75 27.41 23.71 -8.92
N GLU A 76 28.15 23.71 -10.04
CA GLU A 76 27.77 24.47 -11.23
C GLU A 76 26.83 23.67 -12.13
N ILE A 77 25.80 24.35 -12.64
CA ILE A 77 24.95 23.79 -13.69
C ILE A 77 24.95 24.72 -14.89
N ARG A 78 25.75 24.35 -15.89
CA ARG A 78 25.86 25.05 -17.15
C ARG A 78 24.68 24.69 -18.08
N ASP A 79 24.12 25.70 -18.74
CA ASP A 79 23.17 25.44 -19.81
C ASP A 79 23.34 26.45 -20.94
N SER A 80 23.18 25.99 -22.18
CA SER A 80 23.33 26.85 -23.35
C SER A 80 21.98 27.31 -23.88
N GLY A 81 20.96 27.24 -23.03
CA GLY A 81 19.60 27.68 -23.36
C GLY A 81 19.56 29.17 -23.65
N ILE A 82 18.38 29.76 -23.54
CA ILE A 82 18.19 31.17 -23.94
C ILE A 82 18.81 32.20 -22.97
N GLY A 83 18.84 31.87 -21.68
CA GLY A 83 19.37 32.79 -20.68
C GLY A 83 18.55 34.07 -20.56
N MET A 84 18.71 34.78 -19.44
CA MET A 84 17.89 35.97 -19.13
C MET A 84 18.63 37.29 -19.26
N THR A 85 17.90 38.33 -19.66
CA THR A 85 18.42 39.71 -19.60
C THR A 85 18.32 40.22 -18.18
N LYS A 86 18.89 41.40 -17.91
CA LYS A 86 18.77 42.01 -16.60
C LYS A 86 17.33 41.90 -16.10
N ALA A 87 16.41 42.54 -16.83
CA ALA A 87 14.99 42.57 -16.47
C ALA A 87 14.36 41.18 -16.38
N GLU A 88 14.81 40.27 -17.24
CA GLU A 88 14.33 38.89 -17.22
C GLU A 88 14.79 38.13 -15.98
N LEU A 89 15.79 38.67 -15.27
CA LEU A 89 16.20 38.07 -14.01
C LEU A 89 15.31 38.61 -12.91
N ILE A 90 15.36 39.94 -12.75
CA ILE A 90 14.51 40.65 -11.83
C ILE A 90 13.08 40.11 -11.89
N ASN A 91 12.35 40.44 -12.95
CA ASN A 91 10.96 40.04 -13.07
C ASN A 91 10.74 38.56 -12.79
N ASN A 92 11.37 37.69 -13.56
CA ASN A 92 11.04 36.26 -13.50
C ASN A 92 11.45 35.56 -12.21
N LEU A 93 12.21 36.25 -11.36
CA LEU A 93 12.62 35.67 -10.07
C LEU A 93 11.91 36.33 -8.83
N GLY A 94 10.65 36.75 -9.04
CA GLY A 94 9.68 37.00 -7.96
C GLY A 94 8.65 35.87 -7.99
N THR A 95 8.53 35.16 -6.87
CA THR A 95 7.92 33.80 -6.79
C THR A 95 6.58 33.55 -7.49
N ILE A 96 6.46 32.34 -8.02
CA ILE A 96 5.20 31.77 -8.49
C ILE A 96 4.66 32.46 -9.72
N ALA A 97 4.09 33.64 -9.48
CA ALA A 97 3.78 34.54 -10.58
C ALA A 97 5.08 34.71 -11.36
N LYS A 98 4.97 35.28 -12.56
CA LYS A 98 6.06 35.22 -13.53
C LYS A 98 6.67 33.80 -13.62
N SER A 99 6.44 33.17 -14.77
CA SER A 99 7.06 31.90 -15.12
C SER A 99 7.39 31.93 -16.62
N GLY A 100 8.41 31.17 -17.02
CA GLY A 100 8.70 30.88 -18.44
C GLY A 100 7.62 29.95 -18.93
N THR A 101 6.42 30.51 -19.00
CA THR A 101 5.22 29.81 -19.37
C THR A 101 4.56 30.79 -20.26
N LYS A 102 4.42 32.02 -19.79
CA LYS A 102 4.02 33.16 -20.63
C LYS A 102 4.57 32.97 -22.03
N ALA A 103 5.84 32.57 -22.10
CA ALA A 103 6.55 32.28 -23.31
C ALA A 103 5.88 31.20 -24.16
N PHE A 104 5.00 30.42 -23.54
CA PHE A 104 4.33 29.33 -24.20
C PHE A 104 2.81 29.45 -24.05
N MET A 105 2.40 30.23 -23.06
CA MET A 105 1.00 30.59 -22.87
C MET A 105 0.45 31.10 -24.19
N GLU A 106 1.20 31.98 -24.84
CA GLU A 106 0.69 32.72 -25.99
C GLU A 106 1.29 32.31 -27.35
N ALA A 107 2.13 31.27 -27.34
CA ALA A 107 2.74 30.75 -28.58
C ALA A 107 1.72 30.60 -29.73
N LEU A 108 0.64 29.85 -29.50
CA LEU A 108 -0.46 29.63 -30.48
C LEU A 108 -0.01 29.08 -31.85
N SER A 109 1.28 28.81 -31.98
CA SER A 109 1.94 28.65 -33.29
C SER A 109 1.28 27.68 -34.27
N ALA A 110 1.55 27.92 -35.57
CA ALA A 110 1.05 27.08 -36.67
C ALA A 110 1.71 25.70 -36.68
N GLY A 111 2.65 25.50 -35.76
CA GLY A 111 3.15 24.17 -35.40
C GLY A 111 2.90 23.95 -33.93
N ALA A 112 3.38 24.89 -33.13
CA ALA A 112 3.09 24.97 -31.69
C ALA A 112 3.61 23.78 -30.89
N ASP A 113 4.95 23.65 -30.86
CA ASP A 113 5.60 22.56 -30.12
C ASP A 113 6.08 22.87 -28.67
N VAL A 114 5.69 22.01 -27.74
CA VAL A 114 5.85 22.33 -26.32
C VAL A 114 6.71 21.33 -25.57
N SER A 115 7.77 20.83 -26.19
CA SER A 115 8.71 19.93 -25.49
C SER A 115 8.82 20.30 -24.01
N MET A 116 8.58 21.59 -23.75
CA MET A 116 8.83 22.25 -22.48
C MET A 116 7.55 22.55 -21.69
N ILE A 117 7.49 22.01 -20.48
CA ILE A 117 6.47 22.34 -19.51
C ILE A 117 7.11 22.45 -18.10
N GLY A 118 6.43 23.19 -17.24
CA GLY A 118 6.96 23.56 -15.96
C GLY A 118 6.35 24.91 -15.66
N GLN A 119 5.47 24.96 -14.66
CA GLN A 119 4.83 26.21 -14.27
C GLN A 119 5.03 26.36 -12.80
N PHE A 120 4.01 26.87 -12.12
CA PHE A 120 4.07 27.07 -10.70
C PHE A 120 5.02 28.21 -10.47
N GLY A 121 6.16 28.18 -11.13
CA GLY A 121 7.14 29.24 -11.01
C GLY A 121 7.80 29.25 -9.63
N VAL A 122 7.99 28.05 -9.07
CA VAL A 122 8.68 27.89 -7.79
C VAL A 122 9.95 27.06 -7.92
N GLY A 123 9.85 25.95 -8.66
CA GLY A 123 10.91 24.96 -8.81
C GLY A 123 12.32 25.46 -8.62
N PHE A 124 12.58 26.71 -8.97
CA PHE A 124 13.90 27.30 -8.83
C PHE A 124 14.33 27.40 -7.37
N TYR A 125 13.41 27.87 -6.53
CA TYR A 125 13.72 28.19 -5.16
C TYR A 125 14.10 26.95 -4.38
N SER A 126 13.68 25.80 -4.90
CA SER A 126 13.93 24.53 -4.25
C SER A 126 15.41 24.23 -4.20
N LEU A 127 16.22 25.03 -4.90
CA LEU A 127 17.66 24.86 -4.85
C LEU A 127 18.22 25.12 -3.45
N PHE A 128 17.50 25.94 -2.70
CA PHE A 128 17.94 26.29 -1.38
C PHE A 128 17.78 25.13 -0.42
N LEU A 129 16.98 24.15 -0.81
CA LEU A 129 16.91 22.91 -0.07
C LEU A 129 18.29 22.37 0.23
N VAL A 130 19.19 22.49 -0.73
CA VAL A 130 20.57 22.01 -0.57
C VAL A 130 21.62 23.10 -0.70
N ALA A 131 21.22 24.29 -1.14
CA ALA A 131 22.18 25.36 -1.27
C ALA A 131 21.94 26.46 -0.23
N ASP A 132 23.03 26.90 0.39
CA ASP A 132 22.98 27.99 1.37
C ASP A 132 22.87 29.32 0.66
N ARG A 133 23.72 29.52 -0.34
CA ARG A 133 23.69 30.69 -1.19
C ARG A 133 23.66 30.23 -2.65
N VAL A 134 23.02 31.02 -3.50
CA VAL A 134 23.04 30.75 -4.93
C VAL A 134 23.73 31.83 -5.74
N GLN A 135 24.20 31.44 -6.92
CA GLN A 135 24.90 32.31 -7.83
C GLN A 135 24.37 32.03 -9.23
N VAL A 136 23.54 32.93 -9.75
CA VAL A 136 23.07 32.80 -11.11
C VAL A 136 23.84 33.73 -12.05
N ILE A 137 24.52 33.14 -13.03
CA ILE A 137 25.15 33.92 -14.07
C ILE A 137 24.54 33.56 -15.40
N SER A 138 23.89 34.54 -16.02
CA SER A 138 23.19 34.34 -17.28
C SER A 138 23.64 35.38 -18.30
N LYS A 139 23.64 34.97 -19.56
CA LYS A 139 23.94 35.83 -20.67
C LYS A 139 22.96 35.50 -21.78
N SER A 140 22.14 36.48 -22.16
CA SER A 140 21.26 36.32 -23.30
C SER A 140 21.76 37.25 -24.39
N ASN A 141 21.77 36.76 -25.62
CA ASN A 141 22.16 37.58 -26.76
C ASN A 141 21.18 38.73 -26.95
N ASP A 142 20.60 39.14 -25.83
CA ASP A 142 19.77 40.33 -25.77
C ASP A 142 20.32 41.35 -24.77
N ASP A 143 21.16 40.89 -23.84
CA ASP A 143 21.90 41.80 -22.95
C ASP A 143 23.30 41.25 -22.60
N GLU A 144 23.99 41.93 -21.69
CA GLU A 144 25.29 41.49 -21.21
C GLU A 144 25.21 40.35 -20.18
N GLN A 145 26.33 40.09 -19.51
CA GLN A 145 26.38 39.03 -18.53
C GLN A 145 26.10 39.60 -17.15
N TYR A 146 24.90 39.32 -16.67
CA TYR A 146 24.46 39.81 -15.38
C TYR A 146 24.47 38.70 -14.34
N ILE A 147 24.80 39.07 -13.10
CA ILE A 147 24.94 38.14 -12.00
C ILE A 147 23.90 38.42 -10.92
N TRP A 148 23.13 37.38 -10.62
CA TRP A 148 21.98 37.44 -9.72
C TRP A 148 22.28 36.48 -8.59
N GLU A 149 22.33 37.02 -7.38
CA GLU A 149 22.84 36.30 -6.23
C GLU A 149 21.86 36.48 -5.07
N SER A 150 21.47 35.37 -4.45
CA SER A 150 20.69 35.46 -3.22
C SER A 150 21.03 34.37 -2.22
N ASN A 151 20.48 34.55 -1.01
CA ASN A 151 20.69 33.66 0.12
C ASN A 151 19.35 33.36 0.78
N ALA A 152 18.38 32.95 -0.03
CA ALA A 152 17.01 32.65 0.42
C ALA A 152 16.37 33.75 1.27
N GLY A 153 16.95 34.95 1.27
CA GLY A 153 16.49 36.07 2.09
C GLY A 153 15.20 36.71 1.63
N GLY A 154 15.06 38.02 1.89
CA GLY A 154 13.95 38.80 1.35
C GLY A 154 14.43 39.67 0.20
N SER A 155 15.72 39.52 -0.13
CA SER A 155 16.39 40.37 -1.10
C SER A 155 17.27 39.58 -2.07
N PHE A 156 17.54 40.18 -3.22
CA PHE A 156 18.48 39.65 -4.21
C PHE A 156 19.24 40.75 -4.91
N THR A 157 20.46 40.43 -5.31
CA THR A 157 21.38 41.40 -5.88
C THR A 157 21.62 41.14 -7.36
N VAL A 158 21.82 42.21 -8.13
CA VAL A 158 22.09 42.12 -9.57
C VAL A 158 23.25 43.01 -9.92
N THR A 159 24.25 42.39 -10.55
CA THR A 159 25.45 43.11 -10.94
C THR A 159 25.94 42.65 -12.31
N LEU A 160 26.55 43.58 -13.04
CA LEU A 160 27.12 43.27 -14.33
C LEU A 160 28.44 42.54 -14.08
N ASP A 161 28.57 41.34 -14.65
CA ASP A 161 29.78 40.54 -14.48
C ASP A 161 30.97 41.19 -15.17
N GLU A 162 31.87 41.77 -14.40
CA GLU A 162 33.05 42.44 -14.94
C GLU A 162 34.18 41.45 -15.21
N VAL A 163 34.57 40.69 -14.18
CA VAL A 163 35.55 39.61 -14.34
C VAL A 163 34.94 38.27 -13.87
N ASN A 164 35.15 37.25 -14.70
CA ASN A 164 34.59 35.89 -14.56
C ASN A 164 34.26 35.41 -15.98
N GLU A 165 34.87 34.29 -16.37
CA GLU A 165 34.81 33.79 -17.76
C GLU A 165 33.45 34.00 -18.43
N ARG A 166 33.47 34.63 -19.60
CA ARG A 166 32.26 34.85 -20.38
C ARG A 166 31.68 33.53 -20.88
N ILE A 167 30.42 33.56 -21.27
CA ILE A 167 29.79 32.40 -21.89
C ILE A 167 29.07 32.85 -23.14
N GLY A 168 28.92 31.93 -24.09
CA GLY A 168 28.35 32.26 -25.39
C GLY A 168 26.93 32.75 -25.23
N ARG A 169 26.12 31.89 -24.65
CA ARG A 169 24.71 32.15 -24.44
C ARG A 169 24.16 31.13 -23.44
N GLY A 170 23.28 31.61 -22.56
CA GLY A 170 22.61 30.74 -21.60
C GLY A 170 22.89 31.12 -20.17
N THR A 171 22.93 30.10 -19.31
CA THR A 171 23.02 30.32 -17.89
C THR A 171 23.92 29.29 -17.21
N ILE A 172 24.64 29.76 -16.19
CA ILE A 172 25.37 28.89 -15.28
C ILE A 172 24.83 29.10 -13.87
N LEU A 173 24.61 28.00 -13.16
CA LEU A 173 24.10 28.07 -11.80
C LEU A 173 25.14 27.63 -10.79
N ARG A 174 25.49 28.50 -9.84
CA ARG A 174 26.45 28.14 -8.82
C ARG A 174 25.73 27.80 -7.52
N LEU A 175 25.89 26.57 -7.06
CA LEU A 175 25.31 26.15 -5.79
C LEU A 175 26.41 26.03 -4.75
N PHE A 176 26.22 26.73 -3.63
CA PHE A 176 27.10 26.61 -2.47
C PHE A 176 26.26 25.83 -1.49
N LEU A 177 26.64 24.56 -1.31
CA LEU A 177 25.78 23.62 -0.60
C LEU A 177 25.87 23.76 0.91
N LYS A 178 24.75 23.54 1.59
CA LYS A 178 24.69 23.49 3.05
C LYS A 178 25.78 22.53 3.55
N ASP A 179 26.55 22.96 4.53
CA ASP A 179 27.87 22.36 4.81
C ASP A 179 27.94 20.83 4.97
N ASP A 180 26.84 20.16 4.66
CA ASP A 180 26.74 18.71 4.81
C ASP A 180 26.21 18.08 3.53
N GLN A 181 25.49 18.88 2.76
CA GLN A 181 24.88 18.44 1.51
C GLN A 181 25.93 18.06 0.43
N LEU A 182 27.18 17.94 0.86
CA LEU A 182 28.29 17.61 -0.03
C LEU A 182 28.16 16.22 -0.68
N GLU A 183 27.11 15.52 -0.29
CA GLU A 183 26.69 14.29 -0.96
C GLU A 183 26.50 14.57 -2.44
N TYR A 184 26.19 15.83 -2.77
CA TYR A 184 25.87 16.20 -4.14
C TYR A 184 27.06 16.69 -4.95
N LEU A 185 28.26 16.58 -4.41
CA LEU A 185 29.44 16.81 -5.21
C LEU A 185 29.95 15.46 -5.67
N GLU A 186 29.30 14.40 -5.21
CA GLU A 186 29.78 13.06 -5.48
C GLU A 186 29.32 12.59 -6.85
N GLU A 187 30.26 12.04 -7.62
CA GLU A 187 29.98 11.56 -8.98
C GLU A 187 28.77 10.64 -8.99
N LYS A 188 28.92 9.51 -8.30
CA LYS A 188 27.90 8.49 -8.21
C LYS A 188 26.54 9.09 -7.86
N ARG A 189 26.52 10.05 -6.94
CA ARG A 189 25.27 10.64 -6.52
C ARG A 189 24.58 11.40 -7.65
N ILE A 190 25.32 12.25 -8.35
CA ILE A 190 24.71 13.02 -9.43
C ILE A 190 24.22 12.07 -10.53
N LYS A 191 25.02 11.04 -10.81
CA LYS A 191 24.64 9.99 -11.74
C LYS A 191 23.38 9.29 -11.28
N GLU A 192 23.33 8.96 -9.99
CA GLU A 192 22.16 8.32 -9.38
C GLU A 192 20.92 9.15 -9.62
N VAL A 193 21.06 10.45 -9.36
CA VAL A 193 19.92 11.35 -9.30
C VAL A 193 19.39 11.62 -10.69
N ILE A 194 20.22 12.20 -11.55
CA ILE A 194 19.80 12.55 -12.90
C ILE A 194 19.39 11.30 -13.63
N LYS A 195 20.30 10.34 -13.73
CA LYS A 195 20.05 9.14 -14.48
C LYS A 195 18.94 8.31 -13.82
N ARG A 196 17.93 8.98 -13.29
CA ARG A 196 16.75 8.36 -12.66
C ARG A 196 15.55 9.33 -12.55
N HIS A 197 15.83 10.62 -12.60
CA HIS A 197 14.81 11.66 -12.45
C HIS A 197 14.62 12.44 -13.75
N SER A 198 15.73 12.65 -14.44
CA SER A 198 15.80 13.51 -15.60
C SER A 198 16.46 12.77 -16.77
N GLU A 199 16.21 11.47 -16.82
CA GLU A 199 16.91 10.63 -17.73
C GLU A 199 16.55 11.01 -19.17
N PHE A 200 15.25 11.03 -19.44
CA PHE A 200 14.73 11.14 -20.80
C PHE A 200 14.49 12.58 -21.21
N VAL A 201 15.47 13.44 -21.00
CA VAL A 201 15.34 14.82 -21.47
C VAL A 201 15.65 14.93 -22.96
N ALA A 202 15.28 16.08 -23.51
CA ALA A 202 15.46 16.36 -24.93
C ALA A 202 16.88 16.81 -25.16
N TYR A 203 17.64 16.96 -24.07
CA TYR A 203 18.98 17.48 -24.22
C TYR A 203 20.06 16.61 -23.61
N PRO A 204 21.26 16.67 -24.20
CA PRO A 204 22.42 15.99 -23.67
C PRO A 204 22.64 16.42 -22.22
N ILE A 205 23.00 15.47 -21.40
CA ILE A 205 23.02 15.66 -19.97
C ILE A 205 24.50 15.62 -19.49
N GLN A 206 25.24 16.67 -19.88
CA GLN A 206 26.69 16.67 -19.74
C GLN A 206 27.20 16.80 -18.30
N LEU A 207 28.22 16.01 -17.96
CA LEU A 207 28.83 16.03 -16.63
C LEU A 207 30.36 15.95 -16.60
N VAL A 208 31.01 17.06 -16.26
CA VAL A 208 32.46 17.05 -16.03
C VAL A 208 32.81 16.20 -14.82
N VAL A 209 33.87 15.39 -14.94
CA VAL A 209 34.38 14.64 -13.78
C VAL A 209 35.87 14.45 -13.80
N THR A 210 36.62 15.48 -13.43
CA THR A 210 38.07 15.36 -13.26
C THR A 210 38.47 14.02 -12.59
N LYS A 211 39.34 13.25 -13.22
CA LYS A 211 39.84 12.01 -12.61
C LYS A 211 41.20 12.25 -11.98
N GLU A 212 42.01 11.19 -11.83
CA GLU A 212 43.29 11.32 -11.16
C GLU A 212 44.48 10.81 -11.99
N VAL A 213 45.32 11.77 -12.41
CA VAL A 213 46.63 11.48 -13.02
C VAL A 213 47.74 12.33 -12.40
N GLU A 214 48.47 11.69 -11.47
CA GLU A 214 49.58 12.31 -10.76
C GLU A 214 50.56 11.27 -10.19
N LYS A 215 51.75 11.22 -10.79
CA LYS A 215 52.78 10.22 -10.49
C LYS A 215 54.09 10.87 -10.05
N GLU A 216 54.32 12.10 -10.52
CA GLU A 216 55.52 12.84 -10.23
C GLU A 216 55.17 14.27 -9.83
N GLU A 262 45.89 15.54 -14.34
CA GLU A 262 44.72 15.14 -13.57
C GLU A 262 43.70 14.40 -14.43
N GLU A 263 43.59 14.83 -15.69
CA GLU A 263 42.67 14.23 -16.67
C GLU A 263 41.19 14.37 -16.32
N VAL A 264 40.65 15.52 -16.70
CA VAL A 264 39.23 15.82 -16.68
C VAL A 264 38.57 14.94 -17.72
N GLN A 265 37.25 14.77 -17.64
CA GLN A 265 36.51 14.13 -18.73
C GLN A 265 35.01 14.47 -18.80
N GLU A 266 34.68 15.37 -19.73
CA GLU A 266 33.32 15.69 -20.14
C GLU A 266 32.57 14.42 -20.48
N ILE A 267 31.81 13.89 -19.54
CA ILE A 267 31.17 12.58 -19.78
C ILE A 267 29.67 12.46 -19.54
N GLU A 268 29.24 11.20 -19.54
CA GLU A 268 27.85 10.79 -19.45
C GLU A 268 26.97 11.42 -20.54
N GLU A 269 27.33 11.12 -21.78
CA GLU A 269 26.44 11.22 -22.91
C GLU A 269 25.84 9.81 -23.03
N LEU A 270 25.53 9.21 -21.88
CA LEU A 270 25.39 7.76 -21.70
C LEU A 270 23.96 7.29 -21.35
N ASN A 271 23.13 7.00 -22.35
CA ASN A 271 23.51 7.02 -23.76
C ASN A 271 22.36 6.70 -24.76
N LYS A 272 21.59 5.62 -24.62
CA LYS A 272 21.21 4.92 -23.38
C LYS A 272 20.52 5.90 -22.42
N THR A 273 19.89 6.88 -23.05
CA THR A 273 19.05 7.84 -22.40
C THR A 273 17.71 7.73 -23.15
N LYS A 274 17.75 8.11 -24.43
CA LYS A 274 16.62 8.28 -25.36
C LYS A 274 15.26 7.56 -25.16
N PRO A 275 14.15 8.34 -25.20
CA PRO A 275 12.76 7.99 -24.96
C PRO A 275 12.06 7.27 -26.11
N LEU A 276 12.08 5.96 -26.05
CA LEU A 276 11.51 5.14 -27.11
C LEU A 276 10.01 5.27 -27.34
N TRP A 277 9.32 6.18 -26.65
CA TRP A 277 7.90 6.36 -26.91
C TRP A 277 7.63 7.58 -27.75
N THR A 278 8.66 8.38 -27.98
CA THR A 278 8.56 9.59 -28.77
C THR A 278 8.64 9.31 -30.28
N ARG A 279 9.05 8.09 -30.64
CA ARG A 279 9.17 7.74 -32.05
C ARG A 279 8.16 6.70 -32.49
N ASN A 280 7.77 6.80 -33.76
CA ASN A 280 6.80 5.92 -34.39
C ASN A 280 7.17 4.47 -34.21
N PRO A 281 6.20 3.65 -33.75
CA PRO A 281 6.34 2.20 -33.70
C PRO A 281 7.09 1.63 -34.91
N SER A 282 6.58 1.87 -36.12
CA SER A 282 7.23 1.38 -37.32
C SER A 282 8.73 1.69 -37.30
N ASP A 283 9.09 2.81 -36.68
CA ASP A 283 10.48 3.29 -36.65
C ASP A 283 11.34 2.60 -35.61
N ILE A 284 10.86 1.45 -35.17
CA ILE A 284 11.55 0.65 -34.18
C ILE A 284 11.20 -0.79 -34.49
N THR A 285 12.14 -1.69 -34.25
CA THR A 285 11.83 -3.13 -34.19
C THR A 285 12.61 -3.68 -32.98
N GLN A 286 12.66 -5.00 -32.85
CA GLN A 286 13.51 -5.67 -31.85
C GLN A 286 14.90 -5.06 -31.88
N GLU A 287 15.67 -5.31 -30.83
CA GLU A 287 17.01 -4.73 -30.68
C GLU A 287 16.94 -3.28 -30.21
N GLU A 288 15.77 -2.65 -30.35
CA GLU A 288 15.60 -1.26 -29.96
C GLU A 288 14.59 -1.18 -28.81
N TYR A 289 13.50 -1.93 -28.94
CA TYR A 289 12.53 -2.08 -27.87
C TYR A 289 13.16 -2.87 -26.75
N ASN A 290 13.74 -4.03 -27.07
CA ASN A 290 14.34 -4.85 -26.05
C ASN A 290 15.56 -4.18 -25.39
N ALA A 291 16.35 -3.45 -26.17
CA ALA A 291 17.51 -2.76 -25.58
C ALA A 291 17.07 -1.71 -24.56
N PHE A 292 15.84 -1.25 -24.72
CA PHE A 292 15.25 -0.23 -23.90
C PHE A 292 14.87 -0.86 -22.59
N TYR A 293 13.99 -1.86 -22.68
CA TYR A 293 13.61 -2.71 -21.57
C TYR A 293 14.78 -2.94 -20.62
N LYS A 294 15.88 -3.47 -21.17
CA LYS A 294 17.07 -3.82 -20.42
C LYS A 294 17.60 -2.66 -19.58
N SER A 295 17.53 -1.46 -20.13
CA SER A 295 18.05 -0.26 -19.46
C SER A 295 17.11 0.20 -18.35
N ILE A 296 15.80 0.10 -18.61
CA ILE A 296 14.78 0.61 -17.68
C ILE A 296 14.41 -0.39 -16.61
N SER A 297 15.00 -1.57 -16.63
CA SER A 297 14.64 -2.62 -15.67
C SER A 297 15.81 -3.51 -15.25
N ASN A 298 17.03 -2.98 -15.34
CA ASN A 298 18.25 -3.71 -14.99
C ASN A 298 18.13 -5.22 -15.17
N ASP A 299 17.59 -5.64 -16.32
CA ASP A 299 17.35 -7.05 -16.60
C ASP A 299 18.41 -7.58 -17.57
N TRP A 300 18.58 -8.91 -17.60
CA TRP A 300 19.58 -9.55 -18.44
C TRP A 300 19.00 -10.25 -19.68
N GLU A 301 17.77 -10.76 -19.59
CA GLU A 301 17.11 -11.46 -20.73
C GLU A 301 16.19 -10.57 -21.59
N ASP A 302 15.87 -11.05 -22.78
CA ASP A 302 15.05 -10.31 -23.74
C ASP A 302 13.58 -10.36 -23.36
N PRO A 303 12.88 -9.22 -23.45
CA PRO A 303 11.44 -9.19 -23.22
C PRO A 303 10.68 -10.06 -24.21
N LEU A 304 9.95 -11.04 -23.70
CA LEU A 304 9.16 -11.96 -24.53
C LEU A 304 8.34 -11.22 -25.55
N TYR A 305 7.77 -10.09 -25.14
CA TYR A 305 6.90 -9.34 -26.02
C TYR A 305 7.03 -7.86 -25.68
N VAL A 306 6.31 -7.03 -26.43
CA VAL A 306 6.31 -5.60 -26.19
C VAL A 306 5.12 -4.95 -26.84
N LYS A 307 4.57 -3.95 -26.17
CA LYS A 307 3.41 -3.26 -26.63
C LYS A 307 3.61 -1.77 -26.51
N HIS A 308 4.08 -1.17 -27.59
CA HIS A 308 4.10 0.28 -27.74
C HIS A 308 2.68 0.68 -28.12
N PHE A 309 2.28 1.91 -27.79
CA PHE A 309 0.97 2.44 -28.18
C PHE A 309 0.70 3.77 -27.51
N SER A 310 -0.36 4.44 -27.94
CA SER A 310 -0.79 5.67 -27.32
C SER A 310 -2.29 5.67 -27.17
N VAL A 311 -2.81 6.67 -26.48
CA VAL A 311 -4.24 6.96 -26.43
C VAL A 311 -4.32 8.44 -26.58
N GLU A 312 -5.34 8.92 -27.28
CA GLU A 312 -5.53 10.34 -27.41
C GLU A 312 -6.99 10.69 -27.19
N GLY A 313 -7.30 11.96 -27.34
CA GLY A 313 -8.61 12.49 -27.01
C GLY A 313 -8.38 13.63 -26.05
N GLN A 314 -8.68 13.40 -24.78
CA GLN A 314 -8.51 14.42 -23.76
C GLN A 314 -7.59 13.98 -22.62
N LEU A 315 -7.17 12.72 -22.68
CA LEU A 315 -6.16 12.20 -21.80
C LEU A 315 -4.78 12.45 -22.42
N GLU A 316 -4.57 11.85 -23.60
CA GLU A 316 -3.32 12.02 -24.35
C GLU A 316 -2.12 11.51 -23.55
N PHE A 317 -1.84 10.22 -23.70
CA PHE A 317 -0.68 9.61 -23.11
C PHE A 317 -0.17 8.46 -23.95
N ARG A 318 1.14 8.27 -23.95
CA ARG A 318 1.79 7.19 -24.69
C ARG A 318 2.29 6.17 -23.71
N ALA A 319 2.60 4.97 -24.19
CA ALA A 319 2.97 3.87 -23.30
C ALA A 319 3.72 2.74 -23.98
N ILE A 320 4.80 2.31 -23.36
CA ILE A 320 5.47 1.08 -23.76
C ILE A 320 5.42 0.10 -22.60
N LEU A 321 5.21 -1.18 -22.91
CA LEU A 321 4.99 -2.19 -21.88
C LEU A 321 5.57 -3.50 -22.33
N PHE A 322 6.13 -4.27 -21.41
CA PHE A 322 6.86 -5.46 -21.77
C PHE A 322 6.40 -6.64 -20.97
N ILE A 323 6.16 -7.76 -21.63
CA ILE A 323 6.08 -9.03 -20.93
C ILE A 323 7.48 -9.62 -20.93
N PRO A 324 8.05 -9.83 -19.73
CA PRO A 324 9.38 -10.40 -19.59
C PRO A 324 9.42 -11.89 -19.90
N LYS A 325 10.64 -12.38 -20.12
CA LYS A 325 10.86 -13.76 -20.53
C LYS A 325 10.57 -14.70 -19.36
N ARG A 326 11.06 -14.34 -18.18
CA ARG A 326 10.88 -15.15 -16.98
C ARG A 326 10.23 -14.36 -15.87
N ALA A 327 9.61 -15.08 -14.93
CA ALA A 327 9.09 -14.50 -13.68
C ALA A 327 10.19 -14.43 -12.63
N PRO A 328 10.11 -13.45 -11.72
CA PRO A 328 11.03 -13.38 -10.58
C PRO A 328 10.65 -14.27 -9.35
N PHE A 329 11.01 -13.80 -8.14
CA PHE A 329 10.91 -14.54 -6.87
C PHE A 329 9.57 -15.21 -6.57
N ASN A 339 5.59 -0.20 -9.09
CA ASN A 339 7.01 -0.49 -9.06
C ASN A 339 7.59 -0.77 -10.45
N ASN A 340 6.71 -0.83 -11.44
CA ASN A 340 7.12 -1.15 -12.80
C ASN A 340 6.82 0.04 -13.70
N ILE A 341 5.55 0.23 -13.98
CA ILE A 341 5.14 1.26 -14.89
C ILE A 341 5.52 2.59 -14.29
N LYS A 342 6.76 2.99 -14.54
CA LYS A 342 7.24 4.29 -14.14
C LYS A 342 6.53 5.34 -14.96
N LEU A 343 5.95 6.33 -14.29
CA LEU A 343 5.15 7.33 -14.96
C LEU A 343 5.88 8.65 -15.12
N TYR A 344 5.84 9.20 -16.33
CA TYR A 344 6.49 10.48 -16.65
C TYR A 344 5.47 11.42 -17.22
N VAL A 345 5.56 12.67 -16.83
CA VAL A 345 4.78 13.70 -17.44
C VAL A 345 5.76 14.60 -18.12
N ARG A 346 5.53 14.84 -19.41
CA ARG A 346 6.32 15.78 -20.19
C ARG A 346 7.82 15.50 -20.06
N ARG A 347 8.17 14.22 -20.09
CA ARG A 347 9.56 13.78 -20.06
C ARG A 347 10.16 13.61 -18.66
N VAL A 348 9.64 14.35 -17.68
CA VAL A 348 10.20 14.24 -16.33
C VAL A 348 9.57 13.10 -15.55
N PHE A 349 10.38 12.44 -14.73
CA PHE A 349 9.90 11.35 -13.91
C PHE A 349 8.91 11.93 -12.93
N ILE A 350 7.77 11.29 -12.79
CA ILE A 350 6.86 11.63 -11.72
C ILE A 350 7.03 10.54 -10.69
N THR A 351 6.05 9.64 -10.60
CA THR A 351 6.12 8.54 -9.69
C THR A 351 6.32 7.25 -10.48
N ASP A 352 6.41 6.16 -9.74
CA ASP A 352 6.19 4.84 -10.29
C ASP A 352 5.28 4.14 -9.33
N GLU A 353 4.48 3.19 -9.83
CA GLU A 353 3.50 2.51 -8.97
C GLU A 353 3.06 1.13 -9.46
N ALA A 354 2.34 0.45 -8.58
CA ALA A 354 1.50 -0.66 -8.96
C ALA A 354 0.04 -0.19 -8.83
N GLU A 355 -0.66 -0.75 -7.83
CA GLU A 355 -2.13 -0.71 -7.74
C GLU A 355 -2.82 0.65 -7.83
N ASP A 356 -2.77 1.23 -9.02
CA ASP A 356 -3.58 2.40 -9.36
C ASP A 356 -3.83 2.26 -10.85
N LEU A 357 -2.74 1.98 -11.57
CA LEU A 357 -2.73 1.75 -13.01
C LEU A 357 -2.93 0.27 -13.34
N ILE A 358 -2.16 -0.58 -12.64
CA ILE A 358 -2.11 -2.02 -12.94
C ILE A 358 -2.68 -2.92 -11.84
N PRO A 359 -3.76 -3.67 -12.13
CA PRO A 359 -4.28 -4.65 -11.19
C PRO A 359 -3.23 -5.67 -10.79
N GLU A 360 -3.21 -5.96 -9.50
CA GLU A 360 -2.33 -6.93 -8.87
C GLU A 360 -1.74 -7.96 -9.83
N TRP A 361 -2.61 -8.73 -10.48
CA TRP A 361 -2.23 -9.92 -11.24
C TRP A 361 -1.41 -9.66 -12.50
N LEU A 362 -1.46 -8.43 -13.00
CA LEU A 362 -0.64 -8.03 -14.13
C LEU A 362 0.70 -7.48 -13.67
N SER A 363 0.88 -7.41 -12.36
CA SER A 363 2.14 -7.10 -11.71
C SER A 363 3.36 -7.07 -12.63
N PHE A 364 3.75 -8.25 -13.09
CA PHE A 364 4.98 -8.52 -13.85
C PHE A 364 5.26 -7.60 -15.04
N VAL A 365 4.20 -7.08 -15.64
CA VAL A 365 4.30 -6.18 -16.78
C VAL A 365 5.16 -4.96 -16.44
N LYS A 366 6.40 -4.99 -16.91
CA LYS A 366 7.29 -3.84 -16.83
C LYS A 366 6.88 -2.90 -17.95
N GLY A 367 6.92 -1.60 -17.68
CA GLY A 367 6.36 -0.64 -18.61
C GLY A 367 6.86 0.78 -18.43
N VAL A 368 6.05 1.73 -18.92
CA VAL A 368 6.32 3.15 -18.79
C VAL A 368 5.22 3.95 -19.48
N VAL A 369 4.80 5.05 -18.86
CA VAL A 369 3.74 5.88 -19.41
C VAL A 369 4.18 7.33 -19.45
N ASP A 370 3.54 8.11 -20.33
CA ASP A 370 3.87 9.51 -20.48
C ASP A 370 2.71 10.30 -21.06
N SER A 371 2.42 11.43 -20.43
CA SER A 371 1.45 12.38 -20.96
C SER A 371 2.08 13.76 -21.07
N GLU A 372 1.58 14.53 -22.02
CA GLU A 372 1.96 15.94 -22.16
C GLU A 372 0.97 16.73 -21.33
N ASP A 373 -0.25 16.22 -21.35
CA ASP A 373 -1.42 16.85 -20.77
C ASP A 373 -1.33 16.66 -19.27
N LEU A 374 -0.40 17.41 -18.68
CA LEU A 374 0.02 17.20 -17.29
C LEU A 374 -1.14 17.07 -16.29
N PRO A 375 -1.47 15.82 -15.91
CA PRO A 375 -2.59 15.44 -15.03
C PRO A 375 -2.74 16.35 -13.80
N LEU A 376 -1.70 17.16 -13.58
CA LEU A 376 -1.71 18.42 -12.81
C LEU A 376 -0.64 18.47 -11.75
N ASN A 377 -0.73 17.53 -10.81
CA ASN A 377 0.28 17.31 -9.77
C ASN A 377 0.41 18.42 -8.75
N LEU A 378 0.22 18.10 -7.47
CA LEU A 378 0.69 19.02 -6.44
C LEU A 378 2.19 18.89 -6.50
N SER A 379 2.88 19.97 -6.16
CA SER A 379 4.26 20.18 -6.60
C SER A 379 5.14 18.93 -6.75
N ARG A 380 4.92 18.29 -7.92
CA ARG A 380 5.80 17.30 -8.60
C ARG A 380 6.09 15.98 -7.91
N GLU A 381 5.07 15.15 -7.72
CA GLU A 381 5.28 13.79 -7.24
C GLU A 381 4.04 12.90 -7.24
N MET A 382 2.89 13.47 -7.54
CA MET A 382 1.75 12.66 -8.00
C MET A 382 0.61 13.50 -8.48
N LEU A 383 -0.04 12.98 -9.51
CA LEU A 383 -1.19 13.60 -10.14
C LEU A 383 -2.02 14.32 -9.13
N GLN A 384 -2.41 13.57 -8.11
CA GLN A 384 -3.55 13.91 -7.32
C GLN A 384 -4.73 14.26 -8.25
N GLN A 385 -5.25 13.20 -8.85
CA GLN A 385 -6.66 13.08 -9.19
C GLN A 385 -6.81 11.67 -9.72
N ASN A 386 -7.17 10.76 -8.82
CA ASN A 386 -7.11 9.34 -9.11
C ASN A 386 -8.28 8.83 -9.96
N LYS A 387 -9.06 9.78 -10.48
CA LYS A 387 -9.97 9.52 -11.60
C LYS A 387 -9.15 9.34 -12.87
N ILE A 388 -8.08 10.12 -13.00
CA ILE A 388 -7.08 9.95 -14.06
C ILE A 388 -6.59 8.52 -13.99
N MET A 389 -6.02 8.18 -12.85
CA MET A 389 -5.54 6.84 -12.56
C MET A 389 -6.39 5.72 -13.14
N LYS A 390 -7.66 5.70 -12.73
CA LYS A 390 -8.61 4.67 -13.13
C LYS A 390 -8.63 4.49 -14.65
N VAL A 391 -8.68 5.60 -15.39
CA VAL A 391 -8.77 5.57 -16.84
C VAL A 391 -7.57 4.87 -17.47
N ILE A 392 -6.37 5.38 -17.17
CA ILE A 392 -5.13 4.79 -17.66
C ILE A 392 -5.08 3.29 -17.35
N ARG A 393 -5.64 2.91 -16.21
CA ARG A 393 -5.78 1.52 -15.83
C ARG A 393 -6.61 0.76 -16.87
N LYS A 394 -7.82 1.24 -17.14
CA LYS A 394 -8.70 0.60 -18.10
C LYS A 394 -7.89 0.23 -19.35
N ASN A 395 -7.21 1.23 -19.92
CA ASN A 395 -6.46 1.06 -21.18
C ASN A 395 -5.32 0.10 -21.05
N ILE A 396 -4.43 0.37 -20.13
CA ILE A 396 -3.29 -0.50 -19.90
C ILE A 396 -3.76 -1.94 -19.63
N VAL A 397 -5.05 -2.11 -19.40
CA VAL A 397 -5.61 -3.44 -19.37
C VAL A 397 -6.12 -3.85 -20.76
N LYS A 398 -7.13 -3.14 -21.26
CA LYS A 398 -7.70 -3.45 -22.58
C LYS A 398 -6.60 -3.68 -23.62
N LYS A 399 -5.68 -2.73 -23.73
CA LYS A 399 -4.54 -2.84 -24.64
C LYS A 399 -3.68 -4.07 -24.33
N LEU A 400 -3.42 -4.30 -23.04
CA LEU A 400 -2.52 -5.36 -22.62
C LEU A 400 -3.14 -6.75 -22.76
N ILE A 401 -4.47 -6.80 -22.80
CA ILE A 401 -5.18 -8.06 -22.97
C ILE A 401 -5.03 -8.53 -24.40
N GLU A 402 -5.33 -7.64 -25.35
CA GLU A 402 -5.21 -7.98 -26.77
C GLU A 402 -3.79 -8.43 -27.07
N ALA A 403 -2.82 -7.88 -26.34
CA ALA A 403 -1.45 -8.30 -26.46
C ALA A 403 -1.27 -9.77 -26.12
N PHE A 404 -2.01 -10.28 -25.13
CA PHE A 404 -1.99 -11.71 -24.87
C PHE A 404 -2.72 -12.40 -26.00
N ASN A 405 -3.92 -11.91 -26.30
CA ASN A 405 -4.71 -12.39 -27.42
C ASN A 405 -3.91 -12.44 -28.72
N GLU A 406 -2.87 -11.63 -28.80
CA GLU A 406 -1.94 -11.69 -29.91
C GLU A 406 -0.95 -12.81 -29.70
N ILE A 407 -0.20 -12.78 -28.61
CA ILE A 407 0.69 -13.90 -28.29
C ILE A 407 -0.05 -15.23 -28.39
N ALA A 408 -1.36 -15.18 -28.21
CA ALA A 408 -2.23 -16.36 -28.34
C ALA A 408 -2.10 -16.99 -29.71
N GLU A 409 -2.14 -16.17 -30.76
CA GLU A 409 -1.97 -16.66 -32.14
C GLU A 409 -0.55 -17.17 -32.34
N ASP A 410 -0.27 -18.35 -31.79
CA ASP A 410 1.06 -18.95 -31.78
C ASP A 410 1.03 -20.37 -31.23
N SER A 411 1.91 -21.21 -31.75
CA SER A 411 2.01 -22.58 -31.29
C SER A 411 2.72 -22.58 -29.93
N GLU A 412 4.01 -22.26 -29.96
CA GLU A 412 4.92 -22.52 -28.84
C GLU A 412 5.25 -21.31 -27.98
N GLN A 413 5.46 -20.17 -28.62
CA GLN A 413 5.74 -18.93 -27.90
C GLN A 413 4.60 -18.53 -26.96
N PHE A 414 3.47 -19.22 -27.05
CA PHE A 414 2.41 -19.03 -26.07
C PHE A 414 2.66 -19.89 -24.85
N GLU A 415 3.03 -21.14 -25.08
CA GLU A 415 3.35 -22.06 -24.00
C GLU A 415 4.58 -21.60 -23.24
N LYS A 416 5.43 -20.83 -23.90
CA LYS A 416 6.59 -20.22 -23.25
C LYS A 416 6.11 -19.13 -22.31
N PHE A 417 5.00 -18.51 -22.68
CA PHE A 417 4.38 -17.47 -21.88
C PHE A 417 3.45 -18.11 -20.87
N TYR A 418 2.87 -19.24 -21.23
CA TYR A 418 1.93 -19.92 -20.36
C TYR A 418 2.63 -20.71 -19.26
N SER A 419 3.90 -21.07 -19.48
CA SER A 419 4.70 -21.69 -18.43
C SER A 419 5.17 -20.63 -17.46
N ALA A 420 5.11 -19.37 -17.89
CA ALA A 420 5.55 -18.25 -17.07
C ALA A 420 4.41 -17.69 -16.24
N PHE A 421 3.24 -17.49 -16.85
CA PHE A 421 2.18 -16.76 -16.17
C PHE A 421 0.86 -17.48 -16.12
N SER A 422 0.90 -18.81 -16.19
CA SER A 422 -0.29 -19.61 -15.98
C SER A 422 -1.09 -19.00 -14.84
N LYS A 423 -0.41 -18.76 -13.73
CA LYS A 423 -1.01 -18.23 -12.51
C LYS A 423 -1.69 -16.89 -12.76
N ASN A 424 -0.89 -15.88 -13.07
CA ASN A 424 -1.37 -14.50 -13.18
C ASN A 424 -2.60 -14.33 -14.06
N ILE A 425 -2.72 -15.16 -15.08
CA ILE A 425 -3.93 -15.13 -15.88
C ILE A 425 -5.08 -15.67 -15.05
N LYS A 426 -4.93 -16.89 -14.55
CA LYS A 426 -5.94 -17.53 -13.70
C LYS A 426 -6.34 -16.59 -12.57
N LEU A 427 -5.32 -15.98 -11.94
CA LEU A 427 -5.50 -14.97 -10.90
C LEU A 427 -6.42 -13.84 -11.37
N GLY A 428 -6.16 -13.34 -12.59
CA GLY A 428 -6.96 -12.28 -13.20
C GLY A 428 -8.40 -12.66 -13.44
N VAL A 429 -8.64 -13.95 -13.72
CA VAL A 429 -10.00 -14.46 -13.90
C VAL A 429 -10.79 -14.27 -12.61
N HIS A 430 -10.16 -14.63 -11.49
CA HIS A 430 -10.78 -14.60 -10.18
C HIS A 430 -11.09 -13.18 -9.73
N GLU A 431 -10.13 -12.29 -9.95
CA GLU A 431 -10.20 -10.95 -9.41
C GLU A 431 -10.80 -9.90 -10.36
N ASP A 432 -11.28 -10.32 -11.53
CA ASP A 432 -11.90 -9.36 -12.45
C ASP A 432 -13.42 -9.41 -12.42
N THR A 433 -14.03 -9.70 -13.58
CA THR A 433 -15.50 -9.72 -13.81
C THR A 433 -15.81 -9.41 -15.27
N GLN A 434 -15.39 -8.22 -15.71
CA GLN A 434 -15.65 -7.76 -17.06
C GLN A 434 -14.83 -8.53 -18.05
N ASN A 435 -13.56 -8.72 -17.72
CA ASN A 435 -12.63 -9.40 -18.57
C ASN A 435 -12.64 -10.90 -18.33
N ARG A 436 -13.33 -11.34 -17.29
CA ARG A 436 -13.50 -12.77 -17.04
C ARG A 436 -13.56 -13.56 -18.36
N ALA A 437 -14.57 -13.26 -19.19
CA ALA A 437 -14.78 -13.93 -20.46
C ALA A 437 -13.62 -13.68 -21.44
N ALA A 438 -13.24 -12.41 -21.58
CA ALA A 438 -12.08 -12.07 -22.38
C ALA A 438 -10.89 -12.93 -21.95
N LEU A 439 -10.74 -13.11 -20.64
CA LEU A 439 -9.65 -13.87 -20.05
C LEU A 439 -9.89 -15.36 -20.13
N ALA A 440 -11.16 -15.75 -20.15
CA ALA A 440 -11.52 -17.16 -20.16
C ALA A 440 -10.80 -17.88 -21.28
N LYS A 441 -11.00 -17.44 -22.51
CA LYS A 441 -10.46 -18.11 -23.69
C LYS A 441 -8.97 -18.41 -23.56
N LEU A 442 -8.29 -17.66 -22.69
CA LEU A 442 -6.83 -17.72 -22.56
C LEU A 442 -6.29 -18.85 -21.67
N LEU A 443 -7.17 -19.72 -21.21
CA LEU A 443 -6.74 -20.76 -20.30
C LEU A 443 -6.41 -22.04 -21.04
N ARG A 444 -5.37 -22.71 -20.60
CA ARG A 444 -4.94 -23.95 -21.24
C ARG A 444 -4.74 -25.08 -20.24
N TYR A 445 -5.46 -26.19 -20.44
CA TYR A 445 -5.38 -27.35 -19.55
C TYR A 445 -5.04 -28.61 -20.28
N ASN A 446 -5.11 -29.73 -19.57
CA ASN A 446 -5.02 -31.03 -20.19
C ASN A 446 -6.42 -31.59 -20.39
N SER A 447 -6.51 -32.79 -20.95
CA SER A 447 -7.78 -33.47 -21.16
C SER A 447 -7.59 -34.97 -21.36
N THR A 448 -8.68 -35.72 -21.20
CA THR A 448 -8.67 -37.16 -21.45
C THR A 448 -8.68 -37.43 -22.96
N LYS A 449 -8.96 -36.38 -23.73
CA LYS A 449 -8.86 -36.40 -25.18
C LYS A 449 -7.46 -36.05 -25.68
N SER A 450 -6.76 -35.18 -24.96
CA SER A 450 -5.39 -34.78 -25.33
C SER A 450 -4.48 -34.73 -24.11
N VAL A 451 -3.74 -35.82 -23.89
CA VAL A 451 -2.89 -35.96 -22.72
C VAL A 451 -1.65 -35.10 -22.85
N ASP A 452 -0.68 -35.54 -23.68
CA ASP A 452 0.58 -34.82 -23.85
C ASP A 452 0.42 -33.62 -24.77
N GLU A 453 -0.60 -32.80 -24.48
CA GLU A 453 -1.06 -31.79 -25.42
C GLU A 453 -1.94 -30.72 -24.77
N LEU A 454 -1.52 -29.47 -24.93
CA LEU A 454 -2.25 -28.28 -24.46
C LEU A 454 -3.65 -28.18 -25.06
N THR A 455 -4.61 -27.66 -24.30
CA THR A 455 -5.94 -27.36 -24.84
C THR A 455 -6.62 -26.17 -24.17
N SER A 456 -7.08 -25.23 -24.99
CA SER A 456 -7.89 -24.11 -24.51
C SER A 456 -9.31 -24.59 -24.22
N LEU A 457 -10.26 -23.65 -24.17
CA LEU A 457 -11.66 -23.98 -23.92
C LEU A 457 -12.53 -23.78 -25.14
N THR A 458 -12.13 -22.87 -26.03
CA THR A 458 -12.83 -22.62 -27.30
C THR A 458 -12.71 -23.83 -28.25
N ASP A 459 -11.80 -24.74 -27.92
CA ASP A 459 -11.68 -26.02 -28.61
C ASP A 459 -12.62 -27.07 -27.99
N TYR A 460 -12.79 -27.00 -26.67
CA TYR A 460 -13.65 -27.93 -25.95
C TYR A 460 -15.10 -27.72 -26.35
N VAL A 461 -15.47 -26.46 -26.57
CA VAL A 461 -16.84 -26.14 -26.97
C VAL A 461 -17.21 -26.78 -28.31
N THR A 462 -16.22 -26.88 -29.20
CA THR A 462 -16.43 -27.46 -30.52
C THR A 462 -16.31 -28.98 -30.52
N ARG A 463 -15.75 -29.54 -29.45
CA ARG A 463 -15.57 -30.99 -29.35
C ARG A 463 -16.82 -31.72 -28.82
N MET A 464 -17.70 -30.97 -28.17
CA MET A 464 -18.91 -31.54 -27.57
C MET A 464 -20.09 -31.52 -28.51
N PRO A 465 -20.87 -32.64 -28.55
CA PRO A 465 -22.06 -32.71 -29.41
C PRO A 465 -23.16 -31.77 -28.93
N GLU A 466 -24.22 -31.65 -29.72
CA GLU A 466 -25.37 -30.81 -29.36
C GLU A 466 -26.15 -31.38 -28.18
N HIS A 467 -25.95 -32.68 -27.92
CA HIS A 467 -26.65 -33.40 -26.85
C HIS A 467 -26.14 -33.03 -25.45
N GLN A 468 -25.08 -32.23 -25.41
CA GLN A 468 -24.47 -31.78 -24.16
C GLN A 468 -24.60 -30.25 -24.05
N LYS A 469 -24.70 -29.75 -22.82
CA LYS A 469 -24.77 -28.30 -22.55
C LYS A 469 -23.87 -27.85 -21.39
N ASN A 470 -23.22 -28.81 -20.73
CA ASN A 470 -22.40 -28.52 -19.55
C ASN A 470 -20.97 -29.02 -19.71
N ILE A 471 -19.99 -28.15 -19.43
CA ILE A 471 -18.57 -28.50 -19.46
C ILE A 471 -18.16 -29.25 -18.20
N TYR A 472 -17.49 -30.38 -18.39
CA TYR A 472 -17.09 -31.25 -17.27
C TYR A 472 -15.59 -31.17 -17.02
N TYR A 473 -15.24 -30.96 -15.75
CA TYR A 473 -13.85 -30.85 -15.32
C TYR A 473 -13.69 -31.50 -13.95
N ILE A 474 -12.50 -32.03 -13.70
CA ILE A 474 -12.17 -32.51 -12.36
C ILE A 474 -10.87 -31.84 -11.93
N THR A 475 -10.57 -31.91 -10.63
CA THR A 475 -9.28 -31.42 -10.11
C THR A 475 -8.76 -32.31 -8.98
N GLY A 476 -7.51 -32.09 -8.58
CA GLY A 476 -6.89 -32.89 -7.53
C GLY A 476 -5.41 -32.66 -7.35
N GLU A 477 -4.72 -33.68 -6.84
CA GLU A 477 -3.33 -33.60 -6.42
C GLU A 477 -2.37 -33.31 -7.58
N SER A 478 -2.33 -34.21 -8.57
CA SER A 478 -1.35 -34.14 -9.67
C SER A 478 -1.95 -34.42 -11.04
N LEU A 479 -1.09 -34.38 -12.06
CA LEU A 479 -1.43 -34.83 -13.42
C LEU A 479 -1.89 -36.27 -13.38
N LYS A 480 -0.99 -37.16 -13.00
CA LYS A 480 -1.27 -38.59 -13.05
C LYS A 480 -2.10 -39.02 -11.85
N ALA A 481 -2.10 -38.20 -10.81
CA ALA A 481 -2.98 -38.42 -9.67
C ALA A 481 -4.42 -38.05 -10.03
N VAL A 482 -4.91 -38.62 -11.13
CA VAL A 482 -6.26 -38.45 -11.66
C VAL A 482 -6.39 -39.01 -13.10
N GLU A 483 -5.29 -38.91 -13.86
CA GLU A 483 -5.24 -39.26 -15.29
C GLU A 483 -5.92 -40.58 -15.66
N LYS A 484 -5.22 -41.69 -15.44
CA LYS A 484 -5.72 -43.02 -15.76
C LYS A 484 -6.42 -43.63 -14.54
N SER A 485 -6.94 -42.75 -13.68
CA SER A 485 -7.67 -43.11 -12.48
C SER A 485 -9.15 -43.38 -12.76
N PRO A 486 -9.60 -44.65 -12.57
CA PRO A 486 -11.01 -45.03 -12.76
C PRO A 486 -12.00 -44.33 -11.81
N PHE A 487 -11.61 -43.16 -11.30
CA PHE A 487 -12.51 -42.27 -10.59
C PHE A 487 -13.72 -41.99 -11.47
N LEU A 488 -13.48 -41.41 -12.63
CA LEU A 488 -14.53 -41.16 -13.61
C LEU A 488 -14.28 -41.85 -14.94
N ASP A 489 -14.27 -43.19 -14.88
CA ASP A 489 -14.14 -44.03 -16.05
C ASP A 489 -15.49 -44.20 -16.75
N ALA A 490 -16.56 -44.08 -15.96
CA ALA A 490 -17.94 -44.11 -16.48
C ALA A 490 -18.41 -42.72 -16.90
N LEU A 491 -17.45 -41.85 -17.16
CA LEU A 491 -17.70 -40.61 -17.86
C LEU A 491 -16.80 -40.62 -19.10
N LYS A 492 -15.62 -41.23 -18.94
CA LYS A 492 -14.71 -41.50 -20.05
C LYS A 492 -15.40 -42.39 -21.08
N ALA A 493 -15.94 -43.51 -20.60
CA ALA A 493 -16.71 -44.42 -21.44
C ALA A 493 -18.19 -44.00 -21.54
N LYS A 494 -18.46 -42.74 -21.20
CA LYS A 494 -19.79 -42.15 -21.39
C LYS A 494 -19.77 -41.16 -22.57
N ASN A 495 -18.68 -41.22 -23.34
CA ASN A 495 -18.54 -40.47 -24.58
C ASN A 495 -18.56 -38.95 -24.43
N PHE A 496 -18.02 -38.46 -23.31
CA PHE A 496 -17.79 -37.03 -23.10
C PHE A 496 -16.32 -36.72 -22.87
N GLU A 497 -16.03 -35.64 -22.16
CA GLU A 497 -14.65 -35.17 -22.03
C GLU A 497 -14.41 -34.42 -20.72
N VAL A 498 -13.28 -34.68 -20.07
CA VAL A 498 -12.91 -34.01 -18.81
C VAL A 498 -11.50 -33.46 -18.79
N LEU A 499 -11.35 -32.28 -18.19
CA LEU A 499 -10.08 -31.57 -18.11
C LEU A 499 -9.27 -32.02 -16.90
N PHE A 500 -8.05 -31.52 -16.79
CA PHE A 500 -7.16 -31.85 -15.68
C PHE A 500 -6.53 -30.59 -15.08
N LEU A 501 -7.00 -30.22 -13.89
CA LEU A 501 -6.60 -29.00 -13.20
C LEU A 501 -5.69 -29.28 -12.00
N THR A 502 -4.39 -29.42 -12.27
CA THR A 502 -3.40 -29.79 -11.24
C THR A 502 -3.14 -28.67 -10.24
N ASP A 503 -3.10 -27.43 -10.72
CA ASP A 503 -2.91 -26.26 -9.85
C ASP A 503 -4.16 -26.00 -8.99
N PRO A 504 -3.97 -25.60 -7.72
CA PRO A 504 -5.11 -25.33 -6.83
C PRO A 504 -5.85 -24.06 -7.25
N ILE A 505 -5.08 -23.03 -7.58
CA ILE A 505 -5.55 -21.75 -8.09
C ILE A 505 -6.61 -21.89 -9.17
N ASP A 506 -6.46 -22.92 -9.99
CA ASP A 506 -7.40 -23.23 -11.06
C ASP A 506 -8.83 -23.20 -10.55
N GLU A 507 -9.09 -24.04 -9.55
CA GLU A 507 -10.42 -24.18 -8.95
C GLU A 507 -10.82 -22.91 -8.22
N TYR A 508 -9.82 -22.14 -7.79
CA TYR A 508 -10.03 -20.86 -7.14
C TYR A 508 -10.49 -19.79 -8.14
N ALA A 509 -10.42 -20.13 -9.43
CA ALA A 509 -10.96 -19.28 -10.48
C ALA A 509 -12.27 -19.85 -11.06
N PHE A 510 -12.23 -21.12 -11.45
CA PHE A 510 -13.39 -21.83 -12.01
C PHE A 510 -14.67 -21.58 -11.23
N THR A 511 -14.51 -21.46 -9.92
CA THR A 511 -15.56 -20.97 -9.04
C THR A 511 -16.38 -19.88 -9.72
N GLN A 512 -15.70 -18.80 -10.09
CA GLN A 512 -16.33 -17.59 -10.63
C GLN A 512 -16.68 -17.71 -12.11
N LEU A 513 -17.15 -18.88 -12.53
CA LEU A 513 -17.40 -19.12 -13.95
C LEU A 513 -18.51 -20.13 -14.22
N LYS A 514 -19.36 -20.40 -13.24
CA LYS A 514 -20.47 -21.34 -13.43
C LYS A 514 -21.34 -21.05 -14.67
N GLU A 515 -20.94 -20.03 -15.44
CA GLU A 515 -21.52 -19.74 -16.76
C GLU A 515 -20.47 -19.31 -17.82
N PHE A 516 -19.99 -20.30 -18.57
CA PHE A 516 -19.04 -20.06 -19.66
C PHE A 516 -19.72 -20.32 -21.00
N GLU A 517 -20.02 -19.24 -21.73
CA GLU A 517 -20.64 -19.31 -23.05
C GLU A 517 -21.94 -20.11 -22.99
N GLY A 518 -22.72 -19.84 -21.95
CA GLY A 518 -23.95 -20.58 -21.67
C GLY A 518 -23.70 -21.91 -20.99
N LYS A 519 -22.50 -22.44 -21.15
CA LYS A 519 -22.14 -23.77 -20.63
C LYS A 519 -21.80 -23.71 -19.15
N THR A 520 -22.32 -24.69 -18.42
CA THR A 520 -22.08 -24.79 -17.00
C THR A 520 -20.79 -25.57 -16.75
N LEU A 521 -20.22 -25.38 -15.57
CA LEU A 521 -19.02 -26.11 -15.17
C LEU A 521 -19.36 -27.04 -14.03
N VAL A 522 -19.00 -28.31 -14.20
CA VAL A 522 -19.40 -29.39 -13.29
C VAL A 522 -18.40 -30.53 -13.25
N ASP A 523 -18.29 -31.17 -12.08
CA ASP A 523 -17.11 -31.98 -11.75
C ASP A 523 -17.41 -33.33 -11.11
N ILE A 524 -17.81 -33.28 -9.83
CA ILE A 524 -18.25 -34.45 -9.06
C ILE A 524 -19.24 -34.10 -7.92
N THR A 525 -20.55 -34.39 -8.04
CA THR A 525 -21.25 -34.82 -9.28
C THR A 525 -22.56 -35.60 -9.03
N LYS A 526 -23.46 -35.52 -10.00
CA LYS A 526 -24.64 -36.38 -10.14
C LYS A 526 -25.05 -36.35 -11.60
N ASP A 527 -25.61 -37.45 -12.09
CA ASP A 527 -25.94 -37.58 -13.51
C ASP A 527 -27.16 -38.45 -13.77
N PHE A 528 -27.85 -38.15 -14.87
CA PHE A 528 -28.91 -39.01 -15.42
C PHE A 528 -28.99 -38.91 -16.94
N GLU A 529 -29.55 -39.95 -17.54
CA GLU A 529 -29.75 -40.07 -18.99
C GLU A 529 -31.08 -40.77 -19.23
N LEU A 530 -31.59 -40.67 -20.45
CA LEU A 530 -32.89 -41.26 -20.82
C LEU A 530 -32.93 -42.81 -20.72
N GLU A 531 -33.51 -43.45 -21.73
CA GLU A 531 -33.83 -44.90 -21.69
C GLU A 531 -32.88 -45.89 -20.96
N GLU A 532 -31.55 -45.82 -21.03
CA GLU A 532 -30.67 -45.93 -22.20
C GLU A 532 -30.71 -47.43 -22.54
N THR A 533 -30.99 -47.76 -23.81
CA THR A 533 -31.32 -49.13 -24.23
C THR A 533 -32.28 -49.77 -23.20
N ASP A 534 -33.57 -49.49 -23.37
CA ASP A 534 -34.62 -49.81 -22.39
C ASP A 534 -34.68 -51.30 -22.01
N GLU A 535 -33.52 -51.81 -21.57
CA GLU A 535 -33.32 -53.22 -21.25
C GLU A 535 -32.88 -53.37 -19.78
N GLU A 536 -32.21 -52.34 -19.25
CA GLU A 536 -31.66 -52.38 -17.90
C GLU A 536 -31.59 -51.04 -17.15
N LYS A 537 -32.21 -49.92 -17.57
CA LYS A 537 -33.63 -49.55 -17.42
C LYS A 537 -34.67 -50.49 -16.81
N ALA A 538 -35.16 -51.43 -17.61
CA ALA A 538 -36.27 -52.29 -17.20
C ALA A 538 -36.03 -53.02 -15.88
N GLU A 539 -34.82 -53.52 -15.69
CA GLU A 539 -34.49 -54.27 -14.48
C GLU A 539 -33.94 -53.40 -13.33
N ARG A 540 -33.55 -52.16 -13.63
CA ARG A 540 -33.00 -51.24 -12.62
C ARG A 540 -33.72 -51.31 -11.28
N GLU A 541 -35.00 -50.97 -11.27
CA GLU A 541 -35.82 -51.03 -10.05
C GLU A 541 -35.84 -52.44 -9.44
N LYS A 542 -36.07 -53.45 -10.27
CA LYS A 542 -36.13 -54.86 -9.84
C LYS A 542 -34.79 -55.40 -9.33
N GLU A 543 -33.70 -55.04 -10.01
CA GLU A 543 -32.36 -55.52 -9.69
C GLU A 543 -31.70 -54.73 -8.56
N ILE A 544 -31.96 -53.43 -8.50
CA ILE A 544 -31.50 -52.62 -7.36
C ILE A 544 -32.26 -53.07 -6.11
N LYS A 545 -33.52 -53.46 -6.29
CA LYS A 545 -34.35 -54.01 -5.22
C LYS A 545 -33.78 -55.31 -4.67
N GLU A 546 -32.97 -56.01 -5.46
CA GLU A 546 -32.20 -57.15 -4.96
C GLU A 546 -31.24 -56.72 -3.86
N TYR A 547 -30.67 -55.52 -4.00
CA TYR A 547 -29.74 -54.95 -3.00
C TYR A 547 -30.41 -53.95 -2.06
N GLU A 548 -31.75 -53.92 -2.05
CA GLU A 548 -32.49 -53.04 -1.13
C GLU A 548 -32.47 -53.49 0.34
N PRO A 549 -32.58 -54.81 0.60
CA PRO A 549 -32.25 -55.28 1.97
C PRO A 549 -30.76 -55.11 2.32
N LEU A 550 -29.94 -54.77 1.34
CA LEU A 550 -28.53 -54.45 1.53
C LEU A 550 -28.30 -52.93 1.60
N THR A 551 -29.20 -52.17 0.99
CA THR A 551 -29.11 -50.70 0.87
C THR A 551 -29.11 -49.97 2.22
N LYS A 552 -30.10 -50.25 3.04
CA LYS A 552 -30.24 -49.58 4.33
C LYS A 552 -29.26 -50.14 5.35
N ALA A 553 -28.99 -51.44 5.26
CA ALA A 553 -28.02 -52.11 6.13
C ALA A 553 -26.65 -51.42 6.10
N LEU A 554 -26.22 -51.04 4.89
CA LEU A 554 -24.95 -50.35 4.71
C LEU A 554 -25.01 -48.89 5.17
N LYS A 555 -26.21 -48.33 5.16
CA LYS A 555 -26.43 -46.94 5.58
C LYS A 555 -26.30 -46.76 7.10
N GLU A 556 -26.34 -47.87 7.84
CA GLU A 556 -26.39 -47.84 9.31
C GLU A 556 -25.05 -47.97 10.03
N ILE A 557 -24.19 -48.90 9.58
CA ILE A 557 -22.87 -49.11 10.20
C ILE A 557 -21.94 -47.92 9.95
N LEU A 558 -22.38 -47.02 9.07
CA LEU A 558 -21.68 -45.77 8.81
C LEU A 558 -22.49 -44.61 9.38
N GLY A 559 -23.70 -44.92 9.83
CA GLY A 559 -24.56 -43.99 10.57
C GLY A 559 -24.85 -42.69 9.86
N ASP A 560 -24.31 -41.60 10.41
CA ASP A 560 -24.57 -40.25 9.91
C ASP A 560 -23.32 -39.56 9.34
N GLN A 561 -23.15 -39.73 8.03
CA GLN A 561 -22.16 -39.00 7.25
C GLN A 561 -22.70 -38.94 5.83
N VAL A 562 -23.19 -40.08 5.37
CA VAL A 562 -23.85 -40.22 4.06
C VAL A 562 -25.28 -39.69 4.14
N GLU A 563 -25.92 -39.55 2.98
CA GLU A 563 -27.34 -39.18 2.90
C GLU A 563 -28.16 -40.38 2.43
N LYS A 564 -27.62 -41.09 1.45
CA LYS A 564 -28.25 -42.28 0.88
C LYS A 564 -27.20 -43.21 0.27
N VAL A 565 -27.41 -44.50 0.46
CA VAL A 565 -26.47 -45.51 -0.02
C VAL A 565 -27.08 -46.28 -1.20
N VAL A 566 -26.70 -45.88 -2.41
CA VAL A 566 -27.26 -46.44 -3.65
C VAL A 566 -26.29 -47.40 -4.36
N VAL A 567 -26.86 -48.34 -5.12
CA VAL A 567 -26.07 -49.33 -5.87
C VAL A 567 -26.35 -49.15 -7.37
N SER A 568 -25.74 -48.14 -7.98
CA SER A 568 -26.02 -47.74 -9.36
C SER A 568 -25.01 -48.29 -10.39
N TYR A 569 -25.50 -48.55 -11.59
CA TYR A 569 -24.69 -49.15 -12.67
C TYR A 569 -23.83 -48.13 -13.43
N LYS A 570 -23.75 -46.91 -12.92
CA LYS A 570 -22.84 -45.90 -13.45
C LYS A 570 -21.39 -46.23 -13.05
N LEU A 571 -21.11 -47.53 -13.00
CA LEU A 571 -19.82 -48.11 -12.63
C LEU A 571 -19.87 -49.59 -13.03
N LEU A 572 -18.70 -50.23 -13.21
CA LEU A 572 -18.68 -51.64 -13.65
C LEU A 572 -18.01 -52.67 -12.71
N ASP A 573 -16.69 -52.57 -12.50
CA ASP A 573 -16.00 -53.56 -11.66
C ASP A 573 -15.18 -52.97 -10.50
N ALA A 574 -14.97 -51.65 -10.52
CA ALA A 574 -14.37 -50.94 -9.39
C ALA A 574 -15.35 -50.97 -8.21
N PRO A 575 -14.93 -51.58 -7.08
CA PRO A 575 -15.79 -51.89 -5.93
C PRO A 575 -16.85 -50.83 -5.56
N ALA A 576 -16.41 -49.68 -5.06
CA ALA A 576 -17.35 -48.66 -4.56
C ALA A 576 -16.91 -47.23 -4.91
N ALA A 577 -17.84 -46.29 -4.78
CA ALA A 577 -17.60 -44.89 -5.12
C ALA A 577 -18.36 -43.93 -4.19
N ILE A 578 -17.83 -42.71 -4.06
CA ILE A 578 -18.48 -41.68 -3.25
C ILE A 578 -18.74 -40.41 -4.07
N ARG A 579 -19.95 -40.32 -4.62
CA ARG A 579 -20.37 -39.16 -5.40
C ARG A 579 -20.97 -38.13 -4.46
N THR A 580 -20.30 -37.00 -4.30
CA THR A 580 -20.88 -35.86 -3.59
C THR A 580 -22.14 -35.42 -4.33
N GLY A 581 -23.21 -35.17 -3.57
CA GLY A 581 -24.51 -34.82 -4.14
C GLY A 581 -24.48 -33.66 -5.12
N GLN A 582 -25.50 -33.62 -6.00
CA GLN A 582 -25.66 -32.53 -6.97
C GLN A 582 -25.94 -31.20 -6.29
N PHE A 583 -25.74 -30.10 -7.01
CA PHE A 583 -25.88 -28.73 -6.47
C PHE A 583 -25.06 -28.52 -5.20
N GLY A 584 -24.03 -29.35 -5.03
CA GLY A 584 -23.16 -29.30 -3.86
C GLY A 584 -21.71 -29.45 -4.26
N TRP A 585 -20.84 -28.71 -3.59
CA TRP A 585 -19.41 -28.66 -3.90
C TRP A 585 -18.77 -30.05 -4.05
N SER A 586 -17.87 -30.16 -5.02
CA SER A 586 -17.13 -31.40 -5.31
C SER A 586 -16.26 -31.85 -4.14
N ALA A 587 -16.01 -33.16 -4.08
CA ALA A 587 -15.13 -33.75 -3.06
C ALA A 587 -13.72 -33.18 -3.21
N ASN A 588 -13.30 -33.05 -4.46
CA ASN A 588 -12.07 -32.37 -4.82
C ASN A 588 -12.18 -30.85 -4.57
N MET A 589 -13.31 -30.27 -4.96
CA MET A 589 -13.58 -28.86 -4.66
C MET A 589 -13.41 -28.61 -3.17
N GLU A 590 -14.12 -29.41 -2.38
CA GLU A 590 -13.98 -29.43 -0.94
C GLU A 590 -12.50 -29.52 -0.57
N ARG A 591 -11.84 -30.57 -1.05
CA ARG A 591 -10.46 -30.85 -0.68
C ARG A 591 -9.56 -29.61 -0.82
N ILE A 592 -9.99 -28.66 -1.63
CA ILE A 592 -9.23 -27.43 -1.88
C ILE A 592 -9.84 -26.20 -1.19
N MET A 593 -11.14 -25.96 -1.39
CA MET A 593 -11.85 -24.87 -0.70
C MET A 593 -11.62 -24.98 0.81
N LYS A 594 -11.35 -26.21 1.25
CA LYS A 594 -10.99 -26.54 2.63
C LYS A 594 -9.47 -26.52 2.84
N ALA A 595 -8.72 -27.04 1.87
CA ALA A 595 -7.26 -27.09 1.96
C ALA A 595 -6.69 -25.76 2.46
N GLN A 596 -7.01 -24.67 1.74
CA GLN A 596 -6.68 -23.33 2.21
C GLN A 596 -7.94 -22.66 2.76
N ALA A 597 -7.90 -22.31 4.04
CA ALA A 597 -9.04 -21.70 4.73
C ALA A 597 -8.60 -20.63 5.71
N LYS A 611 -23.40 -35.66 0.30
CA LYS A 611 -22.61 -36.88 0.13
C LYS A 611 -23.52 -38.08 -0.14
N THR A 612 -23.09 -38.95 -1.04
CA THR A 612 -23.85 -40.12 -1.46
C THR A 612 -22.91 -41.28 -1.76
N PHE A 613 -23.29 -42.49 -1.33
CA PHE A 613 -22.42 -43.66 -1.47
C PHE A 613 -22.90 -44.64 -2.56
N GLU A 614 -22.09 -44.76 -3.62
CA GLU A 614 -22.40 -45.64 -4.74
C GLU A 614 -21.63 -46.96 -4.69
N ILE A 615 -22.33 -48.05 -4.98
CA ILE A 615 -21.76 -49.39 -4.97
C ILE A 615 -21.90 -50.01 -6.35
N SER A 616 -20.86 -50.71 -6.80
CA SER A 616 -20.94 -51.48 -8.02
C SER A 616 -21.50 -52.87 -7.71
N PRO A 617 -22.65 -53.22 -8.32
CA PRO A 617 -23.32 -54.50 -8.06
C PRO A 617 -22.52 -55.68 -8.59
N LYS A 618 -22.06 -55.58 -9.84
CA LYS A 618 -21.34 -56.65 -10.52
C LYS A 618 -19.92 -56.87 -9.99
N SER A 619 -19.51 -56.06 -9.01
CA SER A 619 -18.21 -56.22 -8.37
C SER A 619 -18.18 -57.47 -7.51
N PRO A 620 -17.17 -58.34 -7.71
CA PRO A 620 -17.08 -59.65 -7.08
C PRO A 620 -17.01 -59.58 -5.55
N ILE A 621 -16.53 -58.45 -5.04
CA ILE A 621 -16.35 -58.24 -3.61
C ILE A 621 -17.62 -57.64 -2.97
N ILE A 622 -18.63 -57.36 -3.81
CA ILE A 622 -19.91 -56.78 -3.36
C ILE A 622 -21.05 -57.80 -3.35
N LYS A 623 -20.95 -58.81 -4.22
CA LYS A 623 -21.88 -59.93 -4.21
C LYS A 623 -21.81 -60.69 -2.88
N GLU A 624 -20.60 -60.74 -2.31
CA GLU A 624 -20.34 -61.27 -0.96
C GLU A 624 -21.21 -60.60 0.11
N LEU A 625 -21.44 -59.29 -0.05
CA LEU A 625 -22.26 -58.52 0.89
C LEU A 625 -23.70 -59.03 0.93
N LYS A 626 -24.27 -59.27 -0.25
CA LYS A 626 -25.64 -59.77 -0.36
C LYS A 626 -25.83 -61.12 0.33
N LYS A 627 -24.80 -61.98 0.26
CA LYS A 627 -24.81 -63.29 0.92
C LYS A 627 -24.75 -63.12 2.44
N ARG A 628 -23.81 -62.30 2.91
CA ARG A 628 -23.60 -62.07 4.34
C ARG A 628 -24.68 -61.23 5.01
N VAL A 629 -25.48 -60.51 4.21
CA VAL A 629 -26.66 -59.78 4.71
C VAL A 629 -27.56 -60.74 5.48
N ASP A 630 -27.74 -61.94 4.93
CA ASP A 630 -28.50 -63.01 5.56
C ASP A 630 -27.72 -63.63 6.72
N GLU A 631 -26.41 -63.81 6.53
CA GLU A 631 -25.53 -64.37 7.56
C GLU A 631 -25.02 -63.32 8.55
N GLY A 632 -25.70 -62.17 8.60
CA GLY A 632 -25.34 -61.06 9.49
C GLY A 632 -25.80 -59.71 8.98
N GLY A 633 -26.65 -59.03 9.76
CA GLY A 633 -27.25 -57.76 9.34
C GLY A 633 -26.87 -56.55 10.18
N ALA A 634 -27.77 -56.19 11.11
CA ALA A 634 -27.66 -54.96 11.91
C ALA A 634 -26.31 -54.74 12.60
N GLN A 635 -25.76 -55.83 13.15
CA GLN A 635 -24.47 -55.79 13.83
C GLN A 635 -23.45 -56.65 13.07
N ASP A 636 -22.27 -56.84 13.65
CA ASP A 636 -21.30 -57.81 13.14
C ASP A 636 -20.14 -58.08 14.09
N LYS A 637 -19.34 -59.08 13.76
CA LYS A 637 -18.16 -59.44 14.54
C LYS A 637 -16.88 -59.34 13.69
N THR A 638 -16.86 -60.02 12.55
CA THR A 638 -15.73 -59.98 11.62
C THR A 638 -15.89 -58.86 10.59
N VAL A 639 -17.14 -58.54 10.25
CA VAL A 639 -17.45 -57.48 9.29
C VAL A 639 -17.69 -56.15 10.02
N LYS A 640 -16.72 -55.77 10.85
CA LYS A 640 -16.70 -54.48 11.52
C LYS A 640 -15.54 -53.70 10.91
N ASP A 641 -14.38 -54.36 10.88
CA ASP A 641 -13.16 -53.83 10.27
C ASP A 641 -13.25 -53.76 8.74
N LEU A 642 -14.43 -54.06 8.21
CA LEU A 642 -14.65 -54.12 6.77
C LEU A 642 -15.69 -53.12 6.27
N THR A 643 -16.84 -53.08 6.95
CA THR A 643 -17.96 -52.24 6.54
C THR A 643 -17.54 -50.79 6.33
N LYS A 644 -16.89 -50.22 7.34
CA LYS A 644 -16.37 -48.86 7.26
C LYS A 644 -15.14 -48.77 6.37
N LEU A 645 -14.33 -49.83 6.37
CA LEU A 645 -13.05 -49.86 5.65
C LEU A 645 -13.20 -49.48 4.18
N LEU A 646 -14.10 -50.17 3.47
CA LEU A 646 -14.30 -49.92 2.04
C LEU A 646 -14.91 -48.54 1.79
N TYR A 647 -15.78 -48.12 2.69
CA TYR A 647 -16.32 -46.76 2.67
C TYR A 647 -15.18 -45.76 2.70
N GLU A 648 -14.20 -46.02 3.56
CA GLU A 648 -13.02 -45.16 3.68
C GLU A 648 -12.08 -45.31 2.49
N THR A 649 -12.05 -46.51 1.90
CA THR A 649 -11.28 -46.76 0.68
C THR A 649 -11.84 -45.94 -0.49
N ALA A 650 -13.15 -46.07 -0.74
CA ALA A 650 -13.84 -45.34 -1.81
C ALA A 650 -13.89 -43.83 -1.57
N LEU A 651 -13.50 -43.42 -0.36
CA LEU A 651 -13.45 -42.02 0.02
C LEU A 651 -12.31 -41.32 -0.70
N LEU A 652 -11.07 -41.71 -0.39
CA LEU A 652 -9.89 -41.19 -1.08
C LEU A 652 -10.00 -41.35 -2.59
N THR A 653 -10.73 -42.38 -3.01
CA THR A 653 -11.00 -42.64 -4.42
C THR A 653 -11.77 -41.49 -5.03
N SER A 654 -12.70 -40.95 -4.26
CA SER A 654 -13.44 -39.78 -4.67
C SER A 654 -12.68 -38.54 -4.20
N GLY A 655 -11.52 -38.31 -4.82
CA GLY A 655 -10.64 -37.17 -4.50
C GLY A 655 -10.88 -36.56 -3.13
N PHE A 656 -10.65 -37.37 -2.09
CA PHE A 656 -11.01 -36.97 -0.75
C PHE A 656 -9.84 -36.83 0.21
N SER A 657 -10.07 -36.05 1.27
CA SER A 657 -9.10 -35.77 2.31
C SER A 657 -8.78 -36.97 3.20
N LEU A 658 -7.65 -36.89 3.90
CA LEU A 658 -7.27 -37.87 4.93
C LEU A 658 -8.11 -37.69 6.20
N ASP A 659 -9.43 -37.65 6.04
CA ASP A 659 -10.35 -37.57 7.16
C ASP A 659 -10.25 -38.84 8.00
N GLU A 660 -9.92 -38.69 9.28
CA GLU A 660 -9.67 -39.81 10.20
C GLU A 660 -8.55 -40.71 9.63
N PRO A 661 -7.30 -40.21 9.61
CA PRO A 661 -6.23 -40.85 8.86
C PRO A 661 -5.45 -41.94 9.60
N THR A 662 -5.79 -42.19 10.86
CA THR A 662 -5.03 -43.15 11.67
C THR A 662 -5.76 -44.47 11.84
N SER A 663 -7.10 -44.42 11.88
CA SER A 663 -7.93 -45.61 12.03
C SER A 663 -7.94 -46.49 10.78
N PHE A 664 -7.85 -45.85 9.61
CA PHE A 664 -7.86 -46.54 8.32
C PHE A 664 -6.63 -47.43 8.14
N ALA A 665 -5.45 -46.85 8.36
CA ALA A 665 -4.18 -47.57 8.23
C ALA A 665 -4.16 -48.82 9.08
N SER A 666 -4.78 -48.70 10.26
CA SER A 666 -4.85 -49.78 11.23
C SER A 666 -5.72 -50.95 10.77
N ARG A 667 -6.71 -50.65 9.93
CA ARG A 667 -7.55 -51.68 9.34
C ARG A 667 -6.78 -52.47 8.29
N ILE A 668 -5.95 -51.75 7.53
CA ILE A 668 -5.18 -52.34 6.43
C ILE A 668 -4.30 -53.48 6.92
N ASN A 669 -3.45 -53.17 7.90
CA ASN A 669 -2.60 -54.18 8.53
C ASN A 669 -3.39 -55.19 9.38
N ARG A 670 -4.59 -54.81 9.77
CA ARG A 670 -5.48 -55.68 10.54
C ARG A 670 -6.18 -56.68 9.62
N LEU A 671 -6.19 -56.39 8.33
CA LEU A 671 -6.72 -57.31 7.33
C LEU A 671 -5.60 -57.93 6.49
N ILE A 672 -4.45 -58.12 7.14
CA ILE A 672 -3.41 -58.99 6.65
C ILE A 672 -3.32 -60.14 7.67
N SER A 673 -4.19 -60.07 8.68
CA SER A 673 -4.14 -60.96 9.84
C SER A 673 -4.67 -62.39 9.59
N LEU A 674 -5.70 -62.53 8.75
CA LEU A 674 -6.30 -63.85 8.45
C LEU A 674 -5.81 -64.47 7.15
N GLY A 675 -5.62 -63.65 6.12
CA GLY A 675 -5.21 -64.12 4.80
C GLY A 675 -3.84 -64.77 4.79
N LEU A 676 -2.82 -63.95 4.99
CA LEU A 676 -1.45 -64.45 5.00
C LEU A 676 -0.86 -64.36 6.41
N ASN A 677 -0.94 -65.47 7.13
CA ASN A 677 -0.41 -65.58 8.48
C ASN A 677 0.15 -66.98 8.75
N ALA B 2 29.70 47.25 -9.10
CA ALA B 2 28.62 48.27 -8.95
C ALA B 2 27.25 47.61 -8.84
N SER B 3 26.87 47.22 -7.62
CA SER B 3 25.66 46.40 -7.41
C SER B 3 24.35 47.17 -7.23
N GLU B 4 23.26 46.40 -7.14
CA GLU B 4 21.91 46.94 -7.01
C GLU B 4 20.97 45.89 -6.43
N THR B 5 20.65 46.00 -5.15
CA THR B 5 19.84 45.02 -4.44
C THR B 5 18.37 45.23 -4.76
N PHE B 6 17.63 44.13 -4.78
CA PHE B 6 16.20 44.13 -5.08
C PHE B 6 15.43 43.26 -4.10
N GLU B 7 14.12 43.49 -4.04
CA GLU B 7 13.27 42.87 -3.04
C GLU B 7 12.34 41.84 -3.68
N PHE B 8 12.43 40.59 -3.22
CA PHE B 8 11.54 39.56 -3.75
C PHE B 8 10.11 40.03 -3.64
N GLN B 9 9.31 39.67 -4.62
CA GLN B 9 7.95 40.17 -4.66
C GLN B 9 7.06 39.21 -5.43
N ALA B 10 6.96 37.97 -4.92
CA ALA B 10 6.01 36.98 -5.46
C ALA B 10 4.64 37.61 -5.67
N GLU B 11 3.93 37.18 -6.70
CA GLU B 11 2.67 37.84 -6.98
C GLU B 11 1.43 36.95 -6.98
N ILE B 12 0.38 37.59 -6.49
CA ILE B 12 -0.69 36.94 -5.73
C ILE B 12 -1.59 36.08 -6.61
N THR B 13 -2.21 36.71 -7.60
CA THR B 13 -3.13 36.06 -8.53
C THR B 13 -2.74 34.59 -8.67
N GLN B 14 -1.47 34.40 -8.99
CA GLN B 14 -0.90 33.09 -9.24
C GLN B 14 -0.75 32.30 -7.98
N LEU B 15 -0.13 32.93 -6.98
CA LEU B 15 0.21 32.26 -5.74
C LEU B 15 -1.01 31.66 -5.09
N MET B 16 -2.12 32.37 -5.17
CA MET B 16 -3.38 31.81 -4.73
C MET B 16 -3.68 30.54 -5.53
N SER B 17 -3.85 30.71 -6.84
CA SER B 17 -4.26 29.59 -7.70
C SER B 17 -3.34 28.43 -7.48
N LEU B 18 -2.14 28.73 -7.02
CA LEU B 18 -1.21 27.69 -6.63
C LEU B 18 -1.79 26.92 -5.48
N ILE B 19 -2.03 27.59 -4.36
CA ILE B 19 -2.54 26.99 -3.13
C ILE B 19 -3.83 26.19 -3.34
N ILE B 20 -4.82 26.86 -3.91
CA ILE B 20 -6.12 26.25 -4.17
C ILE B 20 -6.05 25.16 -5.23
N ASN B 21 -5.69 25.56 -6.46
CA ASN B 21 -5.71 24.64 -7.59
C ASN B 21 -4.56 23.62 -7.66
N THR B 22 -3.55 23.75 -6.80
CA THR B 22 -2.44 22.81 -6.80
C THR B 22 -2.98 21.42 -6.51
N VAL B 23 -4.24 21.23 -6.87
CA VAL B 23 -4.92 19.95 -6.73
C VAL B 23 -5.07 19.62 -5.20
N TYR B 24 -5.54 18.41 -4.90
CA TYR B 24 -5.70 17.73 -3.57
C TYR B 24 -7.10 17.17 -3.73
N SER B 25 -7.22 16.16 -4.60
CA SER B 25 -8.47 15.44 -4.90
C SER B 25 -9.05 14.85 -3.60
N ASN B 26 -9.22 15.75 -2.63
CA ASN B 26 -9.52 15.46 -1.24
C ASN B 26 -9.94 16.79 -0.60
N LYS B 27 -10.77 17.56 -1.31
CA LYS B 27 -11.01 18.99 -1.01
C LYS B 27 -11.93 19.29 0.19
N GLU B 28 -12.24 18.27 0.99
CA GLU B 28 -13.04 18.51 2.17
C GLU B 28 -12.27 19.32 3.19
N ILE B 29 -10.95 19.33 3.08
CA ILE B 29 -10.14 19.95 4.11
C ILE B 29 -10.48 21.39 4.44
N PHE B 30 -11.11 22.12 3.52
CA PHE B 30 -11.45 23.51 3.81
C PHE B 30 -12.05 23.62 5.21
N LEU B 31 -13.03 22.76 5.48
CA LEU B 31 -13.69 22.72 6.79
C LEU B 31 -12.66 22.49 7.89
N ARG B 32 -12.04 21.31 7.90
CA ARG B 32 -10.95 21.02 8.82
C ARG B 32 -10.11 22.27 9.03
N GLU B 33 -9.61 22.84 7.95
CA GLU B 33 -8.77 24.03 8.06
C GLU B 33 -9.42 25.23 8.72
N LEU B 34 -10.71 25.44 8.48
CA LEU B 34 -11.41 26.60 9.04
C LEU B 34 -11.69 26.47 10.54
N ILE B 35 -12.10 25.26 10.91
CA ILE B 35 -12.30 24.88 12.28
C ILE B 35 -10.97 25.02 12.98
N SER B 36 -9.95 24.35 12.49
CA SER B 36 -8.63 24.48 13.08
C SER B 36 -8.37 25.94 13.36
N ASN B 37 -8.55 26.76 12.33
CA ASN B 37 -8.31 28.19 12.43
C ASN B 37 -9.24 28.83 13.48
N ALA B 38 -10.37 28.18 13.75
CA ALA B 38 -11.36 28.66 14.73
C ALA B 38 -11.05 28.22 16.16
N SER B 39 -10.63 26.96 16.31
CA SER B 39 -10.05 26.51 17.57
C SER B 39 -8.94 27.47 17.96
N ASP B 40 -7.94 27.60 17.08
CA ASP B 40 -6.88 28.60 17.22
C ASP B 40 -7.36 29.88 17.87
N ALA B 41 -8.56 30.33 17.50
CA ALA B 41 -9.09 31.60 17.98
C ALA B 41 -9.59 31.55 19.43
N LEU B 42 -10.41 30.55 19.74
CA LEU B 42 -10.95 30.40 21.09
C LEU B 42 -9.75 30.13 22.00
N ASP B 43 -8.95 29.14 21.64
CA ASP B 43 -7.69 28.90 22.33
C ASP B 43 -6.97 30.19 22.67
N LYS B 44 -7.06 31.18 21.78
CA LYS B 44 -6.37 32.44 22.00
C LYS B 44 -6.99 33.30 23.09
N ILE B 45 -8.31 33.52 23.02
CA ILE B 45 -8.97 34.33 24.03
C ILE B 45 -8.95 33.63 25.39
N ARG B 46 -9.24 32.34 25.38
CA ARG B 46 -9.21 31.50 26.60
C ARG B 46 -7.97 31.75 27.43
N TYR B 47 -6.80 31.57 26.82
CA TYR B 47 -5.55 31.85 27.48
C TYR B 47 -5.45 33.32 27.87
N LYS B 48 -5.97 34.22 27.03
CA LYS B 48 -5.90 35.64 27.31
C LYS B 48 -6.63 36.05 28.61
N SER B 49 -7.35 35.10 29.21
CA SER B 49 -8.18 35.35 30.39
C SER B 49 -7.53 35.05 31.73
N LEU B 50 -6.45 34.26 31.70
CA LEU B 50 -5.63 34.01 32.88
C LEU B 50 -5.39 35.26 33.74
N SER B 51 -5.02 36.35 33.09
CA SER B 51 -4.59 37.57 33.75
C SER B 51 -5.64 38.67 33.65
N ASP B 52 -6.59 38.49 32.72
CA ASP B 52 -7.71 39.42 32.59
C ASP B 52 -8.92 38.69 32.02
N PRO B 53 -9.82 38.26 32.89
CA PRO B 53 -11.02 37.55 32.51
C PRO B 53 -12.22 38.47 32.29
N LYS B 54 -11.97 39.78 32.26
CA LYS B 54 -12.95 40.76 31.80
C LYS B 54 -13.12 40.61 30.28
N GLN B 55 -12.07 40.15 29.61
CA GLN B 55 -12.10 39.89 28.17
C GLN B 55 -13.17 38.87 27.80
N LEU B 56 -13.51 38.01 28.74
CA LEU B 56 -14.47 36.96 28.49
C LEU B 56 -15.92 37.39 28.63
N GLU B 57 -16.12 38.51 29.30
CA GLU B 57 -17.46 38.99 29.58
C GLU B 57 -18.32 39.02 28.31
N THR B 58 -17.78 39.55 27.22
CA THR B 58 -18.50 39.73 25.94
C THR B 58 -19.26 38.51 25.41
N GLU B 59 -18.68 37.32 25.59
CA GLU B 59 -19.37 36.06 25.30
C GLU B 59 -18.85 34.95 26.22
N PRO B 60 -19.65 34.57 27.23
CA PRO B 60 -19.21 33.62 28.24
C PRO B 60 -18.96 32.20 27.70
N ASP B 61 -19.37 31.95 26.46
CA ASP B 61 -19.21 30.61 25.92
C ASP B 61 -18.09 30.53 24.90
N LEU B 62 -17.40 29.40 24.91
CA LEU B 62 -16.37 29.14 23.94
C LEU B 62 -16.78 27.96 23.10
N PHE B 63 -17.14 28.25 21.85
CA PHE B 63 -17.70 27.26 20.92
C PHE B 63 -17.58 27.72 19.45
N ILE B 64 -17.86 26.78 18.55
CA ILE B 64 -17.97 27.04 17.11
C ILE B 64 -19.31 26.49 16.61
N ARG B 65 -20.01 27.24 15.76
CA ARG B 65 -21.30 26.78 15.24
C ARG B 65 -21.49 26.84 13.73
N ILE B 66 -21.54 25.66 13.11
CA ILE B 66 -21.90 25.51 11.70
C ILE B 66 -23.37 25.87 11.51
N THR B 67 -23.66 26.51 10.39
CA THR B 67 -25.00 26.99 10.08
C THR B 67 -25.23 26.99 8.57
N PRO B 68 -25.67 25.85 8.01
CA PRO B 68 -25.94 25.75 6.58
C PRO B 68 -27.17 26.55 6.20
N LYS B 69 -27.01 27.50 5.30
CA LYS B 69 -28.15 28.27 4.78
C LYS B 69 -28.29 28.13 3.26
N PRO B 70 -28.84 26.99 2.80
CA PRO B 70 -28.98 26.66 1.39
C PRO B 70 -29.71 27.74 0.60
N GLU B 71 -30.75 28.31 1.19
CA GLU B 71 -31.58 29.32 0.53
C GLU B 71 -30.79 30.35 -0.27
N GLN B 72 -29.60 30.71 0.20
CA GLN B 72 -28.72 31.62 -0.53
C GLN B 72 -27.41 30.92 -0.81
N LYS B 73 -27.42 29.60 -0.64
CA LYS B 73 -26.25 28.76 -0.87
C LYS B 73 -25.06 29.33 -0.10
N VAL B 74 -25.18 29.29 1.23
CA VAL B 74 -24.18 29.86 2.14
C VAL B 74 -23.90 28.95 3.32
N LEU B 75 -22.60 28.76 3.58
CA LEU B 75 -22.14 28.01 4.73
C LEU B 75 -21.48 28.93 5.75
N GLU B 76 -22.18 29.17 6.86
CA GLU B 76 -21.66 30.00 7.93
C GLU B 76 -20.89 29.15 8.92
N ILE B 77 -19.77 29.68 9.38
CA ILE B 77 -19.02 29.11 10.50
C ILE B 77 -18.87 30.15 11.61
N ARG B 78 -19.70 30.01 12.63
CA ARG B 78 -19.68 30.88 13.81
C ARG B 78 -18.61 30.41 14.80
N ASP B 79 -17.82 31.36 15.31
CA ASP B 79 -16.91 31.08 16.43
C ASP B 79 -16.85 32.24 17.43
N SER B 80 -16.79 31.90 18.71
CA SER B 80 -16.77 32.89 19.78
C SER B 80 -15.36 33.14 20.31
N GLY B 81 -14.36 32.73 19.52
CA GLY B 81 -12.95 33.00 19.82
C GLY B 81 -12.64 34.49 19.92
N ILE B 82 -11.37 34.84 19.71
CA ILE B 82 -10.93 36.21 19.94
C ILE B 82 -11.40 37.24 18.89
N GLY B 83 -11.53 36.82 17.63
CA GLY B 83 -11.92 37.70 16.51
C GLY B 83 -10.87 38.79 16.21
N MET B 84 -10.94 39.38 15.03
CA MET B 84 -9.89 40.32 14.64
C MET B 84 -10.36 41.75 14.61
N THR B 85 -9.44 42.67 14.92
CA THR B 85 -9.69 44.09 14.72
C THR B 85 -9.51 44.42 13.25
N LYS B 86 -9.86 45.64 12.85
CA LYS B 86 -9.65 46.10 11.47
C LYS B 86 -8.25 45.69 10.98
N ALA B 87 -7.22 46.22 11.63
CA ALA B 87 -5.83 45.95 11.26
C ALA B 87 -5.46 44.48 11.34
N GLU B 88 -6.08 43.75 12.26
CA GLU B 88 -5.83 42.31 12.41
C GLU B 88 -6.43 41.51 11.26
N LEU B 89 -7.34 42.11 10.52
CA LEU B 89 -7.85 41.46 9.32
C LEU B 89 -6.89 41.75 8.18
N ILE B 90 -6.70 43.03 7.89
CA ILE B 90 -5.76 43.47 6.88
C ILE B 90 -4.45 42.71 6.98
N ASN B 91 -3.67 43.01 8.01
CA ASN B 91 -2.38 42.40 8.20
C ASN B 91 -2.42 40.88 8.06
N ASN B 92 -3.16 40.21 8.93
CA ASN B 92 -3.11 38.75 9.04
C ASN B 92 -3.70 37.99 7.86
N LEU B 93 -4.29 38.73 6.91
CA LEU B 93 -4.80 38.11 5.69
C LEU B 93 -3.99 38.51 4.41
N GLY B 94 -2.68 38.72 4.58
CA GLY B 94 -1.72 38.67 3.50
C GLY B 94 -0.94 37.37 3.68
N THR B 95 -0.97 36.53 2.64
CA THR B 95 -0.59 35.10 2.70
C THR B 95 0.71 34.68 3.40
N ILE B 96 0.62 33.53 4.07
CA ILE B 96 1.76 32.76 4.63
C ILE B 96 2.44 33.47 5.76
N ALA B 97 3.22 34.48 5.41
CA ALA B 97 3.69 35.43 6.41
C ALA B 97 2.44 35.94 7.14
N LYS B 98 2.67 36.58 8.28
CA LYS B 98 1.60 36.83 9.22
C LYS B 98 0.74 35.56 9.47
N SER B 99 0.90 35.01 10.66
CA SER B 99 0.06 33.93 11.19
C SER B 99 -0.23 34.21 12.67
N GLY B 100 -1.37 33.71 13.17
CA GLY B 100 -1.67 33.71 14.60
C GLY B 100 -0.78 32.65 15.20
N THR B 101 0.49 32.97 15.19
CA THR B 101 1.54 32.09 15.63
C THR B 101 2.41 33.01 16.41
N LYS B 102 2.79 34.12 15.80
CA LYS B 102 3.38 35.25 16.53
C LYS B 102 2.83 35.31 17.95
N ALA B 103 1.50 35.19 18.04
CA ALA B 103 0.76 35.17 19.30
C ALA B 103 1.25 34.10 20.25
N PHE B 104 1.95 33.10 19.71
CA PHE B 104 2.39 31.95 20.49
C PHE B 104 3.90 31.79 20.32
N MET B 105 4.42 32.41 19.28
CA MET B 105 5.85 32.49 19.03
C MET B 105 6.51 33.04 20.29
N GLU B 106 5.95 34.13 20.81
CA GLU B 106 6.58 34.87 21.90
C GLU B 106 5.96 34.69 23.30
N ALA B 107 4.95 33.82 23.40
CA ALA B 107 4.29 33.53 24.68
C ALA B 107 5.25 33.31 25.85
N LEU B 108 6.18 32.34 25.72
CA LEU B 108 7.25 32.05 26.71
C LEU B 108 6.74 31.77 28.14
N SER B 109 5.42 31.76 28.30
CA SER B 109 4.79 31.89 29.61
C SER B 109 5.26 30.92 30.72
N ALA B 110 5.02 31.33 31.97
CA ALA B 110 5.38 30.54 33.16
C ALA B 110 4.47 29.32 33.34
N GLY B 111 3.48 29.18 32.45
CA GLY B 111 2.78 27.90 32.23
C GLY B 111 2.97 27.47 30.78
N ALA B 112 2.64 28.39 29.86
CA ALA B 112 2.91 28.28 28.42
C ALA B 112 2.17 27.14 27.72
N ASP B 113 0.84 27.23 27.70
CA ASP B 113 0.04 26.18 27.10
C ASP B 113 -0.38 26.43 25.65
N VAL B 114 -0.16 25.42 24.81
CA VAL B 114 -0.30 25.58 23.37
C VAL B 114 -1.33 24.68 22.70
N SER B 115 -2.47 24.44 23.36
CA SER B 115 -3.59 23.68 22.75
C SER B 115 -3.67 23.88 21.22
N MET B 116 -3.17 25.05 20.81
CA MET B 116 -3.34 25.64 19.48
C MET B 116 -2.05 25.65 18.69
N ILE B 117 -2.11 24.96 17.55
CA ILE B 117 -1.05 24.99 16.54
C ILE B 117 -1.68 25.07 15.13
N GLY B 118 -0.87 25.56 14.19
CA GLY B 118 -1.33 25.95 12.89
C GLY B 118 -0.49 27.12 12.44
N GLN B 119 0.39 26.89 11.48
CA GLN B 119 1.24 27.95 10.95
C GLN B 119 1.04 27.96 9.46
N PHE B 120 2.12 28.24 8.74
CA PHE B 120 2.09 28.25 7.29
C PHE B 120 1.35 29.50 6.93
N GLY B 121 0.19 29.68 7.56
CA GLY B 121 -0.59 30.86 7.37
C GLY B 121 -1.23 30.84 5.99
N VAL B 122 -1.64 29.65 5.56
CA VAL B 122 -2.35 29.52 4.30
C VAL B 122 -3.75 28.98 4.51
N GLY B 123 -3.84 27.97 5.36
CA GLY B 123 -5.07 27.20 5.61
C GLY B 123 -6.39 27.90 5.32
N PHE B 124 -6.41 29.21 5.53
CA PHE B 124 -7.61 30.01 5.34
C PHE B 124 -8.05 30.03 3.90
N TYR B 125 -7.07 30.26 3.01
CA TYR B 125 -7.32 30.45 1.59
C TYR B 125 -7.91 29.21 0.96
N SER B 126 -7.65 28.08 1.59
CA SER B 126 -8.17 26.79 1.12
C SER B 126 -9.69 26.75 1.07
N LEU B 127 -10.33 27.74 1.68
CA LEU B 127 -11.79 27.83 1.65
C LEU B 127 -12.27 28.04 0.21
N PHE B 128 -11.43 28.68 -0.60
CA PHE B 128 -11.78 28.94 -1.98
C PHE B 128 -11.87 27.68 -2.82
N LEU B 129 -11.24 26.61 -2.35
CA LEU B 129 -11.46 25.29 -2.94
C LEU B 129 -12.92 24.98 -3.15
N VAL B 130 -13.77 25.40 -2.22
CA VAL B 130 -15.19 25.12 -2.32
C VAL B 130 -16.04 26.40 -2.31
N ALA B 131 -15.41 27.54 -2.06
CA ALA B 131 -16.15 28.79 -2.03
C ALA B 131 -15.75 29.73 -3.14
N ASP B 132 -16.75 30.26 -3.84
CA ASP B 132 -16.56 31.23 -4.92
C ASP B 132 -16.21 32.62 -4.39
N ARG B 133 -16.98 33.04 -3.39
CA ARG B 133 -16.74 34.29 -2.66
C ARG B 133 -16.81 33.99 -1.17
N VAL B 134 -15.98 34.68 -0.39
CA VAL B 134 -16.00 34.57 1.08
C VAL B 134 -16.49 35.84 1.77
N GLN B 135 -17.03 35.68 2.97
CA GLN B 135 -17.53 36.78 3.75
C GLN B 135 -17.05 36.58 5.17
N VAL B 136 -16.08 37.38 5.59
CA VAL B 136 -15.60 37.32 6.98
C VAL B 136 -16.17 38.46 7.79
N ILE B 137 -16.90 38.10 8.84
CA ILE B 137 -17.38 39.10 9.78
C ILE B 137 -16.83 38.76 11.15
N SER B 138 -15.99 39.66 11.66
CA SER B 138 -15.34 39.46 12.94
C SER B 138 -15.59 40.67 13.80
N LYS B 139 -15.62 40.43 15.11
CA LYS B 139 -15.78 41.47 16.11
C LYS B 139 -14.84 41.07 17.25
N SER B 140 -13.86 41.92 17.50
CA SER B 140 -13.04 41.76 18.69
C SER B 140 -13.36 42.85 19.68
N ASN B 141 -13.44 42.48 20.96
CA ASN B 141 -13.64 43.47 22.01
C ASN B 141 -12.45 44.44 22.08
N ASP B 142 -11.85 44.66 20.92
CA ASP B 142 -10.82 45.68 20.74
C ASP B 142 -11.20 46.68 19.63
N ASP B 143 -12.15 46.29 18.79
CA ASP B 143 -12.71 47.19 17.78
C ASP B 143 -14.17 46.83 17.48
N GLU B 144 -14.74 47.50 16.49
CA GLU B 144 -16.11 47.26 16.08
C GLU B 144 -16.23 46.03 15.19
N GLN B 145 -17.40 45.92 14.53
CA GLN B 145 -17.67 44.81 13.64
C GLN B 145 -17.27 45.16 12.20
N TYR B 146 -16.12 44.63 11.76
CA TYR B 146 -15.60 44.83 10.42
C TYR B 146 -15.82 43.62 9.50
N ILE B 147 -16.11 43.93 8.24
CA ILE B 147 -16.45 42.93 7.25
C ILE B 147 -15.40 42.90 6.15
N TRP B 148 -14.86 41.71 5.94
CA TRP B 148 -13.73 41.47 5.07
C TRP B 148 -14.19 40.47 4.05
N GLU B 149 -14.12 40.88 2.78
CA GLU B 149 -14.78 40.13 1.72
C GLU B 149 -13.83 40.00 0.54
N SER B 150 -13.66 38.77 0.07
CA SER B 150 -12.88 38.53 -1.16
C SER B 150 -13.46 37.44 -2.06
N ASN B 151 -12.90 37.37 -3.26
CA ASN B 151 -13.28 36.44 -4.31
C ASN B 151 -12.02 35.86 -4.91
N ALA B 152 -11.11 35.43 -4.03
CA ALA B 152 -9.83 34.83 -4.43
C ALA B 152 -9.00 35.69 -5.38
N GLY B 153 -9.36 36.97 -5.51
CA GLY B 153 -8.71 37.88 -6.48
C GLY B 153 -7.32 38.32 -6.10
N GLY B 154 -6.94 39.52 -6.52
CA GLY B 154 -5.70 40.13 -6.04
C GLY B 154 -6.01 41.16 -4.96
N SER B 155 -7.30 41.28 -4.62
CA SER B 155 -7.81 42.34 -3.77
C SER B 155 -8.81 41.84 -2.73
N PHE B 156 -8.96 42.63 -1.67
CA PHE B 156 -9.96 42.39 -0.64
C PHE B 156 -10.51 43.70 -0.08
N THR B 157 -11.74 43.65 0.40
CA THR B 157 -12.46 44.82 0.87
C THR B 157 -12.72 44.77 2.37
N VAL B 158 -12.66 45.93 3.00
CA VAL B 158 -12.95 46.05 4.43
C VAL B 158 -13.94 47.17 4.66
N THR B 159 -15.02 46.83 5.37
CA THR B 159 -16.06 47.81 5.66
C THR B 159 -16.59 47.57 7.07
N LEU B 160 -17.07 48.65 7.68
CA LEU B 160 -17.68 48.58 8.99
C LEU B 160 -19.11 48.08 8.81
N ASP B 161 -19.44 47.01 9.51
CA ASP B 161 -20.77 46.42 9.40
C ASP B 161 -21.80 47.34 10.02
N GLU B 162 -22.60 47.98 9.17
CA GLU B 162 -23.62 48.92 9.65
C GLU B 162 -24.91 48.18 10.00
N VAL B 163 -25.44 47.40 9.07
CA VAL B 163 -26.60 46.54 9.34
C VAL B 163 -26.25 45.08 9.04
N ASN B 164 -26.63 44.21 9.98
CA ASN B 164 -26.34 42.77 9.99
C ASN B 164 -26.07 42.37 11.43
N GLU B 165 -26.85 41.42 11.95
CA GLU B 165 -26.89 41.08 13.39
C GLU B 165 -25.51 41.11 14.04
N ARG B 166 -25.41 41.84 15.14
CA ARG B 166 -24.17 41.94 15.91
C ARG B 166 -23.85 40.62 16.58
N ILE B 167 -22.58 40.47 16.95
CA ILE B 167 -22.17 39.29 17.69
C ILE B 167 -21.36 39.75 18.89
N GLY B 168 -21.34 38.91 19.92
CA GLY B 168 -20.70 39.26 21.18
C GLY B 168 -19.22 39.47 20.98
N ARG B 169 -18.57 38.39 20.54
CA ARG B 169 -17.14 38.39 20.30
C ARG B 169 -16.81 37.20 19.41
N GLY B 170 -15.86 37.41 18.50
CA GLY B 170 -15.36 36.34 17.64
C GLY B 170 -15.56 36.57 16.17
N THR B 171 -15.84 35.50 15.44
CA THR B 171 -15.90 35.57 13.99
C THR B 171 -16.98 34.65 13.37
N ILE B 172 -17.59 35.15 12.30
CA ILE B 172 -18.48 34.34 11.50
C ILE B 172 -17.94 34.29 10.08
N LEU B 173 -17.93 33.10 9.50
CA LEU B 173 -17.46 32.91 8.13
C LEU B 173 -18.58 32.53 7.18
N ARG B 174 -18.79 33.35 6.16
CA ARG B 174 -19.80 33.03 5.16
C ARG B 174 -19.13 32.44 3.92
N LEU B 175 -19.54 31.21 3.60
CA LEU B 175 -19.06 30.57 2.40
C LEU B 175 -20.16 30.56 1.36
N PHE B 176 -19.85 31.09 0.19
CA PHE B 176 -20.71 31.01 -0.97
C PHE B 176 -20.05 29.97 -1.83
N LEU B 177 -20.63 28.78 -1.82
CA LEU B 177 -20.00 27.63 -2.45
C LEU B 177 -20.10 27.66 -3.98
N LYS B 178 -19.04 27.16 -4.63
CA LYS B 178 -19.04 26.93 -6.08
C LYS B 178 -20.29 26.14 -6.45
N ASP B 179 -21.00 26.60 -7.48
CA ASP B 179 -22.40 26.23 -7.72
C ASP B 179 -22.75 24.73 -7.72
N ASP B 180 -21.79 23.89 -7.35
CA ASP B 180 -21.95 22.44 -7.34
C ASP B 180 -21.52 21.87 -5.99
N GLN B 181 -20.65 22.61 -5.30
CA GLN B 181 -20.12 22.18 -4.02
C GLN B 181 -21.18 22.12 -2.92
N LEU B 182 -22.44 22.18 -3.33
CA LEU B 182 -23.58 22.16 -2.43
C LEU B 182 -23.68 20.85 -1.65
N GLU B 183 -22.75 19.94 -1.93
CA GLU B 183 -22.57 18.73 -1.14
C GLU B 183 -22.33 19.12 0.31
N TYR B 184 -21.79 20.31 0.51
CA TYR B 184 -21.42 20.77 1.84
C TYR B 184 -22.49 21.54 2.60
N LEU B 185 -23.69 21.61 2.05
CA LEU B 185 -24.81 22.14 2.81
C LEU B 185 -25.58 20.98 3.38
N GLU B 186 -25.09 19.77 3.11
CA GLU B 186 -25.78 18.57 3.52
C GLU B 186 -25.41 18.19 4.94
N GLU B 187 -26.44 17.90 5.74
CA GLU B 187 -26.25 17.51 7.13
C GLU B 187 -25.23 16.39 7.23
N LYS B 188 -25.62 15.21 6.75
CA LYS B 188 -24.76 14.03 6.76
C LYS B 188 -23.31 14.35 6.34
N ARG B 189 -23.13 15.19 5.32
CA ARG B 189 -21.78 15.48 4.84
C ARG B 189 -20.95 16.22 5.88
N ILE B 190 -21.52 17.25 6.49
CA ILE B 190 -20.77 18.04 7.45
C ILE B 190 -20.45 17.18 8.68
N LYS B 191 -21.40 16.36 9.06
CA LYS B 191 -21.20 15.38 10.11
C LYS B 191 -20.10 14.41 9.72
N GLU B 192 -20.12 13.93 8.48
CA GLU B 192 -19.11 13.01 7.97
C GLU B 192 -17.74 13.60 8.13
N VAL B 193 -17.63 14.86 7.69
CA VAL B 193 -16.36 15.55 7.56
C VAL B 193 -15.80 15.84 8.93
N ILE B 194 -16.53 16.66 9.69
CA ILE B 194 -16.05 17.08 11.00
C ILE B 194 -15.85 15.87 11.88
N LYS B 195 -16.91 15.12 12.09
CA LYS B 195 -16.83 13.98 12.98
C LYS B 195 -15.86 12.91 12.45
N ARG B 196 -14.81 13.34 11.76
CA ARG B 196 -13.78 12.44 11.21
C ARG B 196 -12.41 13.14 11.01
N HIS B 197 -12.45 14.46 10.86
CA HIS B 197 -11.26 15.26 10.65
C HIS B 197 -10.91 16.11 11.88
N SER B 198 -11.95 16.59 12.56
CA SER B 198 -11.81 17.58 13.61
C SER B 198 -12.57 17.09 14.84
N GLU B 199 -12.59 15.78 15.01
CA GLU B 199 -13.42 15.19 16.03
C GLU B 199 -12.98 15.64 17.40
N PHE B 200 -11.69 15.46 17.69
CA PHE B 200 -11.11 15.66 19.01
C PHE B 200 -10.61 17.06 19.25
N VAL B 201 -11.43 18.06 18.94
CA VAL B 201 -11.08 19.45 19.27
C VAL B 201 -11.35 19.76 20.74
N ALA B 202 -10.76 20.86 21.19
CA ALA B 202 -10.88 21.31 22.55
C ALA B 202 -12.22 22.02 22.73
N TYR B 203 -12.95 22.20 21.65
CA TYR B 203 -14.16 22.99 21.72
C TYR B 203 -15.38 22.29 21.18
N PRO B 204 -16.54 22.61 21.76
CA PRO B 204 -17.80 22.06 21.29
C PRO B 204 -17.96 22.40 19.83
N ILE B 205 -18.50 21.44 19.09
CA ILE B 205 -18.50 21.50 17.64
C ILE B 205 -19.94 21.70 17.14
N GLN B 206 -20.50 22.87 17.43
CA GLN B 206 -21.94 23.10 17.29
C GLN B 206 -22.42 23.16 15.85
N LEU B 207 -23.58 22.55 15.59
CA LEU B 207 -24.18 22.54 14.24
C LEU B 207 -25.69 22.71 14.19
N VAL B 208 -26.14 23.85 13.67
CA VAL B 208 -27.58 24.09 13.46
C VAL B 208 -28.12 23.16 12.38
N VAL B 209 -29.28 22.56 12.60
CA VAL B 209 -29.93 21.81 11.52
C VAL B 209 -31.44 21.88 11.56
N THR B 210 -31.98 22.98 11.04
CA THR B 210 -33.43 23.13 10.92
C THR B 210 -34.08 21.82 10.45
N LYS B 211 -34.95 21.30 11.32
CA LYS B 211 -35.66 20.03 11.18
C LYS B 211 -37.00 20.23 11.90
N GLU B 212 -38.10 19.95 11.21
CA GLU B 212 -39.45 20.26 11.73
C GLU B 212 -40.32 19.02 11.95
N VAL B 213 -41.20 19.11 12.96
CA VAL B 213 -42.19 18.06 13.28
C VAL B 213 -43.60 18.64 13.14
N GLU B 214 -43.70 19.77 12.43
CA GLU B 214 -44.95 20.50 12.20
C GLU B 214 -46.06 19.69 11.54
N LYS B 215 -47.29 19.89 12.02
CA LYS B 215 -48.47 19.26 11.46
C LYS B 215 -48.86 19.93 10.13
N GLU B 216 -48.98 19.11 9.08
CA GLU B 216 -49.46 19.57 7.76
C GLU B 216 -50.96 19.30 7.58
N GLU B 262 -40.74 26.13 12.67
CA GLU B 262 -39.71 25.36 11.97
C GLU B 262 -38.83 24.55 12.91
N GLU B 263 -38.60 25.09 14.11
CA GLU B 263 -37.79 24.45 15.16
C GLU B 263 -36.34 24.20 14.75
N VAL B 264 -35.56 25.26 14.90
CA VAL B 264 -34.11 25.23 14.82
C VAL B 264 -33.60 24.39 15.99
N GLN B 265 -32.36 23.92 15.92
CA GLN B 265 -31.73 23.32 17.09
C GLN B 265 -30.20 23.32 17.10
N GLU B 266 -29.64 24.27 17.86
CA GLU B 266 -28.23 24.32 18.24
C GLU B 266 -27.79 22.97 18.75
N ILE B 267 -27.19 22.15 17.88
CA ILE B 267 -26.84 20.79 18.31
C ILE B 267 -25.42 20.31 18.04
N GLU B 268 -25.26 19.01 18.27
CA GLU B 268 -23.99 18.30 18.23
C GLU B 268 -22.97 18.89 19.20
N GLU B 269 -23.33 18.86 20.46
CA GLU B 269 -22.36 18.95 21.54
C GLU B 269 -22.04 17.49 21.85
N LEU B 270 -21.94 16.69 20.79
CA LEU B 270 -22.12 15.23 20.83
C LEU B 270 -20.83 14.43 20.56
N ASN B 271 -20.08 14.07 21.60
CA ASN B 271 -20.40 14.37 22.99
C ASN B 271 -19.25 13.89 23.86
N LYS B 272 -18.90 12.61 23.67
CA LYS B 272 -17.62 12.02 24.07
C LYS B 272 -16.67 12.20 22.87
N THR B 273 -16.82 13.36 22.23
CA THR B 273 -15.81 13.98 21.42
C THR B 273 -14.49 13.76 22.17
N LYS B 274 -14.40 14.37 23.34
CA LYS B 274 -13.24 14.35 24.26
C LYS B 274 -12.09 13.32 24.10
N PRO B 275 -10.84 13.82 24.02
CA PRO B 275 -9.55 13.16 23.85
C PRO B 275 -8.96 12.49 25.09
N LEU B 276 -9.29 11.22 25.26
CA LEU B 276 -8.86 10.46 26.43
C LEU B 276 -7.35 10.26 26.62
N TRP B 277 -6.53 10.92 25.81
CA TRP B 277 -5.07 10.80 26.02
C TRP B 277 -4.49 12.05 26.70
N THR B 278 -5.32 13.08 26.79
CA THR B 278 -4.89 14.34 27.37
C THR B 278 -4.95 14.26 28.89
N ARG B 279 -5.59 13.22 29.41
CA ARG B 279 -5.75 13.12 30.86
C ARG B 279 -4.99 11.95 31.45
N ASN B 280 -4.50 12.18 32.67
CA ASN B 280 -3.73 11.21 33.43
C ASN B 280 -4.43 9.87 33.47
N PRO B 281 -3.69 8.79 33.11
CA PRO B 281 -4.11 7.41 33.30
C PRO B 281 -4.91 7.19 34.60
N SER B 282 -4.29 7.45 35.76
CA SER B 282 -4.98 7.31 37.03
C SER B 282 -6.39 7.91 36.97
N ASP B 283 -6.52 9.00 36.23
CA ASP B 283 -7.77 9.75 36.14
C ASP B 283 -8.80 9.11 35.23
N ILE B 284 -8.62 7.82 34.98
CA ILE B 284 -9.50 7.08 34.11
C ILE B 284 -9.46 5.67 34.64
N THR B 285 -10.57 4.97 34.55
CA THR B 285 -10.59 3.51 34.70
C THR B 285 -11.50 2.98 33.58
N GLN B 286 -11.86 1.69 33.66
CA GLN B 286 -12.87 1.11 32.76
C GLN B 286 -14.11 1.99 32.74
N GLU B 287 -14.95 1.79 31.72
CA GLU B 287 -16.14 2.62 31.52
C GLU B 287 -15.78 3.94 30.86
N GLU B 288 -14.50 4.31 30.90
CA GLU B 288 -14.04 5.56 30.30
C GLU B 288 -13.09 5.25 29.14
N TYR B 289 -12.21 4.28 29.36
CA TYR B 289 -11.35 3.79 28.31
C TYR B 289 -12.18 3.02 27.32
N ASN B 290 -12.98 2.08 27.82
CA ASN B 290 -13.78 1.26 26.92
C ASN B 290 -14.86 2.08 26.18
N ALA B 291 -15.42 3.10 26.83
CA ALA B 291 -16.43 3.93 26.18
C ALA B 291 -15.84 4.74 25.02
N PHE B 292 -14.54 4.93 25.09
CA PHE B 292 -13.79 5.64 24.09
C PHE B 292 -13.61 4.72 22.90
N TYR B 293 -12.95 3.59 23.14
CA TYR B 293 -12.84 2.51 22.18
C TYR B 293 -14.07 2.42 21.28
N LYS B 294 -15.23 2.24 21.90
CA LYS B 294 -16.52 2.07 21.21
C LYS B 294 -16.83 3.20 20.23
N SER B 295 -16.45 4.42 20.60
CA SER B 295 -16.72 5.58 19.77
C SER B 295 -15.75 5.66 18.58
N ILE B 296 -14.48 5.37 18.83
CA ILE B 296 -13.44 5.48 17.81
C ILE B 296 -13.33 4.27 16.89
N SER B 297 -14.18 3.26 17.10
CA SER B 297 -14.08 2.02 16.33
C SER B 297 -15.42 1.36 16.05
N ASN B 298 -16.50 2.13 16.06
CA ASN B 298 -17.87 1.64 15.84
C ASN B 298 -18.07 0.17 16.26
N ASP B 299 -17.55 -0.19 17.43
CA ASP B 299 -17.59 -1.57 17.94
C ASP B 299 -18.72 -1.72 18.95
N TRP B 300 -19.15 -2.96 19.18
CA TRP B 300 -20.23 -3.26 20.14
C TRP B 300 -19.76 -3.89 21.47
N GLU B 301 -18.65 -4.64 21.45
CA GLU B 301 -18.13 -5.29 22.68
C GLU B 301 -17.02 -4.49 23.35
N ASP B 302 -16.72 -4.87 24.59
CA ASP B 302 -15.71 -4.20 25.41
C ASP B 302 -14.31 -4.63 25.03
N PRO B 303 -13.38 -3.67 24.94
CA PRO B 303 -11.97 -3.98 24.71
C PRO B 303 -11.36 -4.83 25.81
N LEU B 304 -10.92 -6.03 25.44
CA LEU B 304 -10.31 -6.96 26.38
C LEU B 304 -9.29 -6.28 27.27
N TYR B 305 -8.55 -5.34 26.71
CA TYR B 305 -7.48 -4.71 27.46
C TYR B 305 -7.31 -3.32 26.91
N VAL B 306 -6.37 -2.57 27.46
CA VAL B 306 -6.11 -1.22 26.99
C VAL B 306 -4.75 -0.78 27.51
N LYS B 307 -4.04 -0.06 26.66
CA LYS B 307 -2.74 0.48 26.99
C LYS B 307 -2.65 1.97 26.66
N HIS B 308 -2.88 2.80 27.68
CA HIS B 308 -2.58 4.22 27.60
C HIS B 308 -1.10 4.34 27.91
N PHE B 309 -0.47 5.40 27.42
CA PHE B 309 0.93 5.71 27.73
C PHE B 309 1.42 6.87 26.90
N SER B 310 2.64 7.30 27.17
CA SER B 310 3.30 8.31 26.35
C SER B 310 4.77 7.98 26.22
N VAL B 311 5.44 8.79 25.41
CA VAL B 311 6.88 8.74 25.26
C VAL B 311 7.29 10.18 25.15
N GLU B 312 8.41 10.50 25.78
CA GLU B 312 8.91 11.86 25.69
C GLU B 312 10.40 11.84 25.44
N GLY B 313 10.98 13.03 25.38
CA GLY B 313 12.36 13.20 24.97
C GLY B 313 12.33 14.22 23.85
N GLN B 314 12.54 13.75 22.62
CA GLN B 314 12.51 14.66 21.49
C GLN B 314 11.46 14.25 20.47
N LEU B 315 10.79 13.13 20.74
CA LEU B 315 9.66 12.70 19.92
C LEU B 315 8.41 13.32 20.51
N GLU B 316 8.10 12.92 21.75
CA GLU B 316 6.96 13.44 22.51
C GLU B 316 5.64 13.12 21.79
N PHE B 317 5.11 11.94 22.09
CA PHE B 317 3.80 11.58 21.59
C PHE B 317 3.10 10.69 22.61
N ARG B 318 1.79 10.82 22.66
CA ARG B 318 0.96 10.01 23.55
C ARG B 318 0.21 8.98 22.71
N ALA B 319 -0.35 7.95 23.36
CA ALA B 319 -0.99 6.87 22.63
C ALA B 319 -1.92 6.03 23.48
N ILE B 320 -3.10 5.74 22.94
CA ILE B 320 -3.99 4.75 23.53
C ILE B 320 -4.20 3.62 22.55
N LEU B 321 -4.19 2.40 23.06
CA LEU B 321 -4.26 1.20 22.21
C LEU B 321 -5.06 0.10 22.89
N PHE B 322 -5.85 -0.61 22.09
CA PHE B 322 -6.82 -1.55 22.64
C PHE B 322 -6.66 -2.90 22.00
N ILE B 323 -6.61 -3.92 22.84
CA ILE B 323 -6.82 -5.28 22.37
C ILE B 323 -8.32 -5.58 22.47
N PRO B 324 -8.98 -5.81 21.31
CA PRO B 324 -10.42 -6.08 21.27
C PRO B 324 -10.77 -7.47 21.78
N LYS B 325 -12.05 -7.66 22.11
CA LYS B 325 -12.52 -8.88 22.73
C LYS B 325 -12.50 -10.01 21.70
N ARG B 326 -12.96 -9.73 20.49
CA ARG B 326 -13.00 -10.72 19.42
C ARG B 326 -12.23 -10.26 18.17
N ALA B 327 -11.80 -11.24 17.37
CA ALA B 327 -11.23 -10.98 16.05
C ALA B 327 -12.36 -10.67 15.06
N PRO B 328 -12.17 -9.64 14.20
CA PRO B 328 -13.19 -8.92 13.44
C PRO B 328 -14.60 -9.52 13.27
N PHE B 329 -14.82 -10.64 12.56
CA PHE B 329 -13.85 -11.51 11.89
C PHE B 329 -13.92 -11.29 10.37
N ASP B 330 -12.85 -10.71 9.81
CA ASP B 330 -12.77 -10.42 8.37
C ASP B 330 -11.80 -11.38 7.68
N LEU B 331 -10.53 -10.98 7.62
CA LEU B 331 -9.45 -11.84 7.13
C LEU B 331 -8.37 -12.02 8.23
N PHE B 332 -7.15 -11.49 8.09
CA PHE B 332 -6.67 -10.71 6.95
C PHE B 332 -5.15 -10.76 6.76
N GLU B 333 -4.75 -10.74 5.49
CA GLU B 333 -3.47 -10.19 5.06
C GLU B 333 -3.64 -9.83 3.58
N SER B 334 -4.78 -9.22 3.27
CA SER B 334 -5.03 -8.75 1.92
C SER B 334 -4.15 -7.51 1.66
N LYS B 335 -3.72 -6.87 2.75
CA LYS B 335 -3.00 -5.59 2.70
C LYS B 335 -3.86 -4.48 2.07
N LYS B 336 -5.08 -4.83 1.69
CA LYS B 336 -6.01 -3.92 1.03
C LYS B 336 -6.80 -3.09 2.03
N LYS B 337 -6.95 -3.62 3.24
CA LYS B 337 -7.94 -3.12 4.20
C LYS B 337 -7.37 -2.35 5.39
N LYS B 338 -6.33 -2.90 6.02
CA LYS B 338 -5.90 -2.45 7.35
C LYS B 338 -5.45 -1.00 7.41
N ASN B 339 -5.88 -0.31 8.46
CA ASN B 339 -5.44 1.06 8.80
C ASN B 339 -6.17 1.64 10.03
N ASN B 340 -5.94 1.06 11.20
CA ASN B 340 -6.75 1.41 12.38
C ASN B 340 -6.22 2.51 13.31
N ILE B 341 -4.91 2.56 13.48
CA ILE B 341 -4.28 3.56 14.35
C ILE B 341 -4.24 4.95 13.69
N LYS B 342 -5.24 5.77 14.04
CA LYS B 342 -5.40 7.09 13.47
C LYS B 342 -4.45 8.07 14.14
N LEU B 343 -3.75 8.86 13.36
CA LEU B 343 -2.75 9.76 13.93
C LEU B 343 -3.16 11.24 13.94
N TYR B 344 -2.97 11.91 15.08
CA TYR B 344 -3.28 13.32 15.22
C TYR B 344 -2.09 14.08 15.69
N VAL B 345 -1.88 15.26 15.11
CA VAL B 345 -0.85 16.16 15.59
C VAL B 345 -1.60 17.32 16.14
N ARG B 346 -1.27 17.68 17.38
CA ARG B 346 -1.82 18.85 18.06
C ARG B 346 -3.34 18.87 17.95
N ARG B 347 -3.95 17.71 18.19
CA ARG B 347 -5.40 17.57 18.24
C ARG B 347 -6.06 17.35 16.89
N VAL B 348 -5.46 17.85 15.81
CA VAL B 348 -6.09 17.71 14.49
C VAL B 348 -5.74 16.39 13.87
N PHE B 349 -6.70 15.82 13.14
CA PHE B 349 -6.48 14.56 12.48
C PHE B 349 -5.48 14.78 11.40
N ILE B 350 -4.48 13.91 11.31
CA ILE B 350 -3.57 13.94 10.18
C ILE B 350 -4.00 12.79 9.28
N THR B 351 -3.24 11.70 9.31
CA THR B 351 -3.57 10.51 8.56
C THR B 351 -4.02 9.40 9.49
N ASP B 352 -4.41 8.27 8.91
CA ASP B 352 -4.48 7.02 9.64
C ASP B 352 -3.76 6.03 8.77
N GLU B 353 -3.16 5.01 9.38
CA GLU B 353 -2.41 4.01 8.61
C GLU B 353 -2.28 2.64 9.28
N ALA B 354 -1.74 1.72 8.50
CA ALA B 354 -1.15 0.51 9.05
C ALA B 354 0.37 0.63 8.86
N GLU B 355 0.89 -0.21 7.96
CA GLU B 355 2.33 -0.52 7.84
C GLU B 355 3.31 0.66 7.76
N ASP B 356 3.46 1.35 8.87
CA ASP B 356 4.48 2.37 9.02
C ASP B 356 4.75 2.37 10.51
N LEU B 357 3.65 2.42 11.27
CA LEU B 357 3.64 2.38 12.73
C LEU B 357 3.53 0.93 13.21
N ILE B 358 2.56 0.21 12.66
CA ILE B 358 2.21 -1.12 13.14
C ILE B 358 2.51 -2.25 12.15
N PRO B 359 3.39 -3.19 12.56
CA PRO B 359 3.65 -4.37 11.74
C PRO B 359 2.39 -5.15 11.45
N GLU B 360 2.28 -5.61 10.21
CA GLU B 360 1.18 -6.44 9.72
C GLU B 360 0.41 -7.18 10.83
N TRP B 361 1.12 -8.01 11.58
CA TRP B 361 0.51 -9.00 12.47
C TRP B 361 -0.19 -8.41 13.71
N LEU B 362 0.14 -7.15 14.02
CA LEU B 362 -0.53 -6.45 15.11
C LEU B 362 -1.73 -5.67 14.58
N SER B 363 -1.90 -5.72 13.26
CA SER B 363 -3.10 -5.25 12.59
C SER B 363 -4.22 -4.81 13.52
N PHE B 364 -4.83 -5.81 14.15
CA PHE B 364 -6.07 -5.71 14.95
C PHE B 364 -6.11 -4.60 16.00
N VAL B 365 -4.94 -4.27 16.53
CA VAL B 365 -4.82 -3.26 17.56
C VAL B 365 -5.39 -1.93 17.07
N LYS B 366 -6.59 -1.62 17.52
CA LYS B 366 -7.20 -0.32 17.27
C LYS B 366 -6.54 0.66 18.23
N GLY B 367 -6.29 1.87 17.78
CA GLY B 367 -5.51 2.80 18.58
C GLY B 367 -5.70 4.25 18.26
N VAL B 368 -4.69 5.05 18.55
CA VAL B 368 -4.64 6.49 18.25
C VAL B 368 -3.37 7.09 18.82
N VAL B 369 -2.72 7.95 18.04
CA VAL B 369 -1.51 8.60 18.47
C VAL B 369 -1.65 10.12 18.34
N ASP B 370 -0.84 10.83 19.13
CA ASP B 370 -0.82 12.28 19.07
C ASP B 370 0.51 12.84 19.55
N SER B 371 0.99 13.84 18.84
CA SER B 371 2.17 14.60 19.24
C SER B 371 1.85 16.08 19.17
N GLU B 372 2.53 16.84 20.02
CA GLU B 372 2.48 18.29 19.97
C GLU B 372 3.60 18.70 19.04
N ASP B 373 4.68 17.95 19.12
CA ASP B 373 5.95 18.21 18.45
C ASP B 373 5.77 17.87 16.98
N LEU B 374 4.99 18.72 16.30
CA LEU B 374 4.49 18.45 14.94
C LEU B 374 5.56 17.93 13.95
N PRO B 375 5.58 16.61 13.74
CA PRO B 375 6.57 15.88 12.93
C PRO B 375 6.88 16.57 11.59
N LEU B 376 6.06 17.57 11.28
CA LEU B 376 6.31 18.70 10.35
C LEU B 376 5.24 18.84 9.30
N ASN B 377 5.09 17.80 8.48
CA ASN B 377 4.02 17.70 7.48
C ASN B 377 4.14 18.69 6.32
N LEU B 378 4.28 18.18 5.10
CA LEU B 378 3.97 19.04 3.98
C LEU B 378 2.47 19.29 4.11
N SER B 379 2.02 20.45 3.66
CA SER B 379 0.73 20.99 4.04
C SER B 379 -0.42 19.98 4.38
N ARG B 380 -0.29 19.45 5.59
CA ARG B 380 -1.34 18.79 6.40
C ARG B 380 -1.96 17.48 5.90
N GLU B 381 -1.14 16.45 5.69
CA GLU B 381 -1.68 15.10 5.43
C GLU B 381 -0.70 13.95 5.61
N MET B 382 0.57 14.28 5.81
CA MET B 382 1.50 13.29 6.36
C MET B 382 2.82 13.92 6.71
N LEU B 383 3.38 13.41 7.80
CA LEU B 383 4.67 13.82 8.33
C LEU B 383 5.61 14.22 7.22
N GLN B 384 5.80 13.29 6.31
CA GLN B 384 6.97 13.28 5.50
C GLN B 384 8.19 13.47 6.40
N GLN B 385 8.49 12.37 7.11
CA GLN B 385 9.85 11.99 7.45
C GLN B 385 9.71 10.65 8.15
N ASN B 386 9.76 9.58 7.37
CA ASN B 386 9.43 8.25 7.87
C ASN B 386 10.48 7.62 8.78
N LYS B 387 11.46 8.43 9.17
CA LYS B 387 12.35 8.09 10.26
C LYS B 387 11.55 8.22 11.56
N ILE B 388 10.72 9.26 11.62
CA ILE B 388 9.74 9.45 12.68
C ILE B 388 8.93 8.16 12.80
N MET B 389 8.26 7.83 11.70
CA MET B 389 7.48 6.63 11.60
C MET B 389 8.11 5.44 12.30
N LYS B 390 9.31 5.10 11.86
CA LYS B 390 10.02 3.95 12.39
C LYS B 390 10.04 3.96 13.91
N VAL B 391 10.38 5.10 14.50
CA VAL B 391 10.51 5.18 15.95
C VAL B 391 9.20 4.86 16.68
N ILE B 392 8.14 5.58 16.33
CA ILE B 392 6.83 5.35 16.90
C ILE B 392 6.45 3.89 16.81
N ARG B 393 6.86 3.26 15.72
CA ARG B 393 6.66 1.83 15.54
C ARG B 393 7.35 1.03 16.65
N LYS B 394 8.65 1.28 16.86
CA LYS B 394 9.41 0.58 17.89
C LYS B 394 8.60 0.55 19.17
N ASN B 395 8.19 1.73 19.62
CA ASN B 395 7.45 1.89 20.87
C ASN B 395 6.12 1.19 20.85
N ILE B 396 5.28 1.56 19.90
CA ILE B 396 3.96 0.95 19.80
C ILE B 396 4.07 -0.58 19.74
N VAL B 397 5.27 -1.08 19.51
CA VAL B 397 5.51 -2.51 19.64
C VAL B 397 5.97 -2.82 21.07
N LYS B 398 7.14 -2.30 21.47
CA LYS B 398 7.68 -2.55 22.80
C LYS B 398 6.60 -2.40 23.88
N LYS B 399 5.91 -1.26 23.86
CA LYS B 399 4.82 -1.00 24.79
C LYS B 399 3.70 -2.00 24.64
N LEU B 400 3.38 -2.34 23.39
CA LEU B 400 2.24 -3.22 23.12
C LEU B 400 2.54 -4.66 23.45
N ILE B 401 3.83 -5.01 23.49
CA ILE B 401 4.25 -6.37 23.83
C ILE B 401 4.04 -6.63 25.31
N GLU B 402 4.58 -5.74 26.15
CA GLU B 402 4.42 -5.86 27.59
C GLU B 402 2.95 -5.96 27.94
N ALA B 403 2.10 -5.29 27.15
CA ALA B 403 0.66 -5.37 27.33
C ALA B 403 0.14 -6.79 27.20
N PHE B 404 0.73 -7.58 26.30
CA PHE B 404 0.38 -9.00 26.21
C PHE B 404 0.95 -9.67 27.44
N ASN B 405 2.25 -9.43 27.67
CA ASN B 405 2.95 -9.95 28.83
C ASN B 405 2.21 -9.69 30.12
N GLU B 406 1.39 -8.66 30.11
CA GLU B 406 0.51 -8.35 31.24
C GLU B 406 -0.73 -9.24 31.18
N ILE B 407 -1.48 -9.19 30.08
CA ILE B 407 -2.61 -10.10 29.89
C ILE B 407 -2.16 -11.53 30.15
N ALA B 408 -0.87 -11.78 29.96
CA ALA B 408 -0.29 -13.09 30.23
C ALA B 408 -0.53 -13.50 31.68
N GLU B 409 -0.30 -12.58 32.62
CA GLU B 409 -0.52 -12.85 34.05
C GLU B 409 -2.02 -12.98 34.33
N ASP B 410 -2.57 -14.14 33.99
CA ASP B 410 -4.00 -14.40 34.07
C ASP B 410 -4.30 -15.85 33.72
N SER B 411 -5.33 -16.40 34.33
CA SER B 411 -5.73 -17.77 34.04
C SER B 411 -6.49 -17.81 32.71
N GLU B 412 -7.67 -17.19 32.70
CA GLU B 412 -8.65 -17.39 31.62
C GLU B 412 -8.72 -16.24 30.61
N GLN B 413 -8.64 -15.01 31.09
CA GLN B 413 -8.65 -13.84 30.20
C GLN B 413 -7.51 -13.84 29.20
N PHE B 414 -6.54 -14.74 29.39
CA PHE B 414 -5.50 -14.92 28.39
C PHE B 414 -5.99 -15.83 27.28
N GLU B 415 -6.61 -16.95 27.67
CA GLU B 415 -7.17 -17.90 26.71
C GLU B 415 -8.28 -17.26 25.89
N LYS B 416 -8.95 -16.26 26.47
CA LYS B 416 -9.95 -15.48 25.76
C LYS B 416 -9.27 -14.65 24.69
N PHE B 417 -8.06 -14.22 24.98
CA PHE B 417 -7.23 -13.48 24.05
C PHE B 417 -6.50 -14.44 23.12
N TYR B 418 -6.15 -15.61 23.63
CA TYR B 418 -5.42 -16.59 22.84
C TYR B 418 -6.33 -17.31 21.85
N SER B 419 -7.64 -17.35 22.13
CA SER B 419 -8.61 -17.90 21.18
C SER B 419 -8.88 -16.89 20.08
N ALA B 420 -8.51 -15.64 20.34
CA ALA B 420 -8.71 -14.57 19.39
C ALA B 420 -7.52 -14.40 18.47
N PHE B 421 -6.31 -14.39 19.03
CA PHE B 421 -5.14 -14.01 18.24
C PHE B 421 -4.01 -15.02 18.25
N SER B 422 -4.34 -16.28 18.52
CA SER B 422 -3.37 -17.35 18.42
C SER B 422 -2.49 -17.09 17.22
N LYS B 423 -3.15 -16.81 16.09
CA LYS B 423 -2.50 -16.60 14.80
C LYS B 423 -1.54 -15.42 14.85
N ASN B 424 -2.08 -14.23 15.07
CA ASN B 424 -1.31 -13.00 14.99
C ASN B 424 -0.04 -12.98 15.83
N ILE B 425 -0.06 -13.64 16.97
CA ILE B 425 1.16 -13.80 17.74
C ILE B 425 2.13 -14.69 16.95
N LYS B 426 1.69 -15.90 16.61
CA LYS B 426 2.51 -16.85 15.84
C LYS B 426 3.05 -16.19 14.58
N LEU B 427 2.18 -15.43 13.93
CA LEU B 427 2.52 -14.64 12.76
C LEU B 427 3.69 -13.71 13.06
N GLY B 428 3.62 -13.04 14.21
CA GLY B 428 4.68 -12.13 14.66
C GLY B 428 6.01 -12.80 14.92
N VAL B 429 5.98 -14.04 15.39
CA VAL B 429 7.18 -14.82 15.62
C VAL B 429 7.93 -15.00 14.31
N HIS B 430 7.19 -15.34 13.26
CA HIS B 430 7.74 -15.60 11.94
C HIS B 430 8.34 -14.33 11.33
N GLU B 431 7.62 -13.23 11.45
CA GLU B 431 7.96 -12.02 10.73
C GLU B 431 8.84 -11.03 11.50
N ASP B 432 9.21 -11.36 12.74
CA ASP B 432 10.06 -10.46 13.52
C ASP B 432 11.55 -10.85 13.48
N THR B 433 12.13 -11.12 14.66
CA THR B 433 13.55 -11.48 14.89
C THR B 433 13.97 -11.07 16.29
N GLN B 434 13.88 -9.77 16.58
CA GLN B 434 14.28 -9.23 17.86
C GLN B 434 13.33 -9.68 18.96
N ASN B 435 12.05 -9.57 18.69
CA ASN B 435 11.01 -9.93 19.63
C ASN B 435 10.70 -11.41 19.58
N ARG B 436 11.26 -12.12 18.61
CA ARG B 436 11.09 -13.59 18.51
C ARG B 436 11.04 -14.22 19.91
N ALA B 437 12.11 -14.05 20.69
CA ALA B 437 12.20 -14.59 22.04
C ALA B 437 11.17 -13.97 22.99
N ALA B 438 11.06 -12.64 22.97
CA ALA B 438 10.03 -11.95 23.74
C ALA B 438 8.65 -12.55 23.41
N LEU B 439 8.44 -12.84 22.13
CA LEU B 439 7.18 -13.42 21.63
C LEU B 439 7.09 -14.91 21.89
N ALA B 440 8.25 -15.56 22.00
CA ALA B 440 8.31 -16.99 22.18
C ALA B 440 7.47 -17.43 23.37
N LYS B 441 7.80 -16.88 24.54
CA LYS B 441 7.13 -17.25 25.79
C LYS B 441 5.60 -17.22 25.72
N LEU B 442 5.08 -16.39 24.81
CA LEU B 442 3.64 -16.14 24.68
C LEU B 442 2.87 -17.23 23.94
N LEU B 443 3.51 -18.34 23.61
CA LEU B 443 2.86 -19.38 22.85
C LEU B 443 2.27 -20.44 23.77
N ARG B 444 1.07 -20.91 23.43
CA ARG B 444 0.37 -21.93 24.21
C ARG B 444 -0.14 -23.11 23.36
N TYR B 445 0.34 -24.31 23.66
CA TYR B 445 -0.01 -25.51 22.91
C TYR B 445 -0.61 -26.59 23.79
N ASN B 446 -0.80 -27.76 23.23
CA ASN B 446 -1.14 -28.94 24.02
C ASN B 446 0.12 -29.76 24.27
N SER B 447 -0.05 -30.88 24.98
CA SER B 447 1.04 -31.80 25.29
C SER B 447 0.52 -33.17 25.67
N THR B 448 1.41 -34.16 25.60
CA THR B 448 1.10 -35.52 26.03
C THR B 448 1.08 -35.58 27.56
N LYS B 449 1.64 -34.54 28.17
CA LYS B 449 1.60 -34.36 29.63
C LYS B 449 0.32 -33.65 30.09
N SER B 450 -0.20 -32.74 29.27
CA SER B 450 -1.42 -32.03 29.61
C SER B 450 -2.34 -31.92 28.39
N VAL B 451 -3.32 -32.82 28.34
CA VAL B 451 -4.22 -32.89 27.19
C VAL B 451 -5.25 -31.77 27.22
N ASP B 452 -6.24 -31.89 28.09
CA ASP B 452 -7.31 -30.89 28.17
C ASP B 452 -6.84 -29.67 28.95
N GLU B 453 -5.68 -29.13 28.55
CA GLU B 453 -4.98 -28.13 29.35
C GLU B 453 -3.92 -27.36 28.56
N LEU B 454 -4.04 -26.03 28.60
CA LEU B 454 -3.09 -25.10 27.96
C LEU B 454 -1.67 -25.25 28.52
N THR B 455 -0.66 -25.05 27.68
CA THR B 455 0.74 -25.00 28.15
C THR B 455 1.64 -24.09 27.32
N SER B 456 2.33 -23.19 28.02
CA SER B 456 3.35 -22.34 27.39
C SER B 456 4.62 -23.16 27.13
N LEU B 457 5.73 -22.46 26.97
CA LEU B 457 7.02 -23.11 26.74
C LEU B 457 7.96 -22.97 27.94
N THR B 458 7.81 -21.89 28.70
CA THR B 458 8.60 -21.66 29.92
C THR B 458 8.24 -22.68 31.00
N ASP B 459 7.14 -23.40 30.78
CA ASP B 459 6.76 -24.51 31.63
C ASP B 459 7.40 -25.83 31.17
N TYR B 460 7.55 -25.97 29.85
CA TYR B 460 8.16 -27.15 29.27
C TYR B 460 9.64 -27.23 29.64
N VAL B 461 10.29 -26.08 29.70
CA VAL B 461 11.72 -26.02 30.04
C VAL B 461 11.98 -26.55 31.45
N THR B 462 11.02 -26.34 32.35
CA THR B 462 11.16 -26.76 33.73
C THR B 462 10.71 -28.22 33.94
N ARG B 463 9.99 -28.76 32.95
CA ARG B 463 9.48 -30.13 33.05
C ARG B 463 10.53 -31.18 32.61
N MET B 464 11.52 -30.74 31.86
CA MET B 464 12.55 -31.64 31.33
C MET B 464 13.75 -31.76 32.27
N PRO B 465 14.26 -32.99 32.44
CA PRO B 465 15.44 -33.22 33.27
C PRO B 465 16.70 -32.60 32.66
N GLU B 466 17.79 -32.63 33.42
CA GLU B 466 19.08 -32.13 32.95
C GLU B 466 19.68 -33.02 31.85
N HIS B 467 19.18 -34.26 31.75
CA HIS B 467 19.66 -35.25 30.79
C HIS B 467 19.20 -34.96 29.36
N GLN B 468 18.34 -33.96 29.21
CA GLN B 468 17.80 -33.53 27.92
C GLN B 468 18.25 -32.10 27.63
N LYS B 469 18.40 -31.77 26.34
CA LYS B 469 18.79 -30.42 25.90
C LYS B 469 17.98 -29.94 24.68
N ASN B 470 17.11 -30.80 24.16
CA ASN B 470 16.32 -30.50 22.95
C ASN B 470 14.82 -30.66 23.17
N ILE B 471 14.07 -29.62 22.78
CA ILE B 471 12.60 -29.63 22.90
C ILE B 471 11.98 -30.40 21.75
N TYR B 472 11.08 -31.32 22.08
CA TYR B 472 10.47 -32.19 21.08
C TYR B 472 9.02 -31.81 20.83
N TYR B 473 8.68 -31.69 19.55
CA TYR B 473 7.33 -31.33 19.12
C TYR B 473 6.98 -32.07 17.84
N ILE B 474 5.70 -32.37 17.67
CA ILE B 474 5.21 -32.92 16.42
C ILE B 474 4.08 -32.04 15.90
N THR B 475 3.72 -32.21 14.63
CA THR B 475 2.57 -31.51 14.06
C THR B 475 1.85 -32.36 13.01
N GLY B 476 0.64 -31.95 12.64
CA GLY B 476 -0.15 -32.69 11.67
C GLY B 476 -1.57 -32.17 11.48
N GLU B 477 -2.47 -33.07 11.08
CA GLU B 477 -3.84 -32.73 10.71
C GLU B 477 -4.67 -32.08 11.83
N SER B 478 -4.88 -32.83 12.92
CA SER B 478 -5.78 -32.41 14.00
C SER B 478 -5.20 -32.64 15.41
N LEU B 479 -6.02 -32.32 16.42
CA LEU B 479 -5.72 -32.65 17.82
C LEU B 479 -5.60 -34.15 17.98
N LYS B 480 -6.69 -34.87 17.72
CA LYS B 480 -6.72 -36.30 17.97
C LYS B 480 -6.04 -37.05 16.84
N ALA B 481 -5.90 -36.39 15.70
CA ALA B 481 -5.14 -36.94 14.59
C ALA B 481 -3.63 -36.86 14.88
N VAL B 482 -3.25 -37.38 16.05
CA VAL B 482 -1.86 -37.46 16.52
C VAL B 482 -1.82 -37.83 18.00
N GLU B 483 -2.84 -37.40 18.75
CA GLU B 483 -2.92 -37.54 20.22
C GLU B 483 -2.54 -38.93 20.76
N LYS B 484 -3.48 -39.86 20.68
CA LYS B 484 -3.27 -41.23 21.18
C LYS B 484 -2.75 -42.13 20.04
N SER B 485 -2.09 -41.50 19.07
CA SER B 485 -1.50 -42.17 17.91
C SER B 485 -0.11 -42.73 18.23
N PRO B 486 0.04 -44.07 18.19
CA PRO B 486 1.32 -44.74 18.44
C PRO B 486 2.42 -44.40 17.41
N PHE B 487 2.29 -43.25 16.74
CA PHE B 487 3.33 -42.68 15.92
C PHE B 487 4.62 -42.58 16.74
N LEU B 488 4.54 -41.82 17.83
CA LEU B 488 5.67 -41.69 18.74
C LEU B 488 5.33 -42.14 20.15
N ASP B 489 5.00 -43.43 20.25
CA ASP B 489 4.72 -44.07 21.52
C ASP B 489 6.02 -44.44 22.22
N ALA B 490 7.07 -44.66 21.42
CA ALA B 490 8.41 -44.94 21.94
C ALA B 490 9.20 -43.65 22.19
N LEU B 491 8.46 -42.55 22.32
CA LEU B 491 9.01 -41.33 22.85
C LEU B 491 8.19 -41.01 24.10
N LYS B 492 6.90 -41.34 24.04
CA LYS B 492 5.98 -41.25 25.18
C LYS B 492 6.50 -42.13 26.32
N ALA B 493 6.76 -43.40 25.98
CA ALA B 493 7.34 -44.34 26.93
C ALA B 493 8.87 -44.24 26.96
N LYS B 494 9.41 -43.13 26.44
CA LYS B 494 10.84 -42.82 26.55
C LYS B 494 11.09 -41.73 27.58
N ASN B 495 10.05 -41.44 28.36
CA ASN B 495 10.11 -40.54 29.52
C ASN B 495 10.47 -39.09 29.15
N PHE B 496 9.99 -38.64 28.00
CA PHE B 496 10.08 -37.22 27.60
C PHE B 496 8.70 -36.62 27.35
N GLU B 497 8.64 -35.58 26.51
CA GLU B 497 7.40 -34.83 26.32
C GLU B 497 7.29 -34.20 24.93
N VAL B 498 6.10 -34.29 24.33
CA VAL B 498 5.86 -33.73 23.00
C VAL B 498 4.59 -32.89 22.90
N LEU B 499 4.69 -31.79 22.16
CA LEU B 499 3.60 -30.85 22.01
C LEU B 499 2.66 -31.26 20.88
N PHE B 500 1.58 -30.51 20.71
CA PHE B 500 0.60 -30.76 19.66
C PHE B 500 0.26 -29.48 18.88
N LEU B 501 0.75 -29.40 17.65
CA LEU B 501 0.61 -28.20 16.82
C LEU B 501 -0.38 -28.41 15.68
N THR B 502 -1.66 -28.22 15.98
CA THR B 502 -2.74 -28.47 15.02
C THR B 502 -2.78 -27.46 13.88
N ASP B 503 -2.52 -26.19 14.19
CA ASP B 503 -2.49 -25.13 13.18
C ASP B 503 -1.25 -25.27 12.28
N PRO B 504 -1.40 -25.00 10.98
CA PRO B 504 -0.27 -25.10 10.05
C PRO B 504 0.75 -23.98 10.29
N ILE B 505 0.23 -22.78 10.49
CA ILE B 505 0.99 -21.57 10.82
C ILE B 505 2.04 -21.82 11.92
N ASP B 506 1.70 -22.69 12.87
CA ASP B 506 2.60 -23.07 13.98
C ASP B 506 3.98 -23.42 13.46
N GLU B 507 4.02 -24.42 12.58
CA GLU B 507 5.24 -24.92 11.97
C GLU B 507 5.89 -23.86 11.09
N TYR B 508 5.07 -22.93 10.61
CA TYR B 508 5.54 -21.83 9.77
C TYR B 508 6.24 -20.78 10.64
N ALA B 509 6.18 -20.95 11.95
CA ALA B 509 6.91 -20.11 12.88
C ALA B 509 8.07 -20.87 13.50
N PHE B 510 7.78 -22.04 14.07
CA PHE B 510 8.77 -22.92 14.69
C PHE B 510 10.05 -23.06 13.87
N THR B 511 9.89 -23.06 12.56
CA THR B 511 10.98 -22.94 11.61
C THR B 511 12.04 -22.00 12.13
N GLN B 512 11.62 -20.75 12.36
CA GLN B 512 12.52 -19.66 12.73
C GLN B 512 12.88 -19.67 14.21
N LEU B 513 13.10 -20.85 14.78
CA LEU B 513 13.34 -20.98 16.21
C LEU B 513 14.20 -22.18 16.60
N LYS B 514 14.95 -22.73 15.66
CA LYS B 514 15.83 -23.88 15.97
C LYS B 514 16.79 -23.63 17.17
N GLU B 515 16.66 -22.47 17.81
CA GLU B 515 17.34 -22.17 19.07
C GLU B 515 16.46 -21.39 20.05
N PHE B 516 15.79 -22.14 20.94
CA PHE B 516 14.95 -21.55 21.99
C PHE B 516 15.59 -21.78 23.35
N GLU B 517 16.14 -20.71 23.92
CA GLU B 517 16.77 -20.75 25.24
C GLU B 517 17.85 -21.83 25.27
N GLY B 518 18.65 -21.87 24.19
CA GLY B 518 19.68 -22.88 24.01
C GLY B 518 19.12 -24.20 23.51
N LYS B 519 17.83 -24.41 23.76
CA LYS B 519 17.16 -25.66 23.41
C LYS B 519 16.78 -25.71 21.93
N THR B 520 17.03 -26.86 21.33
CA THR B 520 16.72 -27.10 19.94
C THR B 520 15.29 -27.59 19.82
N LEU B 521 14.66 -27.34 18.68
CA LEU B 521 13.29 -27.80 18.43
C LEU B 521 13.30 -28.92 17.39
N VAL B 522 12.57 -30.01 17.67
CA VAL B 522 12.71 -31.23 16.88
C VAL B 522 11.40 -31.98 16.59
N ASP B 523 11.44 -32.83 15.55
CA ASP B 523 10.58 -34.05 15.40
C ASP B 523 9.94 -34.29 14.01
N ILE B 524 9.27 -35.45 13.90
CA ILE B 524 9.03 -36.18 12.62
C ILE B 524 10.41 -36.49 12.00
N THR B 525 10.97 -35.47 11.35
CA THR B 525 12.40 -35.41 10.98
C THR B 525 13.30 -36.57 11.50
N LYS B 526 14.06 -36.35 12.57
CA LYS B 526 15.09 -37.30 12.96
C LYS B 526 15.53 -37.01 14.39
N ASP B 527 15.96 -38.05 15.08
CA ASP B 527 16.30 -37.93 16.49
C ASP B 527 17.38 -38.91 16.94
N PHE B 528 18.14 -38.50 17.94
CA PHE B 528 19.05 -39.39 18.65
C PHE B 528 19.18 -39.02 20.13
N GLU B 529 19.59 -40.01 20.93
CA GLU B 529 19.81 -39.86 22.37
C GLU B 529 21.03 -40.71 22.74
N LEU B 530 21.60 -40.46 23.92
CA LEU B 530 22.80 -41.16 24.38
C LEU B 530 22.58 -42.67 24.64
N GLU B 531 23.25 -43.21 25.65
CA GLU B 531 23.33 -44.66 25.91
C GLU B 531 22.04 -45.46 25.72
N GLU B 532 20.93 -44.74 25.84
CA GLU B 532 19.78 -45.06 26.71
C GLU B 532 19.67 -46.46 27.30
N THR B 533 19.94 -46.54 28.60
CA THR B 533 20.09 -47.82 29.32
C THR B 533 20.92 -48.76 28.46
N ASP B 534 22.25 -48.65 28.56
CA ASP B 534 23.20 -49.34 27.68
C ASP B 534 23.01 -50.87 27.65
N GLU B 535 21.80 -51.27 27.27
CA GLU B 535 21.36 -52.67 27.26
C GLU B 535 20.83 -53.06 25.87
N GLU B 536 20.19 -52.10 25.19
CA GLU B 536 19.61 -52.34 23.86
C GLU B 536 20.08 -51.29 22.86
N LYS B 537 20.90 -50.39 23.38
CA LYS B 537 22.10 -49.87 22.73
C LYS B 537 23.03 -51.03 22.33
N ALA B 538 23.37 -51.87 23.33
CA ALA B 538 24.32 -52.98 23.13
C ALA B 538 23.93 -53.94 22.00
N GLU B 539 22.65 -54.29 21.93
CA GLU B 539 22.19 -55.21 20.90
C GLU B 539 21.76 -54.50 19.61
N ARG B 540 21.58 -53.18 19.66
CA ARG B 540 21.15 -52.43 18.47
C ARG B 540 21.82 -52.88 17.18
N GLU B 541 23.14 -52.78 17.11
CA GLU B 541 23.91 -53.21 15.93
C GLU B 541 23.70 -54.70 15.60
N LYS B 542 23.79 -55.55 16.62
CA LYS B 542 23.61 -57.01 16.49
C LYS B 542 22.19 -57.42 16.07
N GLU B 543 21.19 -56.75 16.64
CA GLU B 543 19.77 -57.07 16.42
C GLU B 543 19.20 -56.42 15.15
N ILE B 544 19.64 -55.20 14.83
CA ILE B 544 19.29 -54.59 13.55
C ILE B 544 19.94 -55.40 12.43
N LYS B 545 21.14 -55.91 12.69
CA LYS B 545 21.85 -56.79 11.76
C LYS B 545 21.06 -58.07 11.46
N GLU B 546 20.18 -58.46 12.39
CA GLU B 546 19.24 -59.56 12.15
C GLU B 546 18.34 -59.22 10.96
N TYR B 547 17.96 -57.94 10.85
CA TYR B 547 17.10 -57.46 9.76
C TYR B 547 17.89 -56.79 8.62
N GLU B 548 19.21 -56.96 8.61
CA GLU B 548 20.05 -56.42 7.54
C GLU B 548 19.91 -57.14 6.20
N PRO B 549 19.81 -58.49 6.21
CA PRO B 549 19.38 -59.17 4.99
C PRO B 549 17.93 -58.83 4.59
N LEU B 550 17.19 -58.18 5.48
CA LEU B 550 15.84 -57.71 5.20
C LEU B 550 15.85 -56.23 4.82
N THR B 551 16.87 -55.51 5.27
CA THR B 551 17.02 -54.05 5.09
C THR B 551 17.09 -53.61 3.62
N LYS B 552 18.01 -54.21 2.87
CA LYS B 552 18.22 -53.85 1.46
C LYS B 552 17.14 -54.44 0.58
N ALA B 553 16.67 -55.63 0.94
CA ALA B 553 15.58 -56.30 0.22
C ALA B 553 14.35 -55.41 0.10
N LEU B 554 14.00 -54.74 1.19
CA LEU B 554 12.86 -53.83 1.24
C LEU B 554 13.14 -52.53 0.51
N LYS B 555 14.42 -52.16 0.39
CA LYS B 555 14.84 -50.94 -0.29
C LYS B 555 14.70 -51.06 -1.81
N GLU B 556 14.54 -52.29 -2.30
CA GLU B 556 14.57 -52.57 -3.74
C GLU B 556 13.19 -52.63 -4.42
N ILE B 557 12.21 -53.29 -3.80
CA ILE B 557 10.87 -53.41 -4.37
C ILE B 557 10.14 -52.05 -4.39
N LEU B 558 10.73 -51.08 -3.70
CA LEU B 558 10.24 -49.71 -3.70
C LEU B 558 11.20 -48.82 -4.49
N GLY B 559 12.34 -49.41 -4.86
CA GLY B 559 13.31 -48.78 -5.76
C GLY B 559 13.82 -47.42 -5.34
N ASP B 560 13.43 -46.41 -6.11
CA ASP B 560 13.91 -45.04 -5.91
C ASP B 560 12.80 -44.06 -5.50
N GLN B 561 12.63 -43.94 -4.19
CA GLN B 561 11.79 -42.91 -3.56
C GLN B 561 12.40 -42.65 -2.19
N VAL B 562 12.72 -43.74 -1.50
CA VAL B 562 13.37 -43.71 -0.19
C VAL B 562 14.86 -43.45 -0.37
N GLU B 563 15.56 -43.19 0.74
CA GLU B 563 17.01 -43.04 0.74
C GLU B 563 17.65 -44.24 1.45
N LYS B 564 17.03 -44.66 2.55
CA LYS B 564 17.50 -45.78 3.34
C LYS B 564 16.33 -46.39 4.11
N VAL B 565 16.33 -47.71 4.21
CA VAL B 565 15.25 -48.43 4.89
C VAL B 565 15.77 -49.03 6.20
N VAL B 566 15.47 -48.35 7.31
CA VAL B 566 15.96 -48.74 8.64
C VAL B 566 14.88 -49.37 9.52
N VAL B 567 15.32 -50.19 10.47
CA VAL B 567 14.41 -50.87 11.40
C VAL B 567 14.76 -50.44 12.83
N SER B 568 14.33 -49.24 13.21
CA SER B 568 14.70 -48.62 14.49
C SER B 568 13.64 -48.79 15.60
N TYR B 569 14.11 -48.88 16.85
CA TYR B 569 13.25 -49.11 18.01
C TYR B 569 12.57 -47.85 18.56
N LYS B 570 12.67 -46.76 17.80
CA LYS B 570 11.93 -45.52 18.11
C LYS B 570 10.45 -45.71 17.77
N LEU B 571 9.99 -46.94 17.94
CA LEU B 571 8.60 -47.36 17.71
C LEU B 571 8.43 -48.70 18.43
N LEU B 572 7.18 -49.09 18.71
CA LEU B 572 6.95 -50.37 19.42
C LEU B 572 6.10 -51.45 18.71
N ASP B 573 4.81 -51.19 18.48
CA ASP B 573 3.95 -52.21 17.84
C ASP B 573 3.22 -51.76 16.58
N ALA B 574 3.20 -50.45 16.35
CA ALA B 574 2.69 -49.91 15.09
C ALA B 574 3.63 -50.34 13.97
N PRO B 575 3.10 -51.08 12.97
CA PRO B 575 3.85 -51.75 11.90
C PRO B 575 5.05 -50.96 11.35
N ALA B 576 4.79 -49.88 10.62
CA ALA B 576 5.84 -49.12 9.93
C ALA B 576 5.64 -47.60 9.97
N ALA B 577 6.71 -46.87 9.67
CA ALA B 577 6.69 -45.41 9.71
C ALA B 577 7.58 -44.79 8.63
N ILE B 578 7.25 -43.56 8.24
CA ILE B 578 8.03 -42.83 7.24
C ILE B 578 8.51 -41.48 7.79
N ARG B 579 9.75 -41.47 8.29
CA ARG B 579 10.34 -40.25 8.82
C ARG B 579 11.09 -39.54 7.69
N THR B 580 10.59 -38.38 7.31
CA THR B 580 11.31 -37.51 6.38
C THR B 580 12.65 -37.15 7.01
N GLY B 581 13.71 -37.21 6.23
CA GLY B 581 15.07 -36.96 6.73
C GLY B 581 15.22 -35.63 7.46
N GLN B 582 16.24 -35.57 8.32
CA GLN B 582 16.60 -34.35 9.05
C GLN B 582 17.04 -33.23 8.10
N PHE B 583 17.06 -31.99 8.60
CA PHE B 583 17.40 -30.81 7.79
C PHE B 583 16.59 -30.75 6.49
N GLY B 584 15.43 -31.40 6.51
CA GLY B 584 14.53 -31.45 5.38
C GLY B 584 13.09 -31.25 5.81
N TRP B 585 12.33 -30.54 4.99
CA TRP B 585 10.93 -30.21 5.27
C TRP B 585 10.09 -31.41 5.67
N SER B 586 9.20 -31.19 6.64
CA SER B 586 8.31 -32.23 7.16
C SER B 586 7.34 -32.76 6.13
N ALA B 587 6.88 -34.00 6.32
CA ALA B 587 5.90 -34.62 5.43
C ALA B 587 4.61 -33.83 5.46
N ASN B 588 4.24 -33.41 6.66
CA ASN B 588 3.14 -32.49 6.85
C ASN B 588 3.48 -31.10 6.31
N MET B 589 4.70 -30.63 6.57
CA MET B 589 5.17 -29.37 6.02
C MET B 589 4.99 -29.41 4.50
N GLU B 590 5.56 -30.46 3.89
CA GLU B 590 5.38 -30.75 2.47
C GLU B 590 3.90 -30.69 2.13
N ARG B 591 3.10 -31.51 2.80
CA ARG B 591 1.68 -31.62 2.49
C ARG B 591 1.00 -30.25 2.37
N ILE B 592 1.60 -29.22 2.97
CA ILE B 592 1.05 -27.87 2.95
C ILE B 592 1.80 -26.91 2.01
N MET B 593 3.12 -26.82 2.17
CA MET B 593 3.96 -26.01 1.26
C MET B 593 3.66 -26.39 -0.18
N LYS B 594 3.23 -27.63 -0.37
CA LYS B 594 2.79 -28.17 -1.66
C LYS B 594 1.29 -27.95 -1.87
N ALA B 595 0.50 -28.14 -0.80
CA ALA B 595 -0.96 -27.98 -0.87
C ALA B 595 -1.32 -26.72 -1.63
N GLN B 596 -0.81 -25.58 -1.16
CA GLN B 596 -0.94 -24.33 -1.90
C GLN B 596 0.39 -24.01 -2.57
N ALA B 597 0.39 -23.92 -3.91
CA ALA B 597 1.59 -23.65 -4.69
C ALA B 597 1.30 -22.74 -5.89
N LYS B 611 13.72 -38.47 2.53
CA LYS B 611 12.76 -39.48 2.97
C LYS B 611 13.47 -40.74 3.48
N THR B 612 12.93 -41.34 4.53
CA THR B 612 13.52 -42.51 5.18
C THR B 612 12.42 -43.44 5.72
N PHE B 613 12.59 -44.74 5.54
CA PHE B 613 11.56 -45.72 5.90
C PHE B 613 11.89 -46.52 7.16
N GLU B 614 11.13 -46.29 8.23
CA GLU B 614 11.32 -46.97 9.51
C GLU B 614 10.36 -48.13 9.71
N ILE B 615 10.89 -49.24 10.22
CA ILE B 615 10.12 -50.44 10.47
C ILE B 615 10.20 -50.78 11.96
N SER B 616 9.08 -51.21 12.52
CA SER B 616 9.05 -51.74 13.88
C SER B 616 9.40 -53.23 13.88
N PRO B 617 10.49 -53.61 14.55
CA PRO B 617 10.94 -55.00 14.56
C PRO B 617 9.98 -55.91 15.32
N LYS B 618 9.58 -55.48 16.52
CA LYS B 618 8.71 -56.27 17.40
C LYS B 618 7.26 -56.37 16.92
N SER B 619 6.96 -55.71 15.79
CA SER B 619 5.64 -55.79 15.18
C SER B 619 5.40 -57.17 14.59
N PRO B 620 4.28 -57.82 14.97
CA PRO B 620 3.98 -59.21 14.60
C PRO B 620 3.89 -59.44 13.10
N ILE B 621 3.58 -58.38 12.37
CA ILE B 621 3.37 -58.44 10.92
C ILE B 621 4.71 -58.20 10.18
N ILE B 622 5.75 -57.90 10.95
CA ILE B 622 7.08 -57.63 10.39
C ILE B 622 8.04 -58.79 10.60
N LYS B 623 7.80 -59.57 11.65
CA LYS B 623 8.57 -60.79 11.90
C LYS B 623 8.34 -61.78 10.75
N GLU B 624 7.12 -61.75 10.19
CA GLU B 624 6.75 -62.50 8.99
C GLU B 624 7.69 -62.21 7.82
N LEU B 625 8.12 -60.96 7.71
CA LEU B 625 9.02 -60.53 6.65
C LEU B 625 10.38 -61.25 6.71
N LYS B 626 10.95 -61.34 7.91
CA LYS B 626 12.23 -62.01 8.12
C LYS B 626 12.18 -63.50 7.72
N LYS B 627 11.04 -64.13 7.96
CA LYS B 627 10.83 -65.53 7.57
C LYS B 627 10.76 -65.67 6.05
N ARG B 628 9.94 -64.84 5.41
CA ARG B 628 9.74 -64.87 3.96
C ARG B 628 10.93 -64.36 3.15
N VAL B 629 11.84 -63.63 3.80
CA VAL B 629 13.11 -63.20 3.17
C VAL B 629 13.81 -64.42 2.60
N ASP B 630 13.82 -65.50 3.40
CA ASP B 630 14.39 -66.79 3.01
C ASP B 630 13.50 -67.49 1.99
N GLU B 631 12.18 -67.44 2.20
CA GLU B 631 11.21 -68.06 1.30
C GLU B 631 10.85 -67.16 0.11
N GLY B 632 11.68 -66.14 -0.14
CA GLY B 632 11.48 -65.21 -1.25
C GLY B 632 12.16 -63.87 -1.02
N GLY B 633 13.07 -63.51 -1.91
CA GLY B 633 13.88 -62.29 -1.77
C GLY B 633 13.67 -61.24 -2.85
N ALA B 634 14.59 -61.21 -3.81
CA ALA B 634 14.65 -60.17 -4.86
C ALA B 634 13.33 -59.89 -5.59
N GLN B 635 12.60 -60.95 -5.91
CA GLN B 635 11.31 -60.85 -6.60
C GLN B 635 10.20 -61.37 -5.68
N ASP B 636 8.98 -61.49 -6.22
CA ASP B 636 7.90 -62.18 -5.51
C ASP B 636 6.68 -62.43 -6.41
N LYS B 637 5.73 -63.22 -5.88
CA LYS B 637 4.49 -63.53 -6.59
C LYS B 637 3.27 -63.07 -5.79
N THR B 638 3.18 -63.49 -4.52
CA THR B 638 2.09 -63.08 -3.63
C THR B 638 2.45 -61.82 -2.84
N VAL B 639 3.75 -61.64 -2.57
CA VAL B 639 4.23 -60.47 -1.84
C VAL B 639 4.65 -59.35 -2.81
N LYS B 640 3.73 -59.00 -3.70
CA LYS B 640 3.88 -57.89 -4.62
C LYS B 640 2.87 -56.82 -4.20
N ASP B 641 1.62 -57.27 -4.05
CA ASP B 641 0.52 -56.44 -3.56
C ASP B 641 0.65 -56.09 -2.08
N LEU B 642 1.80 -56.44 -1.49
CA LEU B 642 2.02 -56.25 -0.07
C LEU B 642 3.22 -55.35 0.24
N THR B 643 4.35 -55.64 -0.42
CA THR B 643 5.61 -54.92 -0.19
C THR B 643 5.43 -53.41 -0.29
N LYS B 644 4.86 -52.96 -1.40
CA LYS B 644 4.55 -51.55 -1.61
C LYS B 644 3.37 -51.11 -0.75
N LEU B 645 2.41 -52.00 -0.55
CA LEU B 645 1.18 -51.69 0.15
C LEU B 645 1.41 -51.04 1.51
N LEU B 646 2.21 -51.70 2.34
CA LEU B 646 2.48 -51.21 3.69
C LEU B 646 3.28 -49.91 3.66
N TYR B 647 4.22 -49.82 2.71
CA TYR B 647 4.96 -48.59 2.48
C TYR B 647 3.99 -47.46 2.24
N GLU B 648 2.96 -47.74 1.45
CA GLU B 648 1.93 -46.76 1.14
C GLU B 648 1.01 -46.52 2.35
N THR B 649 0.82 -47.55 3.16
CA THR B 649 0.05 -47.42 4.39
C THR B 649 0.76 -46.47 5.36
N ALA B 650 2.03 -46.76 5.63
CA ALA B 650 2.86 -45.95 6.53
C ALA B 650 3.12 -44.54 5.99
N LEU B 651 2.78 -44.34 4.72
CA LEU B 651 2.93 -43.05 4.07
C LEU B 651 1.93 -42.04 4.64
N LEU B 652 0.65 -42.30 4.42
CA LEU B 652 -0.43 -41.47 4.95
C LEU B 652 -0.32 -41.35 6.46
N THR B 653 0.28 -42.36 7.09
CA THR B 653 0.54 -42.37 8.53
C THR B 653 1.49 -41.25 8.90
N SER B 654 2.46 -41.01 8.05
CA SER B 654 3.37 -39.88 8.22
C SER B 654 2.81 -38.66 7.50
N GLY B 655 1.72 -38.12 8.04
CA GLY B 655 1.03 -36.96 7.49
C GLY B 655 1.31 -36.69 6.02
N PHE B 656 0.94 -37.64 5.17
CA PHE B 656 1.32 -37.58 3.77
C PHE B 656 0.15 -37.47 2.80
N SER B 657 0.47 -36.98 1.60
CA SER B 657 -0.47 -36.76 0.51
C SER B 657 -1.00 -38.06 -0.11
N LEU B 658 -2.12 -37.96 -0.81
CA LEU B 658 -2.66 -39.06 -1.61
C LEU B 658 -1.85 -39.27 -2.89
N ASP B 659 -0.54 -39.39 -2.73
CA ASP B 659 0.37 -39.67 -3.84
C ASP B 659 0.05 -41.06 -4.39
N GLU B 660 -0.28 -41.12 -5.69
CA GLU B 660 -0.74 -42.36 -6.35
C GLU B 660 -1.96 -42.94 -5.62
N PRO B 661 -3.11 -42.26 -5.72
CA PRO B 661 -4.24 -42.56 -4.85
C PRO B 661 -5.20 -43.65 -5.36
N THR B 662 -4.94 -44.19 -6.55
CA THR B 662 -5.86 -45.16 -7.17
C THR B 662 -5.35 -46.59 -7.05
N SER B 663 -4.03 -46.74 -7.12
CA SER B 663 -3.40 -48.06 -7.01
C SER B 663 -3.50 -48.65 -5.61
N PHE B 664 -3.47 -47.79 -4.60
CA PHE B 664 -3.53 -48.20 -3.19
C PHE B 664 -4.88 -48.83 -2.84
N ALA B 665 -5.95 -48.12 -3.16
CA ALA B 665 -7.31 -48.57 -2.91
C ALA B 665 -7.52 -49.97 -3.47
N SER B 666 -6.92 -50.20 -4.63
CA SER B 666 -7.05 -51.44 -5.36
C SER B 666 -6.36 -52.61 -4.68
N ARG B 667 -5.30 -52.32 -3.92
CA ARG B 667 -4.62 -53.33 -3.11
C ARG B 667 -5.48 -53.74 -1.93
N ILE B 668 -6.18 -52.77 -1.34
CA ILE B 668 -7.01 -52.98 -0.15
C ILE B 668 -8.07 -54.04 -0.41
N ASN B 669 -8.88 -53.82 -1.43
CA ASN B 669 -9.89 -54.80 -1.86
C ASN B 669 -9.29 -56.07 -2.48
N ARG B 670 -8.04 -55.96 -2.94
CA ARG B 670 -7.32 -57.10 -3.50
C ARG B 670 -6.75 -57.99 -2.41
N LEU B 671 -6.66 -57.45 -1.20
CA LEU B 671 -6.26 -58.23 -0.03
C LEU B 671 -7.45 -58.49 0.92
N ILE B 672 -8.63 -58.61 0.32
CA ILE B 672 -9.81 -59.21 0.96
C ILE B 672 -10.11 -60.51 0.19
N SER B 673 -9.24 -60.81 -0.78
CA SER B 673 -9.45 -61.89 -1.75
C SER B 673 -9.14 -63.29 -1.21
N LEU B 674 -8.11 -63.42 -0.36
CA LEU B 674 -7.72 -64.73 0.19
C LEU B 674 -8.26 -65.00 1.60
N GLY B 675 -8.30 -63.96 2.44
CA GLY B 675 -8.75 -64.10 3.83
C GLY B 675 -10.21 -64.50 3.97
N LEU B 676 -11.10 -63.58 3.60
CA LEU B 676 -12.54 -63.82 3.68
C LEU B 676 -13.15 -63.93 2.27
N ASN B 677 -13.27 -65.17 1.79
CA ASN B 677 -13.85 -65.46 0.48
C ASN B 677 -14.64 -66.78 0.49
N TRP C 11 -1.90 42.44 -26.74
CA TRP C 11 -3.11 41.57 -26.95
C TRP C 11 -2.83 40.12 -26.55
N ALA C 12 -2.94 39.86 -25.25
CA ALA C 12 -2.56 38.57 -24.63
C ALA C 12 -3.60 37.47 -24.80
N GLN C 13 -3.24 36.26 -24.38
CA GLN C 13 -4.15 35.11 -24.48
C GLN C 13 -4.32 34.33 -23.17
N ARG C 14 -5.57 34.28 -22.69
CA ARG C 14 -5.93 33.51 -21.49
C ARG C 14 -5.86 32.01 -21.80
N SER C 15 -5.68 31.20 -20.76
CA SER C 15 -5.64 29.73 -20.90
C SER C 15 -7.00 29.07 -20.65
N SER C 16 -7.21 27.88 -21.22
CA SER C 16 -8.54 27.26 -21.26
C SER C 16 -8.63 25.77 -20.90
N THR C 17 -9.82 25.19 -21.11
CA THR C 17 -10.32 24.03 -20.35
C THR C 17 -11.45 23.16 -20.96
N THR C 18 -11.08 22.03 -21.56
CA THR C 18 -12.10 21.08 -22.11
C THR C 18 -12.65 20.21 -20.96
N ASP C 19 -13.74 19.46 -21.23
CA ASP C 19 -14.50 18.73 -20.20
C ASP C 19 -15.89 18.19 -20.62
N PRO C 20 -15.97 17.33 -21.65
CA PRO C 20 -17.33 16.82 -21.94
C PRO C 20 -17.96 16.02 -20.79
N GLU C 21 -19.29 16.03 -20.72
CA GLU C 21 -20.05 15.14 -19.85
C GLU C 21 -21.14 14.46 -20.70
N ARG C 22 -22.35 14.30 -20.15
CA ARG C 22 -23.44 13.67 -20.91
C ARG C 22 -23.96 14.57 -22.03
N ASN C 23 -24.43 15.74 -21.65
CA ASN C 23 -25.14 16.62 -22.56
C ASN C 23 -24.48 17.96 -22.76
N TYR C 24 -23.30 18.16 -22.18
CA TYR C 24 -22.69 19.49 -22.21
C TYR C 24 -21.17 19.56 -22.17
N VAL C 25 -20.67 20.76 -22.47
CA VAL C 25 -19.27 21.12 -22.32
C VAL C 25 -19.21 22.44 -21.55
N LEU C 26 -18.29 22.51 -20.59
CA LEU C 26 -18.07 23.70 -19.76
C LEU C 26 -16.63 24.22 -19.85
N ILE C 27 -16.43 25.50 -19.60
CA ILE C 27 -15.13 26.10 -19.92
C ILE C 27 -14.69 27.09 -18.87
N THR C 28 -13.48 26.85 -18.36
CA THR C 28 -12.87 27.69 -17.37
C THR C 28 -11.77 28.46 -18.06
N VAL C 29 -11.86 29.78 -18.02
CA VAL C 29 -10.82 30.62 -18.59
C VAL C 29 -9.73 30.80 -17.52
N SER C 30 -9.08 31.96 -17.42
CA SER C 30 -8.16 32.23 -16.30
C SER C 30 -7.49 33.61 -16.31
N ILE C 31 -8.08 34.52 -15.55
CA ILE C 31 -7.43 35.76 -15.17
C ILE C 31 -8.06 36.39 -13.92
N ALA C 32 -7.29 37.27 -13.28
CA ALA C 32 -7.71 38.00 -12.11
C ALA C 32 -8.59 39.19 -12.48
N ASP C 33 -9.70 39.30 -11.78
CA ASP C 33 -10.50 40.52 -11.73
C ASP C 33 -10.67 41.15 -13.11
N CYS C 34 -11.16 40.35 -14.05
CA CYS C 34 -11.39 40.83 -15.41
C CYS C 34 -12.65 41.67 -15.46
N ASP C 35 -12.65 42.72 -16.28
CA ASP C 35 -13.84 43.55 -16.45
C ASP C 35 -14.30 43.62 -17.90
N ALA C 36 -15.58 43.95 -18.07
CA ALA C 36 -16.26 43.92 -19.36
C ALA C 36 -15.99 42.61 -20.10
N PRO C 37 -16.70 41.53 -19.71
CA PRO C 37 -16.59 40.23 -20.38
C PRO C 37 -17.29 40.26 -21.74
N GLU C 38 -16.52 40.06 -22.81
CA GLU C 38 -17.03 40.14 -24.18
C GLU C 38 -17.76 38.89 -24.66
N LEU C 39 -19.09 38.93 -24.60
CA LEU C 39 -19.93 37.79 -24.95
C LEU C 39 -19.96 37.56 -26.46
N THR C 40 -19.68 36.32 -26.87
CA THR C 40 -19.83 35.95 -28.28
C THR C 40 -20.18 34.47 -28.38
N ILE C 41 -21.48 34.21 -28.58
CA ILE C 41 -22.03 32.85 -28.60
C ILE C 41 -22.35 32.43 -30.03
N LYS C 42 -21.32 32.30 -30.86
CA LYS C 42 -21.52 31.85 -32.24
C LYS C 42 -21.85 30.36 -32.25
N PRO C 43 -22.82 29.96 -33.09
CA PRO C 43 -23.25 28.57 -33.30
C PRO C 43 -22.11 27.55 -33.22
N SER C 44 -20.99 27.84 -33.87
CA SER C 44 -19.86 26.93 -33.88
C SER C 44 -18.59 27.58 -33.31
N TYR C 45 -18.71 28.83 -32.86
CA TYR C 45 -17.54 29.58 -32.39
C TYR C 45 -17.74 30.20 -31.00
N ILE C 46 -16.62 30.50 -30.34
CA ILE C 46 -16.61 31.22 -29.06
C ILE C 46 -15.53 32.32 -29.10
N GLU C 47 -15.90 33.51 -28.62
CA GLU C 47 -15.03 34.67 -28.65
C GLU C 47 -15.20 35.55 -27.40
N LEU C 48 -14.09 36.08 -26.89
CA LEU C 48 -14.08 36.91 -25.67
C LEU C 48 -12.88 37.85 -25.66
N LYS C 49 -13.11 39.12 -25.34
CA LYS C 49 -12.05 40.13 -25.35
C LYS C 49 -11.88 40.85 -24.00
N ALA C 50 -12.18 40.14 -22.92
CA ALA C 50 -12.16 40.73 -21.57
C ALA C 50 -10.76 41.08 -21.08
N GLN C 51 -10.61 42.33 -20.67
CA GLN C 51 -9.37 42.85 -20.10
C GLN C 51 -9.42 42.69 -18.59
N SER C 52 -8.25 42.48 -17.97
CA SER C 52 -8.17 42.32 -16.51
C SER C 52 -7.79 43.61 -15.78
N LYS C 53 -8.33 43.77 -14.57
CA LYS C 53 -8.11 44.97 -13.75
C LYS C 53 -6.71 45.05 -13.16
N VAL C 61 -2.42 46.62 -16.55
CA VAL C 61 -3.52 46.09 -17.36
C VAL C 61 -3.01 45.11 -18.40
N HIS C 62 -3.78 44.04 -18.64
CA HIS C 62 -3.53 43.12 -19.74
C HIS C 62 -4.83 42.86 -20.47
N HIS C 63 -4.83 43.16 -21.77
CA HIS C 63 -6.01 42.94 -22.60
C HIS C 63 -5.96 41.53 -23.18
N TYR C 64 -6.99 40.76 -22.87
CA TYR C 64 -7.06 39.37 -23.29
C TYR C 64 -8.14 39.20 -24.35
N GLN C 65 -7.82 38.46 -25.40
CA GLN C 65 -8.80 38.07 -26.42
C GLN C 65 -8.67 36.61 -26.80
N LEU C 66 -9.80 36.00 -27.15
CA LEU C 66 -9.86 34.57 -27.39
C LEU C 66 -10.95 34.22 -28.38
N HIS C 67 -10.60 33.37 -29.34
CA HIS C 67 -11.57 32.81 -30.27
C HIS C 67 -11.29 31.34 -30.45
N ILE C 68 -12.34 30.52 -30.50
CA ILE C 68 -12.19 29.10 -30.79
C ILE C 68 -13.29 28.50 -31.63
N ASP C 69 -12.86 27.76 -32.65
CA ASP C 69 -13.74 26.97 -33.47
C ASP C 69 -14.13 25.73 -32.69
N LEU C 70 -15.42 25.47 -32.59
CA LEU C 70 -15.91 24.32 -31.86
C LEU C 70 -15.68 23.02 -32.61
N TYR C 71 -15.77 21.89 -31.90
CA TYR C 71 -15.67 20.59 -32.52
C TYR C 71 -17.02 20.17 -33.09
N LYS C 72 -18.09 20.59 -32.42
CA LYS C 72 -19.44 20.32 -32.89
C LYS C 72 -20.37 21.51 -32.69
N GLU C 73 -21.65 21.30 -33.01
CA GLU C 73 -22.64 22.34 -32.86
C GLU C 73 -23.19 22.38 -31.43
N ILE C 74 -22.94 23.49 -30.76
CA ILE C 74 -23.46 23.74 -29.41
C ILE C 74 -24.92 24.18 -29.48
N ILE C 75 -25.46 24.74 -28.40
CA ILE C 75 -26.74 25.42 -28.46
C ILE C 75 -26.61 26.83 -27.88
N PRO C 76 -26.36 27.83 -28.74
CA PRO C 76 -26.27 29.22 -28.29
C PRO C 76 -27.52 29.68 -27.55
N GLU C 77 -28.57 28.86 -27.60
CA GLU C 77 -29.84 29.16 -26.93
C GLU C 77 -29.76 28.97 -25.41
N LYS C 78 -29.42 27.75 -24.96
CA LYS C 78 -29.42 27.43 -23.52
C LYS C 78 -28.02 27.35 -22.91
N THR C 79 -27.41 28.53 -22.74
CA THR C 79 -26.05 28.65 -22.22
C THR C 79 -25.89 29.83 -21.27
N MET C 80 -25.22 29.58 -20.15
CA MET C 80 -24.95 30.64 -19.17
C MET C 80 -23.46 30.96 -19.05
N HIS C 81 -23.18 32.25 -19.03
CA HIS C 81 -21.83 32.74 -18.78
C HIS C 81 -21.84 33.57 -17.51
N LYS C 82 -20.89 33.28 -16.63
CA LYS C 82 -20.70 34.06 -15.41
C LYS C 82 -19.22 34.14 -15.06
N VAL C 83 -18.92 34.96 -14.04
CA VAL C 83 -17.57 35.11 -13.52
C VAL C 83 -17.53 34.59 -12.07
N ALA C 84 -16.47 33.86 -11.73
CA ALA C 84 -16.31 33.30 -10.39
C ALA C 84 -15.42 34.15 -9.49
N ASN C 85 -14.18 34.40 -9.91
CA ASN C 85 -13.19 35.02 -9.02
C ASN C 85 -11.86 35.46 -9.65
N GLY C 86 -10.85 34.60 -9.58
CA GLY C 86 -9.51 34.91 -10.06
C GLY C 86 -8.74 33.64 -10.36
N TYR C 89 -11.09 33.21 -12.48
CA TYR C 89 -11.38 32.68 -13.80
C TYR C 89 -12.83 32.88 -14.27
N PHE C 90 -12.98 33.11 -15.57
CA PHE C 90 -14.30 33.21 -16.21
C PHE C 90 -14.82 31.79 -16.50
N LEU C 91 -16.08 31.53 -16.18
CA LEU C 91 -16.69 30.23 -16.44
C LEU C 91 -17.77 30.35 -17.51
N LYS C 92 -17.89 29.31 -18.35
CA LYS C 92 -18.91 29.25 -19.38
C LYS C 92 -19.38 27.80 -19.53
N LEU C 93 -20.60 27.58 -20.04
CA LEU C 93 -21.21 26.24 -20.17
C LEU C 93 -22.27 26.13 -21.29
N TYR C 94 -22.30 25.01 -22.04
CA TYR C 94 -23.29 24.81 -23.12
C TYR C 94 -23.61 23.35 -23.40
N LYS C 95 -24.88 23.11 -23.74
CA LYS C 95 -25.35 21.77 -24.14
C LYS C 95 -24.99 21.46 -25.61
N LYS C 96 -24.81 20.16 -25.91
CA LYS C 96 -24.40 19.68 -27.24
C LYS C 96 -25.59 19.48 -28.19
N ASP C 97 -25.40 18.66 -29.23
CA ASP C 97 -26.45 18.34 -30.20
C ASP C 97 -26.55 16.84 -30.51
N LEU C 98 -26.70 16.03 -29.46
CA LEU C 98 -26.64 14.56 -29.59
C LEU C 98 -27.38 13.82 -28.46
N GLU C 99 -26.81 12.71 -27.98
CA GLU C 99 -27.39 11.98 -26.83
C GLU C 99 -26.36 11.38 -25.87
N SER C 100 -25.41 10.61 -26.43
CA SER C 100 -24.40 9.88 -25.64
C SER C 100 -23.05 9.70 -26.37
N GLU C 101 -22.52 10.82 -26.85
CA GLU C 101 -21.24 10.85 -27.56
C GLU C 101 -20.22 11.74 -26.80
N TYR C 102 -18.99 11.78 -27.30
CA TYR C 102 -17.83 12.15 -26.50
C TYR C 102 -16.73 12.79 -27.34
N TRP C 103 -16.45 14.06 -27.10
CA TRP C 103 -15.54 14.85 -27.94
C TRP C 103 -14.08 14.49 -27.68
N PRO C 104 -13.32 14.20 -28.75
CA PRO C 104 -11.89 13.96 -28.62
C PRO C 104 -11.09 15.25 -28.55
N ARG C 105 -11.78 16.39 -28.65
CA ARG C 105 -11.19 17.72 -28.50
C ARG C 105 -12.29 18.79 -28.47
N LEU C 106 -11.91 20.04 -28.25
CA LEU C 106 -12.86 21.14 -28.19
C LEU C 106 -12.90 21.87 -29.51
N THR C 107 -11.74 22.02 -30.15
CA THR C 107 -11.63 22.70 -31.44
C THR C 107 -12.02 21.79 -32.60
N LYS C 108 -11.75 22.21 -33.83
CA LYS C 108 -11.98 21.38 -35.01
C LYS C 108 -10.72 21.19 -35.87
N GLU C 109 -9.60 20.85 -35.23
CA GLU C 109 -8.30 20.87 -35.90
C GLU C 109 -7.23 19.94 -35.31
N LYS C 110 -5.96 20.31 -35.50
CA LYS C 110 -4.81 19.63 -34.92
C LYS C 110 -4.51 20.35 -33.63
N VAL C 111 -4.80 19.65 -32.53
CA VAL C 111 -4.66 20.19 -31.20
C VAL C 111 -3.23 20.03 -30.67
N LYS C 112 -2.37 20.94 -31.09
CA LYS C 112 -1.11 21.13 -30.41
C LYS C 112 -1.21 22.51 -29.77
N TYR C 113 -2.46 22.87 -29.46
CA TYR C 113 -2.80 24.12 -28.80
C TYR C 113 -2.21 24.23 -27.39
N PRO C 114 -1.28 25.18 -27.21
CA PRO C 114 -0.54 25.35 -25.98
C PRO C 114 -1.43 25.70 -24.78
N TYR C 115 -2.39 26.59 -25.01
CA TYR C 115 -3.18 27.19 -23.95
C TYR C 115 -4.48 26.45 -23.66
N ILE C 116 -4.89 25.57 -24.57
CA ILE C 116 -5.99 24.67 -24.26
C ILE C 116 -5.43 23.46 -23.55
N LYS C 117 -5.83 23.30 -22.29
CA LYS C 117 -5.46 22.16 -21.49
C LYS C 117 -6.72 21.62 -20.80
N THR C 118 -6.69 20.34 -20.42
CA THR C 118 -7.85 19.69 -19.81
C THR C 118 -8.02 20.07 -18.33
N ASP C 119 -9.26 20.35 -17.95
CA ASP C 119 -9.65 20.54 -16.54
C ASP C 119 -9.99 19.21 -15.92
N PHE C 120 -8.99 18.58 -15.32
CA PHE C 120 -9.16 17.26 -14.72
C PHE C 120 -10.10 17.29 -13.50
N ASP C 121 -10.35 18.47 -12.95
CA ASP C 121 -11.27 18.61 -11.83
C ASP C 121 -12.67 18.18 -12.24
N LYS C 122 -13.13 18.72 -13.37
CA LYS C 122 -14.47 18.42 -13.86
C LYS C 122 -14.47 17.25 -14.82
N TRP C 123 -13.34 17.04 -15.49
CA TRP C 123 -13.20 15.94 -16.44
C TRP C 123 -13.47 14.58 -15.80
N VAL C 124 -14.16 13.71 -16.53
CA VAL C 124 -14.26 12.30 -16.17
C VAL C 124 -14.40 11.43 -17.41
N ASP C 125 -15.49 11.62 -18.14
CA ASP C 125 -15.92 10.78 -19.28
C ASP C 125 -15.70 9.26 -19.11
N ALA C 126 -16.34 8.48 -19.98
CA ALA C 126 -16.34 7.02 -19.88
C ALA C 126 -17.23 6.53 -18.73
N ASP C 127 -17.26 7.29 -17.64
CA ASP C 127 -18.10 6.99 -16.48
C ASP C 127 -18.99 8.16 -16.05
N GLU C 128 -19.56 8.86 -17.03
CA GLU C 128 -20.35 10.08 -16.83
C GLU C 128 -21.44 9.95 -15.74
N GLN C 129 -22.57 9.35 -16.10
CA GLN C 129 -23.59 9.05 -15.10
C GLN C 129 -23.34 7.67 -14.50
N ASP C 130 -22.18 7.10 -14.82
CA ASP C 130 -21.78 5.80 -14.32
C ASP C 130 -20.63 5.89 -13.30
N GLU C 131 -20.78 6.83 -12.37
CA GLU C 131 -19.91 6.94 -11.20
C GLU C 131 -20.72 7.35 -9.95
N VAL C 132 -22.05 7.33 -10.09
CA VAL C 132 -22.99 7.48 -8.97
C VAL C 132 -23.13 6.09 -8.31
N GLU C 133 -22.09 5.65 -7.58
CA GLU C 133 -22.00 4.24 -7.12
C GLU C 133 -21.16 4.03 -5.85
N ALA C 134 -21.58 3.06 -5.02
CA ALA C 134 -20.95 2.75 -3.73
C ALA C 134 -19.63 2.00 -3.87
N TRP D 11 10.68 44.07 21.25
CA TRP D 11 11.71 43.04 21.61
C TRP D 11 11.19 41.61 21.36
N ALA D 12 11.28 41.18 20.09
CA ALA D 12 10.71 39.90 19.62
C ALA D 12 11.56 38.67 19.96
N GLN D 13 11.00 37.49 19.70
CA GLN D 13 11.70 36.24 19.97
C GLN D 13 11.77 35.30 18.77
N ARG D 14 12.99 34.96 18.35
CA ARG D 14 13.22 34.00 17.27
C ARG D 14 12.89 32.57 17.73
N SER D 15 12.55 31.69 16.78
CA SER D 15 12.24 30.28 17.09
C SER D 15 13.47 29.38 16.98
N SER D 16 13.45 28.23 17.65
CA SER D 16 14.65 27.39 17.81
C SER D 16 14.49 25.86 17.65
N THR D 17 15.57 25.13 17.96
CA THR D 17 15.87 23.83 17.34
C THR D 17 16.82 22.87 18.09
N THR D 18 16.27 21.90 18.84
CA THR D 18 17.09 20.84 19.51
C THR D 18 17.50 19.75 18.48
N ASP D 19 18.45 18.86 18.87
CA ASP D 19 19.08 17.89 17.95
C ASP D 19 20.36 17.18 18.47
N PRO D 20 20.29 16.47 19.61
CA PRO D 20 21.52 15.78 20.00
C PRO D 20 22.01 14.75 18.96
N GLU D 21 23.32 14.53 18.95
CA GLU D 21 23.94 13.42 18.22
C GLU D 21 24.90 12.69 19.18
N ARG D 22 26.06 12.25 18.70
CA ARG D 22 27.04 11.55 19.56
C ARG D 22 27.69 12.46 20.58
N ASN D 23 28.37 13.49 20.07
CA ASN D 23 29.19 14.35 20.91
C ASN D 23 28.78 15.81 20.93
N TYR D 24 27.64 16.12 20.30
CA TYR D 24 27.26 17.52 20.14
C TYR D 24 25.78 17.84 20.04
N VAL D 25 25.49 19.13 20.16
CA VAL D 25 24.17 19.71 19.91
C VAL D 25 24.35 20.91 18.99
N LEU D 26 23.49 21.01 17.99
CA LEU D 26 23.50 22.13 17.04
C LEU D 26 22.17 22.90 17.07
N ILE D 27 22.17 24.16 16.64
CA ILE D 27 20.99 24.99 16.84
C ILE D 27 20.71 25.92 15.69
N THR D 28 19.49 25.82 15.20
CA THR D 28 19.06 26.61 14.08
C THR D 28 18.09 27.65 14.61
N VAL D 29 18.42 28.92 14.46
CA VAL D 29 17.53 29.99 14.86
C VAL D 29 16.50 30.22 13.75
N SER D 30 16.08 31.47 13.50
CA SER D 30 15.21 31.75 12.34
C SER D 30 14.79 33.21 12.15
N ILE D 31 15.55 33.91 11.31
CA ILE D 31 15.12 35.18 10.74
C ILE D 31 15.85 35.54 9.45
N ALA D 32 15.25 36.47 8.70
CA ALA D 32 15.79 36.96 7.46
C ALA D 32 16.84 38.01 7.70
N ASP D 33 17.98 37.85 7.03
CA ASP D 33 18.97 38.90 6.86
C ASP D 33 19.24 39.64 8.16
N CYS D 34 19.58 38.89 9.21
CA CYS D 34 19.90 39.48 10.50
C CYS D 34 21.30 40.09 10.51
N ASP D 35 21.44 41.24 11.18
CA ASP D 35 22.75 41.87 11.28
C ASP D 35 23.20 42.05 12.73
N ALA D 36 24.51 42.16 12.90
CA ALA D 36 25.18 42.17 14.22
C ALA D 36 24.68 41.02 15.10
N PRO D 37 25.19 39.81 14.85
CA PRO D 37 24.85 38.65 15.67
C PRO D 37 25.53 38.71 17.03
N GLU D 38 24.72 38.78 18.08
CA GLU D 38 25.22 38.95 19.46
C GLU D 38 25.71 37.66 20.11
N LEU D 39 27.03 37.47 20.08
CA LEU D 39 27.66 36.25 20.60
C LEU D 39 27.63 36.20 22.13
N THR D 40 27.14 35.08 22.67
CA THR D 40 27.21 34.84 24.12
C THR D 40 27.29 33.35 24.41
N ILE D 41 28.53 32.90 24.66
CA ILE D 41 28.84 31.49 24.87
C ILE D 41 29.07 31.20 26.35
N LYS D 42 28.01 31.32 27.15
CA LYS D 42 28.10 31.02 28.57
C LYS D 42 28.20 29.51 28.77
N PRO D 43 29.08 29.06 29.69
CA PRO D 43 29.26 27.66 30.06
C PRO D 43 27.97 26.83 30.07
N SER D 44 26.90 27.39 30.63
CA SER D 44 25.62 26.71 30.72
C SER D 44 24.49 27.50 30.05
N TYR D 45 24.84 28.64 29.46
CA TYR D 45 23.82 29.52 28.86
C TYR D 45 24.14 29.95 27.42
N ILE D 46 23.10 30.34 26.69
CA ILE D 46 23.22 30.89 25.34
C ILE D 46 22.35 32.13 25.23
N GLU D 47 22.90 33.17 24.61
CA GLU D 47 22.23 34.45 24.47
C GLU D 47 22.56 35.11 23.13
N LEU D 48 21.55 35.75 22.52
CA LEU D 48 21.71 36.43 21.24
C LEU D 48 20.68 37.54 21.07
N LYS D 49 21.14 38.71 20.61
CA LYS D 49 20.27 39.89 20.48
C LYS D 49 20.27 40.48 19.06
N ALA D 50 20.47 39.61 18.06
CA ALA D 50 20.59 40.04 16.67
C ALA D 50 19.27 40.57 16.09
N GLN D 51 19.34 41.76 15.50
CA GLN D 51 18.22 42.40 14.82
C GLN D 51 18.23 42.06 13.35
N SER D 52 17.05 41.99 12.73
CA SER D 52 16.94 41.67 11.31
C SER D 52 16.80 42.90 10.41
N LYS D 53 17.39 42.83 9.22
CA LYS D 53 17.37 43.95 8.27
C LYS D 53 16.01 44.24 7.66
N VAL D 61 12.01 46.81 10.68
CA VAL D 61 13.01 46.22 11.57
C VAL D 61 12.31 45.47 12.70
N HIS D 62 12.88 44.33 13.09
CA HIS D 62 12.45 43.62 14.29
C HIS D 62 13.70 43.24 15.08
N HIS D 63 13.74 43.65 16.34
CA HIS D 63 14.86 43.34 17.20
C HIS D 63 14.57 42.03 17.93
N TYR D 64 15.46 41.06 17.75
CA TYR D 64 15.28 39.74 18.33
C TYR D 64 16.29 39.52 19.45
N GLN D 65 15.83 38.98 20.57
CA GLN D 65 16.72 38.56 21.65
C GLN D 65 16.34 37.19 22.19
N LEU D 66 17.34 36.45 22.65
CA LEU D 66 17.15 35.08 23.06
C LEU D 66 18.17 34.66 24.11
N HIS D 67 17.67 34.02 25.16
CA HIS D 67 18.52 33.42 26.18
C HIS D 67 17.98 32.04 26.51
N ILE D 68 18.88 31.08 26.73
CA ILE D 68 18.47 29.76 27.18
C ILE D 68 19.43 29.09 28.14
N ASP D 69 18.86 28.55 29.22
CA ASP D 69 19.58 27.73 30.15
C ASP D 69 19.76 26.36 29.53
N LEU D 70 20.99 25.89 29.48
CA LEU D 70 21.30 24.58 28.90
C LEU D 70 20.83 23.45 29.81
N TYR D 71 20.76 22.24 29.24
CA TYR D 71 20.44 21.05 30.01
C TYR D 71 21.69 20.50 30.65
N LYS D 72 22.81 20.64 29.98
CA LYS D 72 24.08 20.19 30.52
C LYS D 72 25.20 21.17 30.22
N GLU D 73 26.42 20.80 30.59
CA GLU D 73 27.58 21.64 30.37
C GLU D 73 28.14 21.41 28.97
N ILE D 74 28.12 22.48 28.16
CA ILE D 74 28.67 22.45 26.81
C ILE D 74 30.19 22.64 26.87
N ILE D 75 30.81 22.96 25.73
CA ILE D 75 32.21 23.41 25.73
C ILE D 75 32.31 24.76 24.99
N PRO D 76 32.24 25.88 25.74
CA PRO D 76 32.42 27.20 25.14
C PRO D 76 33.74 27.34 24.36
N GLU D 77 34.62 26.37 24.54
CA GLU D 77 35.94 26.37 23.89
C GLU D 77 35.85 26.00 22.40
N LYS D 78 35.30 24.82 22.09
CA LYS D 78 35.25 24.33 20.70
C LYS D 78 33.85 24.43 20.07
N THR D 79 33.45 25.66 19.74
CA THR D 79 32.13 25.93 19.17
C THR D 79 32.21 26.98 18.08
N MET D 80 31.52 26.74 16.97
CA MET D 80 31.46 27.69 15.87
C MET D 80 30.06 28.23 15.67
N HIS D 81 29.98 29.55 15.48
CA HIS D 81 28.74 30.21 15.14
C HIS D 81 28.89 30.88 13.77
N LYS D 82 27.90 30.65 12.91
CA LYS D 82 27.87 31.28 11.59
C LYS D 82 26.43 31.58 11.18
N VAL D 83 26.29 32.28 10.07
CA VAL D 83 25.00 32.61 9.49
C VAL D 83 24.88 31.94 8.12
N ALA D 84 23.72 31.33 7.85
CA ALA D 84 23.49 30.67 6.58
C ALA D 84 22.78 31.55 5.55
N ASN D 85 21.59 32.05 5.91
CA ASN D 85 20.73 32.72 4.93
C ASN D 85 19.50 33.46 5.49
N GLY D 86 18.35 32.80 5.45
CA GLY D 86 17.08 33.40 5.85
C GLY D 86 16.09 32.33 6.25
N TYR D 89 18.32 31.78 8.48
CA TYR D 89 18.50 31.34 9.85
C TYR D 89 19.95 31.36 10.33
N PHE D 90 20.13 31.68 11.61
CA PHE D 90 21.43 31.65 12.27
C PHE D 90 21.68 30.21 12.72
N LEU D 91 22.89 29.70 12.50
CA LEU D 91 23.26 28.36 12.95
C LEU D 91 24.32 28.43 14.04
N LYS D 92 24.24 27.49 14.98
CA LYS D 92 25.23 27.35 16.06
C LYS D 92 25.45 25.86 16.38
N LEU D 93 26.60 25.52 16.98
CA LEU D 93 26.95 24.12 17.26
C LEU D 93 27.97 23.99 18.40
N TYR D 94 27.81 22.98 19.27
CA TYR D 94 28.74 22.74 20.41
C TYR D 94 28.83 21.30 20.87
N LYS D 95 30.03 20.88 21.29
CA LYS D 95 30.28 19.56 21.86
C LYS D 95 29.85 19.48 23.34
N LYS D 96 29.44 18.29 23.76
CA LYS D 96 28.94 18.06 25.13
C LYS D 96 30.08 17.78 26.15
N ASP D 97 29.75 17.12 27.26
CA ASP D 97 30.71 16.74 28.30
C ASP D 97 30.54 15.30 28.78
N LEU D 98 30.59 14.34 27.85
CA LEU D 98 30.25 12.95 28.16
C LEU D 98 30.86 11.97 27.14
N GLU D 99 30.10 10.93 26.77
CA GLU D 99 30.56 9.98 25.74
C GLU D 99 29.43 9.45 24.83
N SER D 100 28.38 8.90 25.44
CA SER D 100 27.26 8.27 24.69
C SER D 100 25.89 8.41 25.39
N GLU D 101 25.54 9.66 25.72
CA GLU D 101 24.28 9.98 26.39
C GLU D 101 23.44 10.91 25.52
N TYR D 102 22.23 11.23 25.98
CA TYR D 102 21.16 11.70 25.11
C TYR D 102 20.21 12.62 25.86
N TRP D 103 20.15 13.88 25.45
CA TRP D 103 19.39 14.90 26.16
C TRP D 103 17.90 14.77 25.89
N PRO D 104 17.07 14.75 26.95
CA PRO D 104 15.62 14.76 26.82
C PRO D 104 15.05 16.16 26.61
N ARG D 105 15.92 17.16 26.57
CA ARG D 105 15.57 18.54 26.21
C ARG D 105 16.83 19.38 26.10
N LEU D 106 16.65 20.64 25.71
CA LEU D 106 17.77 21.56 25.55
C LEU D 106 17.95 22.43 26.80
N THR D 107 16.83 22.86 27.38
CA THR D 107 16.84 23.71 28.56
C THR D 107 17.04 22.88 29.82
N LYS D 108 16.84 23.49 30.99
CA LYS D 108 16.90 22.74 32.25
C LYS D 108 15.61 22.89 33.07
N GLU D 109 14.47 22.69 32.42
CA GLU D 109 13.18 23.00 33.04
C GLU D 109 11.96 22.21 32.56
N LYS D 110 10.78 22.80 32.70
CA LYS D 110 9.53 22.26 32.18
C LYS D 110 9.35 22.84 30.79
N VAL D 111 9.56 21.98 29.80
CA VAL D 111 9.52 22.35 28.40
C VAL D 111 8.11 22.37 27.83
N LYS D 112 7.40 23.45 28.14
CA LYS D 112 6.20 23.78 27.39
C LYS D 112 6.53 25.04 26.60
N TYR D 113 7.83 25.15 26.27
CA TYR D 113 8.38 26.25 25.49
C TYR D 113 7.86 26.25 24.07
N PRO D 114 7.12 27.30 23.73
CA PRO D 114 6.43 27.46 22.47
C PRO D 114 7.39 27.53 21.27
N TYR D 115 8.47 28.27 21.44
CA TYR D 115 9.36 28.59 20.34
C TYR D 115 10.52 27.61 20.18
N ILE D 116 10.77 26.79 21.20
CA ILE D 116 11.69 25.68 21.03
C ILE D 116 10.92 24.50 20.45
N LYS D 117 11.29 24.13 19.22
CA LYS D 117 10.75 22.95 18.53
C LYS D 117 11.90 22.14 17.96
N THR D 118 11.65 20.86 17.72
CA THR D 118 12.68 19.96 17.24
C THR D 118 12.93 20.10 15.73
N ASP D 119 14.22 20.10 15.35
CA ASP D 119 14.65 20.07 13.94
C ASP D 119 14.78 18.63 13.49
N PHE D 120 13.70 18.10 12.95
CA PHE D 120 13.66 16.70 12.52
C PHE D 120 14.61 16.39 11.35
N ASP D 121 15.07 17.44 10.65
CA ASP D 121 16.00 17.30 9.54
C ASP D 121 17.30 16.70 10.04
N LYS D 122 17.83 17.29 11.11
CA LYS D 122 19.10 16.85 11.69
C LYS D 122 18.87 15.82 12.79
N TRP D 123 17.69 15.86 13.41
CA TRP D 123 17.37 14.93 14.49
C TRP D 123 17.40 13.50 14.03
N VAL D 124 17.94 12.63 14.88
CA VAL D 124 17.82 11.19 14.70
C VAL D 124 17.78 10.46 16.05
N ASP D 125 18.89 10.56 16.79
CA ASP D 125 19.14 9.80 18.03
C ASP D 125 18.67 8.34 18.04
N ALA D 126 19.13 7.58 19.03
CA ALA D 126 18.91 6.14 19.10
C ALA D 126 19.73 5.39 18.04
N ASP D 127 19.87 5.98 16.86
CA ASP D 127 20.66 5.41 15.76
C ASP D 127 21.75 6.36 15.22
N GLU D 128 22.42 7.05 16.15
CA GLU D 128 23.42 8.08 15.83
C GLU D 128 24.47 7.62 14.80
N GLN D 129 25.49 6.89 15.25
CA GLN D 129 26.48 6.29 14.35
C GLN D 129 25.99 4.94 13.85
N ASP D 130 24.67 4.73 13.97
CA ASP D 130 24.05 3.43 13.74
C ASP D 130 23.20 3.42 12.46
N GLU D 131 23.62 4.18 11.45
CA GLU D 131 22.98 4.17 10.13
C GLU D 131 24.02 4.25 9.00
N VAL D 132 24.76 3.16 8.87
CA VAL D 132 25.79 3.00 7.83
C VAL D 132 25.64 1.63 7.14
N GLU D 133 24.43 1.39 6.63
CA GLU D 133 24.09 0.17 5.88
C GLU D 133 23.11 0.53 4.76
N ALA D 134 22.40 -0.46 4.23
CA ALA D 134 21.41 -0.23 3.16
C ALA D 134 20.22 -1.18 3.23
#